data_8D6S
#
_entry.id   8D6S
#
_cell.length_a   95.976
_cell.length_b   107.135
_cell.length_c   253.040
_cell.angle_alpha   90.000
_cell.angle_beta   90.000
_cell.angle_gamma   90.000
#
_symmetry.space_group_name_H-M   'P 21 21 21'
#
loop_
_entity.id
_entity.type
_entity.pdbx_description
1 polymer Saxiphilin
2 non-polymer '[(3aS,4R,10aS)-2,6-diamino-10,10-dihydroxy-3a,4,9,10-tetrahydro-3H,8H-pyrrolo[1,2-c]purin-4-yl]methyl carbamate'
3 water water
#
_entity_poly.entity_id   1
_entity_poly.type   'polypeptide(L)'
_entity_poly.pdbx_seq_one_letter_code
;MAPTFQTALFFTIISLSFAAPNAKQVRWCAISDLEQKKCNDLVGSCNVPDITLVCVLRSSTEDCMTAIKDGQADAMFLDS
GEVYEASKDPYNLKPIIAEPYSSNRDLQKCLKERQQALAKKMIGHYIPQCDEKGNYQPQQCHGSTGHCWCVNAMGEKISG
TNTPPGQTRATCERHELPKCLKERQVALGGDEKVLGRFVPQCDEKGNYEPQQFHGSTGYSWCVNAIGEEIAGTKTPPGKI
PATCQKHDLVTTCHYAVAMVKKSSAFQFNQLKGKRSCHSGVSKTDGWKALVTVLVEKKLLSWDGPAKESIQRAMSKFFSV
SCIPGATQTNLCKQCKGEEGKNCKNSHDEPYYGNYGAFRCLKEDMGDVAFLRSTALSDEHSEVYELLCPDNTRKPLNKYK
ECNLGTVPAGTVVTRKISDKTEDINNFLMEAQKRQCKLFSSAHGKDLMFDDSTLQLALLSSEVDAFLYLGVKLFHAMKAL
TGDAHLPSKNKVRWCTINKLEKMKCDDWSAVSGGAIACTEASCPKGCVKQILKGEADAVKLEVQYMYEALMCGLLPAVEE
YHNKDDFGPCKTPGSPATDFGTLRAVALVKKSNKDINWNNIKGKKSCHTGVGDIAGWVIPVSLIRRQNDNSDIDSFFGES
CAPGSDTKSNLCKLCIGDPKNSAANTKCSLSDKEAYYGNQGAFRCLVEKGDVAFVPHTVVFENTDGKNPAVWAKNLKSED
FELLCLDGSRAPVSNYKSCKLSGIPPPAIVTREESISDVVRIVANQQSLYGRKGFEKDMFQLFSSNKGNNLLFNDNTQCL
ITFDRQPKDIMEDYFGKPYYTTVYGASRSAMSSELISACTIKHCSNSLEVL
;
_entity_poly.pdbx_strand_id   A,B
#
loop_
_chem_comp.id
_chem_comp.type
_chem_comp.name
_chem_comp.formula
9SL non-polymer '[(3aS,4R,10aS)-2,6-diamino-10,10-dihydroxy-3a,4,9,10-tetrahydro-3H,8H-pyrrolo[1,2-c]purin-4-yl]methyl carbamate' 'C10 H17 N7 O4'
#
# COMPACT_ATOMS: atom_id res chain seq x y z
N LYS A 24 31.19 -0.84 19.90
CA LYS A 24 31.43 -0.72 21.34
C LYS A 24 30.32 -1.39 22.14
N GLN A 25 29.16 -1.59 21.50
CA GLN A 25 28.00 -2.15 22.16
C GLN A 25 27.16 -2.93 21.16
N VAL A 26 26.67 -4.09 21.56
CA VAL A 26 25.87 -4.98 20.72
C VAL A 26 24.66 -5.42 21.53
N ARG A 27 23.47 -5.02 21.10
CA ARG A 27 22.22 -5.34 21.79
C ARG A 27 21.57 -6.53 21.11
N TRP A 28 21.43 -7.63 21.84
CA TRP A 28 20.76 -8.83 21.35
C TRP A 28 19.33 -8.83 21.86
N CYS A 29 18.40 -9.27 21.00
CA CYS A 29 16.98 -9.27 21.35
C CYS A 29 16.57 -10.70 21.73
N ALA A 30 16.11 -10.85 22.96
CA ALA A 30 15.61 -12.13 23.45
C ALA A 30 14.09 -12.16 23.38
N ILE A 31 13.54 -13.31 23.00
CA ILE A 31 12.10 -13.44 22.83
C ILE A 31 11.40 -14.05 24.04
N SER A 32 12.15 -14.51 25.04
CA SER A 32 11.53 -15.16 26.19
C SER A 32 12.39 -14.92 27.43
N ASP A 33 11.83 -15.29 28.58
CA ASP A 33 12.57 -15.16 29.84
C ASP A 33 13.76 -16.11 29.89
N LEU A 34 13.66 -17.27 29.25
CA LEU A 34 14.79 -18.20 29.22
C LEU A 34 15.92 -17.67 28.37
N GLU A 35 15.60 -17.11 27.19
CA GLU A 35 16.62 -16.44 26.39
C GLU A 35 17.19 -15.25 27.14
N GLN A 36 16.36 -14.55 27.91
CA GLN A 36 16.86 -13.45 28.74
C GLN A 36 17.87 -13.96 29.76
N LYS A 37 17.58 -15.08 30.41
CA LYS A 37 18.50 -15.62 31.40
C LYS A 37 19.80 -16.08 30.76
N LYS A 38 19.73 -16.77 29.62
CA LYS A 38 20.94 -17.18 28.93
C LYS A 38 21.76 -15.99 28.46
N CYS A 39 21.08 -14.94 27.97
CA CYS A 39 21.78 -13.76 27.49
C CYS A 39 22.46 -13.02 28.64
N ASN A 40 21.81 -12.95 29.81
CA ASN A 40 22.46 -12.34 30.96
C ASN A 40 23.63 -13.19 31.45
N ASP A 41 23.51 -14.51 31.39
CA ASP A 41 24.64 -15.39 31.68
C ASP A 41 25.82 -15.10 30.76
N LEU A 42 25.54 -14.93 29.46
CA LEU A 42 26.61 -14.61 28.51
C LEU A 42 27.19 -13.24 28.78
N VAL A 43 26.35 -12.26 29.16
CA VAL A 43 26.84 -10.95 29.52
C VAL A 43 27.81 -11.05 30.70
N GLY A 44 27.47 -11.88 31.68
CA GLY A 44 28.34 -12.00 32.86
C GLY A 44 29.62 -12.75 32.57
N SER A 45 29.54 -13.85 31.82
CA SER A 45 30.67 -14.75 31.65
C SER A 45 31.54 -14.38 30.46
N CYS A 46 30.94 -14.12 29.30
CA CYS A 46 31.71 -13.85 28.09
C CYS A 46 32.30 -12.45 28.15
N ASN A 47 33.63 -12.37 28.05
CA ASN A 47 34.36 -11.11 28.14
C ASN A 47 35.07 -10.88 26.80
N VAL A 48 34.40 -10.18 25.90
CA VAL A 48 34.97 -9.77 24.62
C VAL A 48 35.51 -8.34 24.77
N PRO A 49 36.76 -8.08 24.42
CA PRO A 49 37.31 -6.73 24.63
C PRO A 49 36.65 -5.70 23.72
N ASP A 50 36.38 -4.53 24.29
CA ASP A 50 35.86 -3.34 23.60
C ASP A 50 34.45 -3.52 23.04
N ILE A 51 33.74 -4.58 23.43
CA ILE A 51 32.36 -4.79 23.00
C ILE A 51 31.55 -5.23 24.20
N THR A 52 30.43 -4.56 24.45
CA THR A 52 29.53 -4.85 25.56
C THR A 52 28.24 -5.44 25.03
N LEU A 53 27.85 -6.60 25.56
CA LEU A 53 26.61 -7.25 25.17
C LEU A 53 25.48 -6.73 26.03
N VAL A 54 24.36 -6.39 25.39
CA VAL A 54 23.15 -5.92 26.08
C VAL A 54 21.98 -6.76 25.60
N CYS A 55 21.10 -7.13 26.53
CA CYS A 55 19.98 -8.03 26.26
C CYS A 55 18.68 -7.24 26.30
N VAL A 56 18.04 -7.11 25.14
CA VAL A 56 16.75 -6.46 25.02
C VAL A 56 15.67 -7.54 25.01
N LEU A 57 14.71 -7.42 25.93
CA LEU A 57 13.68 -8.43 26.10
C LEU A 57 12.43 -8.05 25.33
N ARG A 58 11.91 -9.00 24.55
CA ARG A 58 10.62 -8.89 23.89
C ARG A 58 9.83 -10.16 24.14
N SER A 59 8.54 -10.12 23.82
CA SER A 59 7.64 -11.22 24.15
C SER A 59 7.50 -12.25 23.05
N SER A 60 8.01 -11.98 21.85
CA SER A 60 7.84 -12.90 20.74
C SER A 60 8.91 -12.62 19.69
N THR A 61 8.93 -13.47 18.66
CA THR A 61 9.87 -13.30 17.56
C THR A 61 9.57 -12.03 16.77
N GLU A 62 8.29 -11.81 16.45
CA GLU A 62 7.91 -10.64 15.68
C GLU A 62 8.21 -9.35 16.43
N ASP A 63 8.04 -9.36 17.75
CA ASP A 63 8.37 -8.17 18.54
C ASP A 63 9.87 -7.88 18.48
N CYS A 64 10.70 -8.93 18.49
CA CYS A 64 12.14 -8.72 18.36
C CYS A 64 12.50 -8.19 16.98
N MET A 65 11.86 -8.73 15.93
CA MET A 65 12.10 -8.20 14.59
C MET A 65 11.72 -6.73 14.50
N THR A 66 10.60 -6.35 15.12
CA THR A 66 10.19 -4.96 15.12
C THR A 66 11.18 -4.10 15.91
N ALA A 67 11.66 -4.60 17.05
CA ALA A 67 12.64 -3.87 17.83
C ALA A 67 13.93 -3.65 17.06
N ILE A 68 14.32 -4.63 16.25
CA ILE A 68 15.49 -4.43 15.38
C ILE A 68 15.19 -3.40 14.32
N LYS A 69 14.01 -3.47 13.70
CA LYS A 69 13.63 -2.48 12.70
C LYS A 69 13.57 -1.07 13.28
N ASP A 70 13.21 -0.95 14.56
CA ASP A 70 13.11 0.35 15.21
C ASP A 70 14.45 0.88 15.71
N GLY A 71 15.49 0.03 15.76
CA GLY A 71 16.76 0.43 16.30
C GLY A 71 16.93 0.21 17.79
N GLN A 72 15.93 -0.36 18.45
CA GLN A 72 16.05 -0.67 19.87
C GLN A 72 16.81 -1.97 20.13
N ALA A 73 17.03 -2.78 19.09
CA ALA A 73 17.88 -3.96 19.17
C ALA A 73 18.74 -3.99 17.92
N ASP A 74 19.73 -4.89 17.91
CA ASP A 74 20.71 -4.90 16.83
C ASP A 74 20.76 -6.21 16.05
N ALA A 75 20.60 -7.36 16.69
CA ALA A 75 20.75 -8.61 15.98
C ALA A 75 19.82 -9.66 16.59
N MET A 76 19.43 -10.63 15.78
CA MET A 76 18.75 -11.80 16.34
C MET A 76 18.99 -12.99 15.44
N PHE A 77 18.55 -14.16 15.89
CA PHE A 77 18.67 -15.39 15.13
C PHE A 77 17.29 -15.82 14.67
N LEU A 78 17.15 -16.06 13.36
CA LEU A 78 15.88 -16.42 12.76
C LEU A 78 15.97 -17.78 12.09
N ASP A 79 14.86 -18.52 12.14
CA ASP A 79 14.72 -19.72 11.34
C ASP A 79 14.71 -19.35 9.85
N SER A 80 15.25 -20.25 9.02
CA SER A 80 15.34 -19.97 7.60
C SER A 80 13.97 -19.72 6.96
N GLY A 81 12.90 -20.14 7.62
CA GLY A 81 11.57 -19.87 7.11
C GLY A 81 11.13 -18.44 7.29
N GLU A 82 11.69 -17.75 8.28
CA GLU A 82 11.31 -16.38 8.61
C GLU A 82 12.12 -15.34 7.86
N VAL A 83 13.11 -15.76 7.06
CA VAL A 83 14.02 -14.80 6.44
C VAL A 83 13.31 -14.00 5.35
N TYR A 84 12.48 -14.66 4.54
CA TYR A 84 11.80 -13.95 3.45
C TYR A 84 10.87 -12.88 3.98
N GLU A 85 10.00 -13.25 4.92
CA GLU A 85 9.13 -12.26 5.55
C GLU A 85 9.92 -11.25 6.38
N ALA A 86 11.15 -11.59 6.79
CA ALA A 86 11.99 -10.62 7.48
C ALA A 86 12.55 -9.58 6.51
N SER A 87 12.78 -9.96 5.25
CA SER A 87 13.36 -9.05 4.28
C SER A 87 12.39 -7.99 3.79
N LYS A 88 11.10 -8.11 4.12
CA LYS A 88 10.09 -7.19 3.63
C LYS A 88 9.48 -6.40 4.78
N ASP A 89 8.60 -5.46 4.41
CA ASP A 89 7.85 -4.71 5.40
C ASP A 89 6.99 -5.65 6.24
N PRO A 90 6.78 -5.35 7.53
CA PRO A 90 7.27 -4.16 8.24
C PRO A 90 8.54 -4.43 9.04
N TYR A 91 9.48 -5.18 8.48
CA TYR A 91 10.70 -5.54 9.19
C TYR A 91 11.95 -5.11 8.45
N ASN A 92 12.11 -5.50 7.19
CA ASN A 92 13.25 -5.11 6.35
C ASN A 92 14.57 -5.48 7.03
N LEU A 93 14.76 -6.77 7.24
CA LEU A 93 15.97 -7.31 7.83
C LEU A 93 16.71 -8.16 6.81
N LYS A 94 18.03 -8.27 6.99
CA LYS A 94 18.85 -9.06 6.10
C LYS A 94 19.70 -10.04 6.91
N PRO A 95 19.91 -11.26 6.39
CA PRO A 95 20.82 -12.18 7.07
C PRO A 95 22.26 -11.73 6.93
N ILE A 96 23.03 -11.87 8.01
CA ILE A 96 24.43 -11.43 7.98
C ILE A 96 25.36 -12.53 8.45
N ILE A 97 24.95 -13.33 9.44
CA ILE A 97 25.86 -14.30 10.04
C ILE A 97 25.21 -15.68 10.06
N ALA A 98 25.74 -16.62 9.29
CA ALA A 98 25.15 -17.95 9.20
C ALA A 98 26.21 -19.02 9.45
N GLU A 99 25.73 -20.22 9.78
CA GLU A 99 26.63 -21.36 9.98
C GLU A 99 27.03 -21.94 8.63
N PRO A 100 28.32 -22.08 8.34
CA PRO A 100 28.75 -22.62 7.05
C PRO A 100 28.60 -24.14 7.00
N TYR A 101 28.40 -24.63 5.78
CA TYR A 101 28.25 -26.06 5.52
C TYR A 101 29.46 -26.56 4.75
N SER A 102 29.90 -27.78 5.07
CA SER A 102 30.98 -28.41 4.33
C SER A 102 30.47 -28.93 2.99
N SER A 103 31.30 -28.80 1.96
CA SER A 103 30.91 -29.24 0.62
C SER A 103 32.14 -29.72 -0.12
N ASN A 104 31.90 -30.30 -1.29
CA ASN A 104 32.97 -30.76 -2.17
C ASN A 104 33.59 -29.63 -2.96
N ARG A 105 33.23 -28.38 -2.68
CA ARG A 105 33.81 -27.21 -3.33
C ARG A 105 34.80 -26.49 -2.44
N ASP A 106 34.97 -26.92 -1.19
CA ASP A 106 35.90 -26.27 -0.27
C ASP A 106 37.34 -26.54 -0.72
N LEU A 107 38.10 -25.47 -0.91
CA LEU A 107 39.50 -25.57 -1.30
C LEU A 107 40.37 -25.12 -0.12
N GLN A 108 41.51 -25.77 0.05
CA GLN A 108 42.45 -25.49 1.14
C GLN A 108 41.74 -25.59 2.49
N LYS A 109 40.96 -26.66 2.66
CA LYS A 109 40.14 -26.80 3.86
C LYS A 109 41.00 -27.03 5.10
N CYS A 110 42.09 -27.80 4.96
CA CYS A 110 42.93 -28.11 6.12
C CYS A 110 43.57 -26.85 6.67
N LEU A 111 44.13 -26.00 5.80
CA LEU A 111 44.78 -24.79 6.26
C LEU A 111 43.80 -23.87 6.96
N LYS A 112 42.60 -23.70 6.40
CA LYS A 112 41.60 -22.84 7.01
C LYS A 112 41.15 -23.38 8.37
N GLU A 113 40.92 -24.69 8.46
CA GLU A 113 40.50 -25.26 9.74
C GLU A 113 41.61 -25.18 10.78
N ARG A 114 42.87 -25.37 10.36
CA ARG A 114 43.98 -25.26 11.29
C ARG A 114 44.13 -23.82 11.79
N GLN A 115 44.02 -22.85 10.90
CA GLN A 115 44.06 -21.45 11.32
C GLN A 115 42.94 -21.13 12.29
N GLN A 116 41.72 -21.62 12.00
CA GLN A 116 40.58 -21.36 12.87
C GLN A 116 40.79 -22.00 14.24
N ALA A 117 41.37 -23.20 14.29
CA ALA A 117 41.60 -23.86 15.56
C ALA A 117 42.72 -23.17 16.33
N LEU A 118 43.73 -22.65 15.63
CA LEU A 118 44.81 -21.94 16.31
C LEU A 118 44.34 -20.59 16.84
N ALA A 119 43.34 -19.98 16.19
CA ALA A 119 42.81 -18.71 16.67
C ALA A 119 42.00 -18.86 17.95
N LYS A 120 41.72 -20.08 18.39
CA LYS A 120 40.94 -20.29 19.60
C LYS A 120 41.80 -20.08 20.83
N LYS A 121 41.22 -19.45 21.86
CA LYS A 121 41.91 -19.21 23.12
C LYS A 121 41.61 -20.36 24.09
N MET A 122 42.18 -21.52 23.76
CA MET A 122 41.99 -22.72 24.56
C MET A 122 43.26 -23.56 24.49
N ILE A 123 43.32 -24.58 25.35
CA ILE A 123 44.45 -25.49 25.43
C ILE A 123 43.91 -26.91 25.41
N GLY A 124 44.38 -27.72 24.47
CA GLY A 124 43.98 -29.10 24.39
C GLY A 124 42.82 -29.37 23.46
N HIS A 125 42.86 -28.79 22.26
CA HIS A 125 41.82 -28.98 21.27
C HIS A 125 42.45 -29.45 19.95
N TYR A 126 41.66 -30.16 19.16
CA TYR A 126 42.16 -30.71 17.90
C TYR A 126 42.50 -29.59 16.93
N ILE A 127 43.78 -29.49 16.57
CA ILE A 127 44.26 -28.56 15.56
C ILE A 127 44.62 -29.38 14.31
N PRO A 128 43.86 -29.25 13.22
CA PRO A 128 44.11 -30.10 12.04
C PRO A 128 45.56 -29.97 11.55
N GLN A 129 46.19 -31.12 11.35
CA GLN A 129 47.56 -31.18 10.88
C GLN A 129 47.55 -31.32 9.36
N CYS A 130 48.15 -30.34 8.68
CA CYS A 130 48.28 -30.36 7.23
C CYS A 130 49.70 -30.73 6.84
N ASP A 131 49.90 -30.94 5.54
CA ASP A 131 51.22 -31.19 5.01
C ASP A 131 51.77 -29.90 4.42
N GLU A 132 52.86 -30.02 3.65
CA GLU A 132 53.46 -28.83 3.04
C GLU A 132 52.54 -28.23 1.99
N LYS A 133 51.83 -29.06 1.25
CA LYS A 133 50.96 -28.60 0.17
C LYS A 133 49.60 -28.11 0.66
N GLY A 134 49.34 -28.14 1.97
CA GLY A 134 48.07 -27.72 2.51
C GLY A 134 47.00 -28.79 2.58
N ASN A 135 47.32 -30.02 2.17
CA ASN A 135 46.36 -31.11 2.23
C ASN A 135 46.29 -31.69 3.64
N TYR A 136 45.17 -32.35 3.93
CA TYR A 136 45.04 -33.06 5.19
C TYR A 136 46.04 -34.20 5.27
N GLN A 137 46.74 -34.29 6.39
CA GLN A 137 47.57 -35.45 6.64
C GLN A 137 46.68 -36.68 6.81
N PRO A 138 47.03 -37.81 6.20
CA PRO A 138 46.16 -39.01 6.31
C PRO A 138 45.84 -39.39 7.75
N GLN A 139 46.81 -39.27 8.65
CA GLN A 139 46.59 -39.53 10.07
C GLN A 139 46.48 -38.21 10.82
N GLN A 140 45.37 -38.01 11.52
CA GLN A 140 45.15 -36.83 12.36
C GLN A 140 45.08 -37.27 13.81
N CYS A 141 45.78 -36.54 14.68
CA CYS A 141 45.83 -36.87 16.09
C CYS A 141 45.37 -35.68 16.93
N HIS A 142 44.84 -35.99 18.11
CA HIS A 142 44.47 -34.99 19.12
C HIS A 142 45.49 -35.10 20.24
N GLY A 143 46.39 -34.13 20.33
CA GLY A 143 47.54 -34.25 21.21
C GLY A 143 47.17 -34.42 22.68
N SER A 144 46.16 -33.69 23.14
CA SER A 144 45.82 -33.74 24.55
C SER A 144 45.22 -35.08 24.95
N THR A 145 44.50 -35.74 24.03
CA THR A 145 43.88 -37.02 24.30
C THR A 145 44.71 -38.22 23.86
N GLY A 146 45.61 -38.02 22.90
CA GLY A 146 46.38 -39.13 22.35
C GLY A 146 45.66 -39.95 21.30
N HIS A 147 44.40 -39.63 21.00
CA HIS A 147 43.64 -40.37 20.02
C HIS A 147 44.04 -39.95 18.61
N CYS A 148 44.35 -40.94 17.76
CA CYS A 148 44.63 -40.70 16.36
C CYS A 148 43.61 -41.43 15.51
N TRP A 149 43.46 -40.98 14.26
CA TRP A 149 42.50 -41.57 13.34
C TRP A 149 42.96 -41.29 11.92
N CYS A 150 42.32 -41.97 10.97
CA CYS A 150 42.58 -41.76 9.56
C CYS A 150 41.53 -40.83 8.97
N VAL A 151 41.88 -40.19 7.86
CA VAL A 151 41.09 -39.09 7.34
C VAL A 151 41.28 -39.03 5.82
N ASN A 152 40.21 -38.65 5.11
CA ASN A 152 40.23 -38.53 3.66
C ASN A 152 40.70 -37.14 3.26
N ALA A 153 40.54 -36.79 1.98
CA ALA A 153 41.02 -35.51 1.50
C ALA A 153 40.26 -34.33 2.08
N MET A 154 39.04 -34.55 2.59
CA MET A 154 38.22 -33.48 3.15
C MET A 154 38.23 -33.48 4.68
N GLY A 155 39.11 -34.24 5.31
CA GLY A 155 39.20 -34.25 6.75
C GLY A 155 38.14 -35.05 7.47
N GLU A 156 37.44 -35.93 6.77
CA GLU A 156 36.43 -36.78 7.38
C GLU A 156 37.08 -38.06 7.91
N LYS A 157 36.76 -38.41 9.15
CA LYS A 157 37.34 -39.59 9.78
C LYS A 157 36.86 -40.86 9.08
N ILE A 158 37.81 -41.69 8.64
CA ILE A 158 37.45 -43.00 8.13
C ILE A 158 36.83 -43.81 9.26
N SER A 159 35.65 -44.38 8.99
CA SER A 159 34.86 -45.01 10.04
C SER A 159 35.63 -46.13 10.71
N GLY A 160 35.77 -46.05 12.03
CA GLY A 160 36.41 -47.09 12.81
C GLY A 160 37.91 -46.96 12.98
N THR A 161 38.51 -45.88 12.50
CA THR A 161 39.96 -45.72 12.55
C THR A 161 40.45 -44.97 13.79
N ASN A 162 39.54 -44.53 14.65
CA ASN A 162 39.94 -43.82 15.86
C ASN A 162 40.60 -44.80 16.83
N THR A 163 41.88 -44.58 17.11
CA THR A 163 42.63 -45.46 18.01
C THR A 163 43.00 -44.73 19.29
N PRO A 164 42.75 -45.34 20.45
CA PRO A 164 43.10 -44.69 21.72
C PRO A 164 44.60 -44.71 21.94
N PRO A 165 45.12 -43.90 22.86
CA PRO A 165 46.55 -43.92 23.14
C PRO A 165 46.98 -45.26 23.73
N GLY A 166 48.15 -45.73 23.30
CA GLY A 166 48.65 -47.02 23.73
C GLY A 166 48.18 -48.20 22.91
N GLN A 167 47.33 -47.96 21.91
CA GLN A 167 46.84 -49.02 21.04
C GLN A 167 47.44 -48.87 19.65
N THR A 168 47.57 -50.01 18.95
CA THR A 168 48.12 -50.01 17.60
C THR A 168 47.32 -49.10 16.69
N ARG A 169 47.96 -48.06 16.17
CA ARG A 169 47.29 -47.12 15.29
C ARG A 169 46.89 -47.80 13.98
N ALA A 170 45.79 -47.34 13.41
CA ALA A 170 45.36 -47.83 12.11
C ALA A 170 46.23 -47.22 11.01
N THR A 171 46.82 -48.09 10.19
CA THR A 171 47.64 -47.62 9.08
C THR A 171 46.80 -46.83 8.09
N CYS A 172 47.04 -45.53 8.00
CA CYS A 172 46.22 -44.62 7.21
C CYS A 172 46.74 -44.56 5.78
N GLU A 173 45.89 -44.88 4.82
CA GLU A 173 46.19 -44.65 3.41
C GLU A 173 45.77 -43.24 3.01
N ARG A 174 46.10 -42.87 1.78
CA ARG A 174 45.78 -41.54 1.26
C ARG A 174 44.53 -41.66 0.38
N HIS A 175 43.37 -41.56 1.02
CA HIS A 175 42.09 -41.56 0.32
C HIS A 175 41.86 -40.15 -0.21
N GLU A 176 42.24 -39.92 -1.47
CA GLU A 176 42.22 -38.58 -2.03
C GLU A 176 41.82 -38.51 -3.50
N LEU A 177 41.81 -39.62 -4.22
CA LEU A 177 41.51 -39.58 -5.65
C LEU A 177 40.05 -39.25 -5.88
N PRO A 178 39.73 -38.18 -6.61
CA PRO A 178 38.32 -37.88 -6.89
C PRO A 178 37.68 -38.97 -7.74
N LYS A 179 36.36 -39.13 -7.55
CA LYS A 179 35.64 -40.19 -8.25
C LYS A 179 35.55 -39.91 -9.75
N CYS A 180 35.46 -38.64 -10.15
CA CYS A 180 35.40 -38.31 -11.56
C CYS A 180 36.70 -38.67 -12.27
N LEU A 181 37.83 -38.32 -11.66
CA LEU A 181 39.12 -38.68 -12.25
C LEU A 181 39.36 -40.18 -12.18
N LYS A 182 38.74 -40.87 -11.22
CA LYS A 182 38.81 -42.33 -11.20
C LYS A 182 37.99 -42.95 -12.32
N GLU A 183 36.88 -42.31 -12.70
CA GLU A 183 36.12 -42.79 -13.85
C GLU A 183 36.79 -42.44 -15.17
N ARG A 184 37.53 -41.33 -15.22
CA ARG A 184 38.29 -41.01 -16.43
C ARG A 184 39.34 -42.07 -16.71
N GLN A 185 40.10 -42.46 -15.69
CA GLN A 185 40.91 -43.65 -15.80
C GLN A 185 40.01 -44.89 -15.83
N VAL A 186 40.62 -46.04 -16.13
CA VAL A 186 39.88 -47.28 -16.36
C VAL A 186 38.87 -47.01 -17.48
N ALA A 187 39.29 -46.24 -18.47
CA ALA A 187 38.44 -45.87 -19.59
C ALA A 187 39.27 -45.33 -20.75
N PHE A 198 32.78 -44.43 -22.61
CA PHE A 198 32.43 -43.09 -22.17
C PHE A 198 33.46 -42.53 -21.20
N VAL A 199 33.98 -41.35 -21.51
CA VAL A 199 34.96 -40.66 -20.69
C VAL A 199 34.35 -39.36 -20.18
N PRO A 200 33.90 -39.34 -18.93
CA PRO A 200 33.29 -38.11 -18.39
C PRO A 200 34.29 -36.98 -18.26
N GLN A 201 33.76 -35.77 -18.18
CA GLN A 201 34.57 -34.57 -18.02
C GLN A 201 34.52 -34.09 -16.57
N CYS A 202 35.66 -33.64 -16.07
CA CYS A 202 35.78 -33.08 -14.73
C CYS A 202 36.32 -31.66 -14.82
N ASP A 203 36.26 -30.95 -13.70
CA ASP A 203 36.77 -29.58 -13.64
C ASP A 203 38.22 -29.60 -13.15
N GLU A 204 38.75 -28.43 -12.80
CA GLU A 204 40.14 -28.36 -12.36
C GLU A 204 40.34 -29.07 -11.02
N LYS A 205 39.38 -28.91 -10.10
CA LYS A 205 39.48 -29.62 -8.83
C LYS A 205 39.25 -31.12 -9.00
N GLY A 206 38.50 -31.51 -10.02
CA GLY A 206 38.22 -32.91 -10.27
C GLY A 206 36.79 -33.33 -10.02
N ASN A 207 35.86 -32.40 -9.81
CA ASN A 207 34.47 -32.73 -9.60
C ASN A 207 33.77 -32.93 -10.94
N TYR A 208 32.57 -33.51 -10.87
CA TYR A 208 31.81 -33.81 -12.07
C TYR A 208 31.22 -32.54 -12.68
N GLU A 209 31.44 -32.37 -13.98
CA GLU A 209 30.76 -31.32 -14.72
C GLU A 209 29.28 -31.65 -14.84
N PRO A 210 28.38 -30.70 -14.55
CA PRO A 210 26.94 -31.01 -14.64
C PRO A 210 26.50 -31.45 -16.02
N GLN A 211 27.12 -30.93 -17.07
CA GLN A 211 26.80 -31.30 -18.45
C GLN A 211 27.80 -32.36 -18.90
N GLN A 212 27.28 -33.51 -19.35
CA GLN A 212 28.12 -34.60 -19.82
C GLN A 212 27.80 -34.89 -21.29
N PHE A 213 28.87 -35.03 -22.08
CA PHE A 213 28.79 -35.21 -23.53
C PHE A 213 29.56 -36.49 -23.87
N HIS A 214 28.87 -37.45 -24.50
CA HIS A 214 29.49 -38.70 -24.90
C HIS A 214 30.10 -38.55 -26.28
N GLY A 215 31.37 -38.93 -26.41
CA GLY A 215 32.09 -38.77 -27.66
C GLY A 215 31.80 -39.83 -28.70
N SER A 216 31.69 -41.09 -28.29
CA SER A 216 31.39 -42.16 -29.22
C SER A 216 29.98 -42.04 -29.77
N THR A 217 29.00 -41.80 -28.89
CA THR A 217 27.61 -41.57 -29.26
C THR A 217 27.24 -40.16 -28.87
N GLY A 218 26.94 -39.32 -29.85
CA GLY A 218 26.59 -37.93 -29.60
C GLY A 218 25.39 -37.76 -28.68
N TYR A 219 25.61 -37.91 -27.38
CA TYR A 219 24.55 -37.76 -26.37
C TYR A 219 24.97 -36.72 -25.34
N SER A 220 23.99 -35.93 -24.89
CA SER A 220 24.20 -34.95 -23.84
C SER A 220 23.21 -35.21 -22.71
N TRP A 221 23.69 -35.14 -21.47
CA TRP A 221 22.82 -35.39 -20.33
C TRP A 221 23.35 -34.66 -19.10
N CYS A 222 22.53 -34.66 -18.05
CA CYS A 222 22.87 -34.05 -16.78
C CYS A 222 23.19 -35.12 -15.75
N VAL A 223 24.07 -34.78 -14.82
CA VAL A 223 24.54 -35.71 -13.80
C VAL A 223 24.42 -35.05 -12.42
N ASN A 224 24.33 -35.89 -11.40
CA ASN A 224 24.21 -35.44 -10.03
C ASN A 224 25.56 -34.92 -9.54
N ALA A 225 25.65 -34.64 -8.24
CA ALA A 225 26.91 -34.22 -7.64
C ALA A 225 27.93 -35.35 -7.56
N ILE A 226 27.53 -36.58 -7.88
CA ILE A 226 28.42 -37.74 -7.86
C ILE A 226 28.49 -38.41 -9.23
N GLY A 227 28.12 -37.70 -10.29
CA GLY A 227 28.09 -38.28 -11.62
C GLY A 227 26.87 -39.12 -11.93
N GLU A 228 25.99 -39.33 -10.96
CA GLU A 228 24.77 -40.08 -11.18
C GLU A 228 23.85 -39.34 -12.15
N GLU A 229 23.42 -40.02 -13.20
CA GLU A 229 22.65 -39.36 -14.25
C GLU A 229 21.27 -38.97 -13.76
N ILE A 230 20.86 -37.74 -14.08
CA ILE A 230 19.54 -37.25 -13.71
C ILE A 230 18.53 -37.70 -14.75
N ALA A 231 17.38 -38.20 -14.29
CA ALA A 231 16.39 -38.75 -15.19
C ALA A 231 15.73 -37.66 -16.03
N GLY A 232 15.51 -37.96 -17.30
CA GLY A 232 14.83 -37.04 -18.20
C GLY A 232 15.68 -35.97 -18.83
N THR A 233 17.01 -36.15 -18.87
CA THR A 233 17.91 -35.17 -19.43
C THR A 233 18.70 -35.67 -20.63
N LYS A 234 18.62 -36.94 -20.97
CA LYS A 234 19.38 -37.50 -22.09
C LYS A 234 18.73 -37.09 -23.40
N THR A 235 19.53 -36.49 -24.30
CA THR A 235 19.03 -35.95 -25.55
C THR A 235 19.81 -36.50 -26.73
N PRO A 236 19.14 -36.97 -27.78
CA PRO A 236 19.83 -37.46 -28.99
C PRO A 236 20.57 -36.32 -29.68
N PRO A 237 21.41 -36.60 -30.68
CA PRO A 237 22.19 -35.52 -31.29
C PRO A 237 21.35 -34.72 -32.26
N GLY A 238 21.76 -33.48 -32.49
CA GLY A 238 20.97 -32.55 -33.25
C GLY A 238 19.80 -31.96 -32.49
N LYS A 239 19.43 -32.55 -31.36
CA LYS A 239 18.43 -31.97 -30.46
C LYS A 239 19.13 -31.10 -29.41
N ILE A 240 18.45 -30.02 -29.02
CA ILE A 240 19.03 -29.12 -28.03
C ILE A 240 19.24 -29.87 -26.72
N PRO A 241 20.36 -29.70 -26.04
CA PRO A 241 20.56 -30.39 -24.76
C PRO A 241 19.76 -29.74 -23.64
N ALA A 242 19.43 -30.54 -22.64
CA ALA A 242 18.76 -30.03 -21.46
C ALA A 242 19.74 -29.22 -20.63
N THR A 243 19.32 -28.04 -20.19
CA THR A 243 20.17 -27.18 -19.38
C THR A 243 20.40 -27.82 -18.01
N CYS A 244 21.65 -28.11 -17.71
CA CYS A 244 22.00 -28.79 -16.46
C CYS A 244 22.37 -27.77 -15.39
N GLN A 245 21.88 -28.00 -14.18
CA GLN A 245 22.11 -27.11 -13.05
C GLN A 245 23.27 -27.61 -12.21
N LYS A 246 24.05 -26.68 -11.67
CA LYS A 246 25.21 -27.04 -10.85
C LYS A 246 24.75 -27.68 -9.56
N HIS A 247 25.52 -28.67 -9.09
CA HIS A 247 25.23 -29.40 -7.87
C HIS A 247 26.41 -29.32 -6.91
N ASP A 248 26.10 -29.16 -5.63
CA ASP A 248 27.10 -29.15 -4.57
C ASP A 248 26.71 -30.18 -3.52
N LEU A 249 27.60 -31.14 -3.28
CA LEU A 249 27.36 -32.17 -2.27
C LEU A 249 27.70 -31.61 -0.89
N VAL A 250 26.71 -31.57 0.00
CA VAL A 250 26.90 -31.03 1.34
C VAL A 250 26.54 -32.10 2.37
N THR A 251 26.99 -31.90 3.59
CA THR A 251 26.81 -32.86 4.67
C THR A 251 26.06 -32.23 5.84
N THR A 252 25.70 -33.09 6.80
CA THR A 252 25.03 -32.69 8.03
C THR A 252 23.77 -31.86 7.74
N CYS A 253 22.91 -32.38 6.89
CA CYS A 253 21.66 -31.72 6.59
C CYS A 253 20.63 -32.01 7.67
N HIS A 254 19.67 -31.10 7.80
CA HIS A 254 18.56 -31.24 8.73
C HIS A 254 17.25 -31.27 7.94
N TYR A 255 16.24 -31.89 8.54
CA TYR A 255 15.00 -32.17 7.84
C TYR A 255 13.80 -31.80 8.70
N ALA A 256 12.70 -31.48 8.02
CA ALA A 256 11.41 -31.30 8.68
C ALA A 256 10.70 -32.65 8.71
N VAL A 257 10.35 -33.11 9.91
CA VAL A 257 9.75 -34.42 10.09
C VAL A 257 8.48 -34.31 10.91
N ALA A 258 7.64 -35.34 10.77
CA ALA A 258 6.39 -35.48 11.52
C ALA A 258 6.56 -36.69 12.44
N MET A 259 6.84 -36.42 13.71
CA MET A 259 6.91 -37.46 14.72
C MET A 259 5.52 -37.86 15.17
N VAL A 260 5.35 -39.14 15.49
CA VAL A 260 4.06 -39.67 15.91
C VAL A 260 4.31 -40.86 16.84
N LYS A 261 3.44 -41.00 17.84
CA LYS A 261 3.59 -42.10 18.78
C LYS A 261 3.26 -43.43 18.12
N LYS A 262 3.99 -44.48 18.52
CA LYS A 262 3.76 -45.81 17.96
C LYS A 262 2.39 -46.37 18.31
N SER A 263 1.78 -45.90 19.39
CA SER A 263 0.46 -46.41 19.78
C SER A 263 -0.64 -45.98 18.83
N SER A 264 -0.42 -44.94 18.04
CA SER A 264 -1.42 -44.49 17.08
C SER A 264 -1.32 -45.30 15.79
N ALA A 265 -2.33 -45.16 14.94
CA ALA A 265 -2.46 -45.97 13.73
C ALA A 265 -2.71 -45.20 12.46
N PHE A 266 -2.95 -43.89 12.52
CA PHE A 266 -3.27 -43.13 11.31
C PHE A 266 -2.01 -42.90 10.47
N GLN A 267 -2.23 -42.64 9.19
CA GLN A 267 -1.16 -42.34 8.25
C GLN A 267 -1.23 -40.88 7.83
N PHE A 268 -0.51 -40.53 6.75
CA PHE A 268 -0.34 -39.13 6.41
C PHE A 268 -1.61 -38.54 5.82
N ASN A 269 -2.21 -39.21 4.84
CA ASN A 269 -3.43 -38.69 4.23
C ASN A 269 -4.63 -38.73 5.17
N GLN A 270 -4.45 -39.17 6.41
CA GLN A 270 -5.49 -39.14 7.43
C GLN A 270 -5.23 -38.05 8.48
N LEU A 271 -4.37 -37.09 8.17
CA LEU A 271 -4.05 -36.01 9.10
C LEU A 271 -5.23 -35.08 9.33
N LYS A 272 -6.19 -35.04 8.41
CA LYS A 272 -7.32 -34.12 8.54
C LYS A 272 -8.14 -34.47 9.78
N GLY A 273 -8.38 -33.46 10.62
CA GLY A 273 -9.11 -33.66 11.86
C GLY A 273 -8.26 -34.07 13.04
N LYS A 274 -6.99 -34.42 12.82
CA LYS A 274 -6.10 -34.81 13.90
C LYS A 274 -5.64 -33.58 14.68
N ARG A 275 -5.09 -33.83 15.86
CA ARG A 275 -4.53 -32.79 16.70
C ARG A 275 -3.03 -32.71 16.47
N SER A 276 -2.51 -31.51 16.24
CA SER A 276 -1.13 -31.34 15.84
C SER A 276 -0.40 -30.36 16.76
N CYS A 277 0.88 -30.63 16.95
CA CYS A 277 1.80 -29.72 17.62
C CYS A 277 2.81 -29.24 16.58
N HIS A 278 3.09 -27.93 16.59
CA HIS A 278 4.02 -27.35 15.64
C HIS A 278 5.08 -26.56 16.39
N SER A 279 6.27 -26.49 15.81
CA SER A 279 7.34 -25.70 16.41
C SER A 279 7.04 -24.21 16.31
N GLY A 280 6.38 -23.78 15.24
CA GLY A 280 6.05 -22.38 15.05
C GLY A 280 5.32 -22.15 13.74
N VAL A 281 4.44 -21.14 13.71
CA VAL A 281 3.67 -20.87 12.50
C VAL A 281 4.54 -20.31 11.39
N SER A 282 5.73 -19.83 11.71
CA SER A 282 6.61 -19.20 10.73
C SER A 282 7.88 -19.99 10.46
N LYS A 283 8.07 -21.13 11.12
CA LYS A 283 9.25 -21.96 10.90
C LYS A 283 9.00 -22.93 9.75
N THR A 284 10.09 -23.31 9.07
CA THR A 284 9.98 -24.26 7.98
C THR A 284 9.65 -25.65 8.49
N ASP A 285 10.28 -26.06 9.60
CA ASP A 285 10.09 -27.39 10.15
C ASP A 285 8.76 -27.57 10.87
N GLY A 286 7.95 -26.52 10.98
CA GLY A 286 6.70 -26.62 11.70
C GLY A 286 5.48 -26.14 10.95
N TRP A 287 5.66 -25.65 9.73
CA TRP A 287 4.54 -25.07 8.99
C TRP A 287 4.74 -25.10 7.48
N LYS A 288 5.78 -24.42 6.99
CA LYS A 288 5.92 -24.21 5.55
C LYS A 288 6.09 -25.53 4.79
N ALA A 289 7.01 -26.38 5.26
CA ALA A 289 7.22 -27.66 4.59
C ALA A 289 5.98 -28.52 4.65
N LEU A 290 5.31 -28.56 5.80
CA LEU A 290 4.08 -29.32 5.93
C LEU A 290 3.00 -28.80 4.97
N VAL A 291 2.87 -27.47 4.88
CA VAL A 291 1.87 -26.89 3.98
C VAL A 291 2.18 -27.25 2.53
N THR A 292 3.46 -27.18 2.15
CA THR A 292 3.84 -27.54 0.79
C THR A 292 3.51 -29.00 0.49
N VAL A 293 3.83 -29.90 1.43
CA VAL A 293 3.54 -31.32 1.21
C VAL A 293 2.03 -31.55 1.14
N LEU A 294 1.26 -30.87 1.98
CA LEU A 294 -0.19 -31.04 1.97
C LEU A 294 -0.79 -30.56 0.65
N VAL A 295 -0.34 -29.41 0.16
CA VAL A 295 -0.93 -28.88 -1.06
C VAL A 295 -0.46 -29.67 -2.27
N GLU A 296 0.72 -30.28 -2.21
CA GLU A 296 1.17 -31.09 -3.34
C GLU A 296 0.48 -32.45 -3.36
N LYS A 297 0.22 -33.02 -2.19
CA LYS A 297 -0.51 -34.28 -2.10
C LYS A 297 -2.02 -34.10 -2.24
N LYS A 298 -2.48 -32.87 -2.51
CA LYS A 298 -3.90 -32.57 -2.65
C LYS A 298 -4.67 -32.92 -1.38
N LEU A 299 -4.03 -32.70 -0.23
CA LEU A 299 -4.63 -33.03 1.05
C LEU A 299 -5.30 -31.83 1.72
N LEU A 300 -4.85 -30.62 1.40
CA LEU A 300 -5.34 -29.41 2.05
C LEU A 300 -6.30 -28.69 1.11
N SER A 301 -7.56 -28.58 1.53
CA SER A 301 -8.55 -27.80 0.79
C SER A 301 -8.20 -26.32 0.89
N TRP A 302 -7.66 -25.76 -0.19
CA TRP A 302 -7.19 -24.38 -0.18
C TRP A 302 -7.12 -23.87 -1.60
N ASP A 303 -7.62 -22.66 -1.82
CA ASP A 303 -7.65 -22.07 -3.17
C ASP A 303 -6.29 -21.47 -3.53
N GLY A 304 -5.98 -20.32 -2.93
CA GLY A 304 -4.72 -19.65 -3.16
C GLY A 304 -4.46 -18.59 -2.11
N PRO A 305 -3.22 -18.11 -2.04
CA PRO A 305 -2.89 -17.11 -1.01
C PRO A 305 -3.60 -15.78 -1.19
N ALA A 306 -4.08 -15.47 -2.39
CA ALA A 306 -4.86 -14.26 -2.60
C ALA A 306 -6.33 -14.47 -2.27
N LYS A 307 -6.83 -15.68 -2.43
CA LYS A 307 -8.24 -15.99 -2.17
C LYS A 307 -8.50 -16.28 -0.71
N GLU A 308 -7.56 -16.93 -0.02
CA GLU A 308 -7.74 -17.30 1.37
C GLU A 308 -6.37 -17.44 2.02
N SER A 309 -6.25 -16.97 3.26
CA SER A 309 -5.00 -17.13 4.00
C SER A 309 -4.77 -18.59 4.32
N ILE A 310 -3.49 -18.97 4.40
CA ILE A 310 -3.17 -20.37 4.66
C ILE A 310 -3.62 -20.79 6.05
N GLN A 311 -3.66 -19.84 7.00
CA GLN A 311 -4.09 -20.18 8.35
C GLN A 311 -5.55 -20.61 8.40
N ARG A 312 -6.41 -20.02 7.56
CA ARG A 312 -7.80 -20.47 7.51
C ARG A 312 -7.91 -21.91 7.04
N ALA A 313 -7.20 -22.24 5.96
CA ALA A 313 -7.25 -23.61 5.45
C ALA A 313 -6.69 -24.60 6.46
N MET A 314 -5.62 -24.22 7.17
CA MET A 314 -5.05 -25.12 8.15
C MET A 314 -5.93 -25.24 9.39
N SER A 315 -6.63 -24.16 9.77
CA SER A 315 -7.58 -24.24 10.87
C SER A 315 -8.77 -25.11 10.52
N LYS A 316 -9.17 -25.12 9.24
CA LYS A 316 -10.19 -26.05 8.78
C LYS A 316 -9.65 -27.46 8.59
N PHE A 317 -8.33 -27.61 8.46
CA PHE A 317 -7.73 -28.93 8.24
C PHE A 317 -7.58 -29.70 9.55
N PHE A 318 -6.93 -29.11 10.53
CA PHE A 318 -6.79 -29.72 11.85
C PHE A 318 -7.98 -29.37 12.72
N SER A 319 -8.15 -30.16 13.80
CA SER A 319 -9.21 -29.90 14.77
C SER A 319 -8.73 -28.89 15.80
N VAL A 320 -7.98 -29.36 16.80
CA VAL A 320 -7.33 -28.51 17.78
C VAL A 320 -5.83 -28.74 17.70
N SER A 321 -5.05 -27.67 17.81
CA SER A 321 -3.62 -27.76 17.61
C SER A 321 -2.93 -26.72 18.50
N CYS A 322 -1.60 -26.83 18.56
CA CYS A 322 -0.76 -25.80 19.16
C CYS A 322 0.27 -25.38 18.12
N ILE A 323 0.01 -24.24 17.48
CA ILE A 323 0.91 -23.66 16.48
C ILE A 323 1.30 -22.27 16.97
N PRO A 324 2.43 -22.12 17.67
CA PRO A 324 2.79 -20.82 18.23
C PRO A 324 2.88 -19.74 17.15
N GLY A 325 2.15 -18.64 17.38
CA GLY A 325 2.09 -17.54 16.44
C GLY A 325 0.84 -17.52 15.57
N ALA A 326 0.04 -18.57 15.59
CA ALA A 326 -1.17 -18.61 14.78
C ALA A 326 -2.21 -17.62 15.29
N THR A 327 -3.06 -17.16 14.38
CA THR A 327 -4.11 -16.21 14.71
C THR A 327 -5.50 -16.85 14.67
N GLN A 328 -5.57 -18.18 14.62
CA GLN A 328 -6.83 -18.91 14.72
C GLN A 328 -6.92 -19.54 16.10
N THR A 329 -8.12 -19.51 16.68
CA THR A 329 -8.29 -19.97 18.06
C THR A 329 -8.02 -21.46 18.20
N ASN A 330 -8.47 -22.27 17.23
CA ASN A 330 -8.29 -23.70 17.34
C ASN A 330 -6.82 -24.09 17.17
N LEU A 331 -6.05 -23.31 16.39
CA LEU A 331 -4.63 -23.58 16.23
C LEU A 331 -3.82 -23.18 17.45
N CYS A 332 -4.47 -22.67 18.50
CA CYS A 332 -3.82 -22.32 19.75
C CYS A 332 -4.47 -22.97 20.96
N LYS A 333 -5.48 -23.82 20.73
CA LYS A 333 -6.23 -24.41 21.86
C LYS A 333 -5.36 -25.35 22.68
N GLN A 334 -4.42 -26.05 22.04
CA GLN A 334 -3.62 -27.05 22.72
C GLN A 334 -2.37 -26.49 23.39
N CYS A 335 -2.09 -25.20 23.22
CA CYS A 335 -0.91 -24.62 23.82
C CYS A 335 -1.10 -24.44 25.32
N LYS A 336 0.01 -24.47 26.07
CA LYS A 336 -0.01 -24.50 27.52
C LYS A 336 0.60 -23.25 28.14
N GLY A 337 0.49 -22.11 27.45
CA GLY A 337 0.99 -20.86 27.98
C GLY A 337 -0.02 -20.17 28.88
N GLU A 338 0.49 -19.50 29.91
CA GLU A 338 -0.37 -18.76 30.82
C GLU A 338 -0.98 -17.55 30.11
N GLU A 339 -1.87 -16.86 30.82
CA GLU A 339 -2.55 -15.69 30.26
C GLU A 339 -1.53 -14.65 29.82
N GLY A 340 -1.56 -14.30 28.53
CA GLY A 340 -0.60 -13.40 27.93
C GLY A 340 0.57 -14.10 27.28
N LYS A 341 0.93 -15.29 27.74
CA LYS A 341 2.02 -16.07 27.18
C LYS A 341 1.55 -17.15 26.22
N ASN A 342 0.24 -17.37 26.09
CA ASN A 342 -0.28 -18.51 25.36
C ASN A 342 -0.08 -18.33 23.86
N CYS A 343 0.47 -19.36 23.22
CA CYS A 343 0.60 -19.45 21.76
C CYS A 343 1.53 -18.38 21.18
N LYS A 344 2.45 -17.85 21.98
CA LYS A 344 3.39 -16.88 21.48
C LYS A 344 4.58 -17.57 20.80
N ASN A 345 5.21 -16.88 19.86
CA ASN A 345 6.47 -17.33 19.28
C ASN A 345 7.59 -17.07 20.27
N SER A 346 7.56 -17.82 21.36
CA SER A 346 8.44 -17.56 22.49
C SER A 346 8.46 -18.78 23.41
N HIS A 347 9.61 -19.00 24.05
CA HIS A 347 9.72 -20.08 25.01
C HIS A 347 8.85 -19.87 26.23
N ASP A 348 8.29 -18.66 26.41
CA ASP A 348 7.26 -18.47 27.44
C ASP A 348 6.11 -19.44 27.23
N GLU A 349 5.79 -19.74 25.97
CA GLU A 349 4.90 -20.85 25.63
C GLU A 349 5.68 -22.15 25.75
N PRO A 350 5.32 -23.03 26.69
CA PRO A 350 6.10 -24.26 26.89
C PRO A 350 6.05 -25.22 25.71
N TYR A 351 5.17 -25.01 24.74
CA TYR A 351 5.09 -25.85 23.55
C TYR A 351 5.73 -25.22 22.33
N TYR A 352 6.51 -24.15 22.51
CA TYR A 352 7.16 -23.48 21.40
C TYR A 352 8.47 -24.16 21.04
N GLY A 353 8.79 -24.18 19.75
CA GLY A 353 10.03 -24.76 19.28
C GLY A 353 9.90 -26.24 19.00
N ASN A 354 11.03 -26.83 18.57
CA ASN A 354 11.07 -28.25 18.28
C ASN A 354 10.80 -29.07 19.54
N TYR A 355 11.53 -28.76 20.61
CA TYR A 355 11.33 -29.50 21.86
C TYR A 355 9.99 -29.17 22.49
N GLY A 356 9.46 -27.97 22.26
CA GLY A 356 8.12 -27.66 22.70
C GLY A 356 7.07 -28.51 22.01
N ALA A 357 7.21 -28.69 20.69
CA ALA A 357 6.30 -29.57 19.95
C ALA A 357 6.44 -31.01 20.40
N PHE A 358 7.68 -31.45 20.68
CA PHE A 358 7.87 -32.80 21.19
C PHE A 358 7.21 -32.98 22.54
N ARG A 359 7.28 -31.97 23.41
CA ARG A 359 6.62 -32.05 24.70
C ARG A 359 5.10 -32.05 24.54
N CYS A 360 4.59 -31.27 23.58
CA CYS A 360 3.16 -31.28 23.29
C CYS A 360 2.70 -32.65 22.81
N LEU A 361 3.53 -33.34 22.04
CA LEU A 361 3.19 -34.69 21.61
C LEU A 361 3.31 -35.69 22.76
N LYS A 362 4.31 -35.51 23.62
CA LYS A 362 4.56 -36.45 24.71
C LYS A 362 3.44 -36.42 25.73
N GLU A 363 2.92 -35.23 26.03
CA GLU A 363 1.85 -35.07 27.01
C GLU A 363 0.47 -35.30 26.40
N ASP A 364 0.40 -35.87 25.20
CA ASP A 364 -0.86 -36.27 24.57
C ASP A 364 -1.78 -35.08 24.31
N MET A 365 -1.20 -33.91 24.04
CA MET A 365 -1.97 -32.77 23.57
C MET A 365 -2.00 -32.68 22.05
N GLY A 366 -1.41 -33.65 21.36
CA GLY A 366 -1.45 -33.71 19.91
C GLY A 366 -1.18 -35.12 19.44
N ASP A 367 -1.65 -35.41 18.22
CA ASP A 367 -1.45 -36.72 17.63
C ASP A 367 -0.20 -36.79 16.76
N VAL A 368 0.31 -35.65 16.31
CA VAL A 368 1.51 -35.59 15.49
C VAL A 368 2.23 -34.30 15.82
N ALA A 369 3.56 -34.35 15.76
CA ALA A 369 4.40 -33.18 16.04
C ALA A 369 5.28 -32.91 14.83
N PHE A 370 5.20 -31.69 14.30
CA PHE A 370 5.99 -31.29 13.16
C PHE A 370 7.19 -30.48 13.66
N LEU A 371 8.39 -31.01 13.47
CA LEU A 371 9.58 -30.38 14.04
C LEU A 371 10.79 -30.69 13.16
N ARG A 372 11.97 -30.37 13.68
CA ARG A 372 13.23 -30.60 12.98
C ARG A 372 13.82 -31.94 13.40
N SER A 373 14.68 -32.48 12.54
CA SER A 373 15.34 -33.74 12.84
C SER A 373 16.32 -33.64 14.00
N THR A 374 16.65 -32.43 14.45
CA THR A 374 17.55 -32.29 15.60
C THR A 374 16.92 -32.78 16.90
N ALA A 375 15.61 -32.61 17.05
CA ALA A 375 14.92 -33.07 18.25
C ALA A 375 14.86 -34.58 18.37
N LEU A 376 15.20 -35.30 17.31
CA LEU A 376 15.20 -36.77 17.35
C LEU A 376 16.33 -37.27 18.23
N SER A 377 16.08 -38.39 18.91
CA SER A 377 17.07 -39.02 19.77
C SER A 377 16.82 -40.52 19.77
N ASP A 378 17.82 -41.25 20.29
CA ASP A 378 17.67 -42.70 20.44
C ASP A 378 16.86 -43.07 21.67
N GLU A 379 16.78 -42.20 22.68
CA GLU A 379 15.93 -42.43 23.83
C GLU A 379 14.46 -42.41 23.47
N HIS A 380 14.11 -41.93 22.28
CA HIS A 380 12.73 -41.86 21.81
C HIS A 380 12.39 -42.96 20.82
N SER A 381 13.36 -43.76 20.40
CA SER A 381 13.14 -44.79 19.38
C SER A 381 12.30 -45.96 19.89
N GLU A 382 11.80 -45.89 21.12
CA GLU A 382 10.96 -46.95 21.68
C GLU A 382 9.49 -46.58 21.74
N VAL A 383 9.17 -45.30 21.89
CA VAL A 383 7.79 -44.86 22.03
C VAL A 383 7.33 -44.20 20.73
N TYR A 384 8.26 -43.54 20.03
CA TYR A 384 7.93 -42.69 18.90
C TYR A 384 8.43 -43.28 17.60
N GLU A 385 7.92 -42.74 16.50
CA GLU A 385 8.29 -43.14 15.15
C GLU A 385 7.99 -41.97 14.22
N LEU A 386 8.26 -42.17 12.94
CA LEU A 386 8.11 -41.12 11.95
C LEU A 386 6.84 -41.33 11.12
N LEU A 387 6.38 -40.23 10.53
CA LEU A 387 5.16 -40.22 9.71
C LEU A 387 5.55 -39.71 8.33
N CYS A 388 5.60 -40.64 7.35
CA CYS A 388 6.13 -40.27 6.04
C CYS A 388 5.00 -39.84 5.10
N PRO A 389 5.29 -38.95 4.15
CA PRO A 389 4.24 -38.49 3.23
C PRO A 389 3.77 -39.54 2.23
N ASP A 390 4.46 -40.68 2.11
CA ASP A 390 4.00 -41.77 1.28
C ASP A 390 3.04 -42.70 2.01
N ASN A 391 2.47 -42.24 3.12
CA ASN A 391 1.46 -42.97 3.89
C ASN A 391 2.03 -44.23 4.53
N THR A 392 3.28 -44.19 4.96
CA THR A 392 3.91 -45.27 5.72
C THR A 392 4.54 -44.68 6.96
N ARG A 393 4.90 -45.56 7.90
CA ARG A 393 5.59 -45.18 9.12
C ARG A 393 6.95 -45.87 9.18
N LYS A 394 7.96 -45.14 9.65
CA LYS A 394 9.32 -45.62 9.71
C LYS A 394 9.95 -45.17 11.03
N PRO A 395 11.00 -45.86 11.48
CA PRO A 395 11.68 -45.43 12.71
C PRO A 395 12.35 -44.08 12.52
N LEU A 396 12.80 -43.52 13.66
CA LEU A 396 13.41 -42.19 13.65
C LEU A 396 14.69 -42.19 12.82
N ASN A 397 15.50 -43.25 12.94
CA ASN A 397 16.78 -43.33 12.23
C ASN A 397 16.63 -43.28 10.71
N LYS A 398 15.41 -43.34 10.20
CA LYS A 398 15.15 -43.22 8.76
C LYS A 398 14.71 -41.81 8.37
N TYR A 399 15.05 -40.79 9.16
CA TYR A 399 14.58 -39.44 8.87
C TYR A 399 15.09 -38.92 7.53
N LYS A 400 16.19 -39.47 7.02
CA LYS A 400 16.70 -39.04 5.72
C LYS A 400 15.82 -39.52 4.57
N GLU A 401 15.01 -40.56 4.80
CA GLU A 401 14.14 -41.10 3.78
C GLU A 401 12.67 -41.00 4.18
N CYS A 402 12.37 -40.21 5.20
CA CYS A 402 11.00 -40.03 5.68
C CYS A 402 10.87 -38.63 6.30
N ASN A 403 10.69 -37.61 5.47
CA ASN A 403 10.69 -36.24 5.94
C ASN A 403 9.85 -35.37 5.01
N LEU A 404 9.63 -34.13 5.43
CA LEU A 404 8.89 -33.16 4.61
C LEU A 404 9.80 -32.22 3.84
N GLY A 405 11.11 -32.42 3.89
CA GLY A 405 12.06 -31.63 3.14
C GLY A 405 13.24 -31.20 3.99
N THR A 406 14.31 -30.80 3.31
CA THR A 406 15.50 -30.30 4.00
C THR A 406 15.26 -28.87 4.48
N VAL A 407 15.77 -28.57 5.67
CA VAL A 407 15.59 -27.28 6.31
C VAL A 407 16.96 -26.60 6.39
N PRO A 408 17.18 -25.49 5.71
CA PRO A 408 18.45 -24.78 5.85
C PRO A 408 18.61 -24.21 7.25
N ALA A 409 19.86 -23.97 7.63
CA ALA A 409 20.16 -23.43 8.94
C ALA A 409 19.64 -22.01 9.07
N GLY A 410 19.34 -21.62 10.30
CA GLY A 410 18.93 -20.26 10.58
C GLY A 410 20.08 -19.29 10.38
N THR A 411 19.80 -18.02 10.67
CA THR A 411 20.82 -16.99 10.45
C THR A 411 20.61 -15.83 11.41
N VAL A 412 21.72 -15.26 11.88
CA VAL A 412 21.70 -13.99 12.57
C VAL A 412 21.45 -12.88 11.56
N VAL A 413 20.35 -12.17 11.75
CA VAL A 413 19.92 -11.08 10.91
C VAL A 413 20.00 -9.76 11.69
N THR A 414 20.11 -8.67 10.94
CA THR A 414 20.09 -7.30 11.43
C THR A 414 19.38 -6.44 10.39
N ARG A 415 19.40 -5.13 10.59
CA ARG A 415 18.74 -4.21 9.66
C ARG A 415 19.40 -4.26 8.28
N LYS A 416 18.59 -4.01 7.24
CA LYS A 416 19.11 -4.01 5.88
C LYS A 416 20.17 -2.94 5.68
N ILE A 417 20.08 -1.83 6.42
CA ILE A 417 21.11 -0.80 6.32
C ILE A 417 22.43 -1.29 6.90
N SER A 418 22.39 -2.32 7.74
CA SER A 418 23.59 -3.00 8.25
C SER A 418 24.56 -2.04 8.91
N ASP A 419 24.01 -1.18 9.78
CA ASP A 419 24.84 -0.22 10.49
C ASP A 419 25.66 -0.86 11.61
N LYS A 420 25.27 -2.05 12.06
CA LYS A 420 25.92 -2.70 13.19
C LYS A 420 26.48 -4.08 12.85
N THR A 421 26.55 -4.43 11.56
CA THR A 421 27.03 -5.76 11.18
C THR A 421 28.46 -5.99 11.66
N GLU A 422 29.30 -4.96 11.56
CA GLU A 422 30.71 -5.12 11.95
C GLU A 422 30.83 -5.44 13.43
N ASP A 423 30.10 -4.72 14.28
CA ASP A 423 30.19 -4.93 15.72
C ASP A 423 29.63 -6.29 16.11
N ILE A 424 28.49 -6.67 15.54
CA ILE A 424 27.90 -7.98 15.84
C ILE A 424 28.85 -9.09 15.43
N ASN A 425 29.46 -8.96 14.25
CA ASN A 425 30.38 -9.98 13.79
C ASN A 425 31.62 -10.06 14.68
N ASN A 426 32.18 -8.91 15.06
CA ASN A 426 33.33 -8.93 15.96
C ASN A 426 32.99 -9.62 17.26
N PHE A 427 31.84 -9.28 17.85
CA PHE A 427 31.46 -9.88 19.12
C PHE A 427 31.28 -11.39 18.99
N LEU A 428 30.58 -11.83 17.94
CA LEU A 428 30.32 -13.26 17.80
C LEU A 428 31.60 -14.03 17.51
N MET A 429 32.48 -13.50 16.67
CA MET A 429 33.73 -14.19 16.38
C MET A 429 34.62 -14.27 17.61
N GLU A 430 34.72 -13.19 18.39
CA GLU A 430 35.54 -13.23 19.59
C GLU A 430 34.92 -14.11 20.66
N ALA A 431 33.59 -14.21 20.71
CA ALA A 431 32.95 -15.11 21.65
C ALA A 431 33.19 -16.57 21.25
N GLN A 432 33.22 -16.85 19.95
CA GLN A 432 33.53 -18.20 19.51
C GLN A 432 34.99 -18.55 19.77
N LYS A 433 35.90 -17.58 19.58
CA LYS A 433 37.31 -17.85 19.86
C LYS A 433 37.55 -18.05 21.35
N ARG A 434 36.76 -17.42 22.21
CA ARG A 434 36.93 -17.51 23.66
C ARG A 434 36.07 -18.58 24.30
N GLN A 435 35.45 -19.45 23.51
CA GLN A 435 34.74 -20.64 24.00
C GLN A 435 33.57 -20.25 24.92
N CYS A 436 32.89 -19.17 24.58
CA CYS A 436 31.72 -18.76 25.35
C CYS A 436 30.55 -19.69 25.05
N LYS A 437 29.73 -19.93 26.07
CA LYS A 437 28.60 -20.86 25.97
C LYS A 437 27.50 -20.29 25.08
N LEU A 438 27.76 -20.23 23.76
CA LEU A 438 26.79 -19.65 22.84
C LEU A 438 25.71 -20.64 22.44
N PHE A 439 26.09 -21.90 22.22
CA PHE A 439 25.20 -22.88 21.60
C PHE A 439 24.74 -23.94 22.60
N SER A 440 24.70 -23.59 23.88
CA SER A 440 24.24 -24.49 24.93
C SER A 440 23.89 -23.66 26.15
N SER A 441 23.01 -24.23 26.99
CA SER A 441 22.58 -23.55 28.20
C SER A 441 21.85 -24.53 29.09
N ALA A 442 22.04 -24.38 30.41
CA ALA A 442 21.27 -25.18 31.36
C ALA A 442 19.83 -24.70 31.46
N HIS A 443 19.52 -23.50 30.95
CA HIS A 443 18.16 -22.98 31.03
C HIS A 443 17.23 -23.64 30.02
N GLY A 444 17.76 -24.13 28.91
CA GLY A 444 16.93 -24.77 27.92
C GLY A 444 17.69 -25.01 26.63
N LYS A 445 16.99 -25.64 25.69
CA LYS A 445 17.54 -25.97 24.39
C LYS A 445 17.14 -24.91 23.36
N ASP A 446 18.01 -24.73 22.36
CA ASP A 446 17.76 -23.83 21.23
C ASP A 446 17.50 -22.39 21.67
N LEU A 447 18.11 -21.97 22.77
CA LEU A 447 18.00 -20.59 23.21
C LEU A 447 19.01 -19.72 22.46
N MET A 448 18.55 -18.56 21.99
CA MET A 448 19.34 -17.62 21.20
C MET A 448 19.73 -18.22 19.84
N PHE A 449 20.38 -19.38 19.83
CA PHE A 449 20.77 -20.05 18.60
C PHE A 449 20.32 -21.50 18.64
N ASP A 450 20.34 -22.14 17.46
CA ASP A 450 20.19 -23.58 17.41
C ASP A 450 21.33 -24.25 18.17
N ASP A 451 20.97 -25.16 19.08
CA ASP A 451 22.00 -25.86 19.84
C ASP A 451 22.87 -26.74 18.95
N SER A 452 22.37 -27.11 17.77
CA SER A 452 23.15 -27.89 16.81
C SER A 452 24.20 -27.06 16.08
N THR A 453 24.20 -25.74 16.26
CA THR A 453 25.17 -24.89 15.57
C THR A 453 26.56 -25.12 16.12
N LEU A 454 27.52 -25.37 15.22
CA LEU A 454 28.91 -25.57 15.61
C LEU A 454 29.76 -24.31 15.46
N GLN A 455 29.47 -23.48 14.45
CA GLN A 455 30.33 -22.35 14.13
C GLN A 455 29.53 -21.35 13.30
N LEU A 456 29.63 -20.07 13.66
CA LEU A 456 28.99 -19.00 12.91
C LEU A 456 30.03 -18.25 12.09
N ALA A 457 29.69 -17.95 10.84
CA ALA A 457 30.59 -17.28 9.92
C ALA A 457 29.91 -16.06 9.32
N LEU A 458 30.71 -15.06 8.96
CA LEU A 458 30.20 -13.84 8.34
C LEU A 458 29.84 -14.12 6.89
N LEU A 459 28.64 -13.70 6.50
CA LEU A 459 28.20 -13.81 5.12
C LEU A 459 28.62 -12.57 4.34
N SER A 460 28.77 -12.74 3.03
CA SER A 460 29.08 -11.60 2.17
C SER A 460 27.97 -10.56 2.27
N SER A 461 28.37 -9.29 2.35
CA SER A 461 27.40 -8.20 2.46
C SER A 461 26.42 -8.18 1.30
N GLU A 462 26.76 -8.83 0.17
CA GLU A 462 25.85 -8.91 -0.95
C GLU A 462 24.65 -9.81 -0.64
N VAL A 463 24.82 -10.75 0.29
CA VAL A 463 23.79 -11.75 0.55
C VAL A 463 22.59 -11.10 1.21
N ASP A 464 21.42 -11.26 0.60
CA ASP A 464 20.14 -10.87 1.15
C ASP A 464 19.31 -12.14 1.39
N ALA A 465 17.98 -12.00 1.42
CA ALA A 465 17.14 -13.19 1.56
C ALA A 465 17.21 -14.05 0.31
N PHE A 466 17.20 -13.43 -0.86
CA PHE A 466 17.21 -14.19 -2.11
C PHE A 466 18.50 -15.00 -2.25
N LEU A 467 19.65 -14.36 -2.04
CA LEU A 467 20.91 -15.07 -2.16
C LEU A 467 21.10 -16.12 -1.07
N TYR A 468 20.53 -15.88 0.12
CA TYR A 468 20.68 -16.83 1.21
C TYR A 468 19.85 -18.09 0.97
N LEU A 469 18.57 -17.91 0.66
CA LEU A 469 17.69 -19.06 0.48
C LEU A 469 17.90 -19.78 -0.84
N GLY A 470 18.47 -19.11 -1.83
CA GLY A 470 18.57 -19.68 -3.17
C GLY A 470 17.32 -19.41 -4.00
N VAL A 471 17.50 -19.46 -5.32
CA VAL A 471 16.44 -19.02 -6.23
C VAL A 471 15.19 -19.86 -6.05
N LYS A 472 15.34 -21.18 -6.01
CA LYS A 472 14.17 -22.05 -5.93
C LYS A 472 13.43 -21.89 -4.61
N LEU A 473 14.17 -21.92 -3.49
CA LEU A 473 13.54 -21.74 -2.19
C LEU A 473 12.96 -20.34 -2.06
N PHE A 474 13.65 -19.34 -2.60
CA PHE A 474 13.12 -17.97 -2.55
C PHE A 474 11.79 -17.86 -3.28
N HIS A 475 11.70 -18.45 -4.47
CA HIS A 475 10.44 -18.41 -5.20
C HIS A 475 9.36 -19.20 -4.49
N ALA A 476 9.72 -20.31 -3.84
CA ALA A 476 8.73 -21.06 -3.07
C ALA A 476 8.17 -20.21 -1.94
N MET A 477 9.04 -19.49 -1.22
CA MET A 477 8.59 -18.61 -0.15
C MET A 477 7.74 -17.47 -0.68
N LYS A 478 8.14 -16.90 -1.82
CA LYS A 478 7.38 -15.81 -2.43
C LYS A 478 5.99 -16.27 -2.84
N ALA A 479 5.88 -17.52 -3.30
CA ALA A 479 4.58 -18.05 -3.67
C ALA A 479 3.73 -18.36 -2.44
N LEU A 480 4.36 -18.88 -1.38
CA LEU A 480 3.60 -19.22 -0.19
C LEU A 480 3.10 -17.98 0.54
N THR A 481 3.89 -16.91 0.54
CA THR A 481 3.46 -15.67 1.19
C THR A 481 2.38 -14.95 0.39
N GLY A 482 2.29 -15.21 -0.90
CA GLY A 482 1.29 -14.57 -1.74
C GLY A 482 1.81 -13.48 -2.66
N ASP A 483 3.13 -13.32 -2.77
CA ASP A 483 3.74 -12.29 -3.59
C ASP A 483 4.12 -12.80 -4.98
N ALA A 484 3.66 -13.99 -5.35
CA ALA A 484 4.02 -14.57 -6.65
C ALA A 484 3.49 -13.70 -7.78
N HIS A 485 4.41 -13.20 -8.61
CA HIS A 485 4.03 -12.35 -9.72
C HIS A 485 3.26 -13.14 -10.77
N LEU A 486 2.11 -12.60 -11.20
CA LEU A 486 1.33 -13.22 -12.26
C LEU A 486 1.94 -12.84 -13.60
N PRO A 487 2.50 -13.81 -14.33
CA PRO A 487 3.24 -13.46 -15.55
C PRO A 487 2.34 -12.92 -16.64
N SER A 488 2.87 -11.97 -17.41
CA SER A 488 2.19 -11.40 -18.56
C SER A 488 2.98 -11.79 -19.81
N LYS A 489 2.33 -12.52 -20.71
CA LYS A 489 2.95 -12.94 -21.96
C LYS A 489 3.03 -11.82 -22.99
N ASN A 490 2.50 -10.63 -22.68
CA ASN A 490 2.46 -9.53 -23.64
C ASN A 490 3.08 -8.25 -23.11
N LYS A 491 3.77 -8.30 -21.96
CA LYS A 491 4.45 -7.14 -21.43
C LYS A 491 5.80 -7.57 -20.89
N VAL A 492 6.85 -6.86 -21.30
CA VAL A 492 8.23 -7.17 -20.91
C VAL A 492 8.71 -6.10 -19.96
N ARG A 493 9.23 -6.52 -18.80
CA ARG A 493 9.78 -5.61 -17.80
C ARG A 493 11.28 -5.50 -18.02
N TRP A 494 11.71 -4.40 -18.65
CA TRP A 494 13.12 -4.15 -18.87
C TRP A 494 13.76 -3.55 -17.64
N CYS A 495 14.98 -3.98 -17.34
CA CYS A 495 15.69 -3.56 -16.14
C CYS A 495 16.77 -2.55 -16.51
N THR A 496 16.80 -1.43 -15.79
CA THR A 496 17.77 -0.36 -16.01
C THR A 496 18.77 -0.34 -14.86
N ILE A 497 19.97 0.17 -15.16
CA ILE A 497 21.08 0.14 -14.22
C ILE A 497 21.44 1.52 -13.69
N ASN A 498 20.81 2.58 -14.19
CA ASN A 498 21.07 3.93 -13.70
C ASN A 498 19.87 4.81 -14.01
N LYS A 499 19.99 6.09 -13.67
CA LYS A 499 18.85 7.00 -13.81
C LYS A 499 18.61 7.37 -15.27
N LEU A 500 19.68 7.54 -16.06
CA LEU A 500 19.52 7.88 -17.47
C LEU A 500 18.85 6.74 -18.23
N GLU A 501 19.27 5.50 -17.97
CA GLU A 501 18.59 4.36 -18.56
C GLU A 501 17.14 4.28 -18.10
N LYS A 502 16.87 4.69 -16.85
CA LYS A 502 15.49 4.71 -16.38
C LYS A 502 14.66 5.73 -17.15
N MET A 503 15.23 6.89 -17.45
CA MET A 503 14.50 7.90 -18.22
C MET A 503 14.26 7.44 -19.66
N LYS A 504 15.28 6.84 -20.28
CA LYS A 504 15.10 6.32 -21.63
C LYS A 504 14.06 5.20 -21.63
N CYS A 505 14.06 4.36 -20.60
CA CYS A 505 13.07 3.30 -20.50
C CYS A 505 11.67 3.87 -20.29
N ASP A 506 11.55 4.96 -19.53
CA ASP A 506 10.25 5.59 -19.35
C ASP A 506 9.73 6.16 -20.66
N ASP A 507 10.60 6.79 -21.45
CA ASP A 507 10.22 7.21 -22.79
C ASP A 507 9.74 6.02 -23.61
N TRP A 508 10.55 4.95 -23.64
CA TRP A 508 10.21 3.77 -24.42
C TRP A 508 8.91 3.13 -23.97
N SER A 509 8.61 3.20 -22.67
CA SER A 509 7.39 2.57 -22.15
C SER A 509 6.16 3.42 -22.43
N ALA A 510 6.27 4.74 -22.26
CA ALA A 510 5.16 5.61 -22.59
C ALA A 510 4.87 5.61 -24.09
N VAL A 511 5.87 5.31 -24.91
CA VAL A 511 5.65 5.24 -26.35
C VAL A 511 5.31 3.83 -26.82
N SER A 512 5.59 2.79 -26.02
CA SER A 512 5.45 1.42 -26.47
C SER A 512 4.01 0.96 -26.54
N GLY A 513 3.16 1.44 -25.64
CA GLY A 513 1.77 1.02 -25.64
C GLY A 513 1.53 -0.27 -24.88
N GLY A 514 1.97 -0.31 -23.62
CA GLY A 514 1.74 -1.45 -22.77
C GLY A 514 2.63 -2.64 -22.99
N ALA A 515 3.54 -2.59 -23.96
CA ALA A 515 4.43 -3.71 -24.23
C ALA A 515 5.75 -3.64 -23.50
N ILE A 516 6.06 -2.51 -22.86
CA ILE A 516 7.32 -2.30 -22.17
C ILE A 516 7.05 -1.65 -20.83
N ALA A 517 7.58 -2.24 -19.76
CA ALA A 517 7.59 -1.66 -18.42
C ALA A 517 9.04 -1.56 -17.95
N CYS A 518 9.25 -0.83 -16.85
CA CYS A 518 10.60 -0.53 -16.40
C CYS A 518 10.78 -0.88 -14.94
N THR A 519 11.91 -1.53 -14.63
CA THR A 519 12.37 -1.76 -13.28
C THR A 519 13.76 -1.16 -13.12
N GLU A 520 14.11 -0.84 -11.88
CA GLU A 520 15.36 -0.16 -11.57
C GLU A 520 16.28 -1.07 -10.76
N ALA A 521 17.56 -1.08 -11.14
CA ALA A 521 18.61 -1.76 -10.39
C ALA A 521 19.85 -0.90 -10.40
N SER A 522 20.81 -1.26 -9.56
CA SER A 522 22.05 -0.48 -9.44
C SER A 522 23.16 -0.96 -10.37
N CYS A 523 23.04 -2.14 -10.95
CA CYS A 523 24.10 -2.74 -11.75
C CYS A 523 23.54 -3.95 -12.49
N PRO A 524 24.20 -4.39 -13.56
CA PRO A 524 23.65 -5.53 -14.34
C PRO A 524 23.44 -6.80 -13.54
N LYS A 525 24.32 -7.13 -12.59
CA LYS A 525 24.10 -8.32 -11.76
C LYS A 525 22.83 -8.17 -10.94
N GLY A 526 22.53 -6.94 -10.49
CA GLY A 526 21.26 -6.70 -9.84
C GLY A 526 20.08 -6.97 -10.76
N CYS A 527 20.22 -6.63 -12.05
CA CYS A 527 19.17 -6.94 -13.01
C CYS A 527 19.01 -8.44 -13.20
N VAL A 528 20.12 -9.17 -13.22
CA VAL A 528 20.04 -10.63 -13.31
C VAL A 528 19.31 -11.19 -12.08
N LYS A 529 19.63 -10.66 -10.91
CA LYS A 529 18.95 -11.11 -9.69
C LYS A 529 17.46 -10.78 -9.74
N GLN A 530 17.11 -9.61 -10.26
CA GLN A 530 15.69 -9.26 -10.40
C GLN A 530 14.98 -10.20 -11.36
N ILE A 531 15.62 -10.54 -12.48
CA ILE A 531 15.02 -11.47 -13.42
C ILE A 531 14.82 -12.84 -12.77
N LEU A 532 15.80 -13.28 -11.98
CA LEU A 532 15.67 -14.55 -11.28
C LEU A 532 14.62 -14.51 -10.18
N LYS A 533 14.31 -13.32 -9.65
CA LYS A 533 13.31 -13.17 -8.61
C LYS A 533 11.92 -12.91 -9.15
N GLY A 534 11.72 -13.02 -10.46
CA GLY A 534 10.43 -12.72 -11.05
C GLY A 534 10.02 -11.27 -10.96
N GLU A 535 10.97 -10.36 -10.80
CA GLU A 535 10.70 -8.93 -10.70
C GLU A 535 11.05 -8.17 -11.98
N ALA A 536 11.80 -8.79 -12.89
CA ALA A 536 12.10 -8.21 -14.20
C ALA A 536 12.00 -9.33 -15.23
N ASP A 537 12.16 -8.96 -16.50
CA ASP A 537 11.94 -9.89 -17.58
C ASP A 537 13.16 -10.10 -18.46
N ALA A 538 13.83 -9.03 -18.89
CA ALA A 538 14.97 -9.15 -19.78
C ALA A 538 15.96 -8.04 -19.48
N VAL A 539 17.22 -8.25 -19.86
CA VAL A 539 18.25 -7.23 -19.67
C VAL A 539 19.38 -7.47 -20.66
N LYS A 540 20.01 -6.39 -21.10
CA LYS A 540 21.20 -6.48 -21.94
C LYS A 540 22.43 -6.65 -21.05
N LEU A 541 23.24 -7.66 -21.34
CA LEU A 541 24.45 -7.95 -20.59
C LEU A 541 25.64 -7.99 -21.54
N GLU A 542 26.71 -7.30 -21.16
CA GLU A 542 27.99 -7.50 -21.80
C GLU A 542 28.52 -8.90 -21.47
N VAL A 543 29.55 -9.32 -22.19
CA VAL A 543 30.02 -10.70 -22.05
C VAL A 543 30.53 -10.97 -20.64
N GLN A 544 31.11 -9.96 -19.97
CA GLN A 544 31.69 -10.17 -18.65
C GLN A 544 30.63 -10.45 -17.59
N TYR A 545 29.34 -10.36 -17.93
CA TYR A 545 28.26 -10.73 -17.02
C TYR A 545 27.53 -11.99 -17.46
N MET A 546 27.90 -12.56 -18.60
CA MET A 546 27.08 -13.63 -19.18
C MET A 546 27.33 -14.97 -18.51
N TYR A 547 28.58 -15.26 -18.14
CA TYR A 547 28.91 -16.56 -17.57
C TYR A 547 28.05 -16.86 -16.35
N GLU A 548 27.83 -15.86 -15.49
CA GLU A 548 26.93 -16.03 -14.37
C GLU A 548 25.49 -16.26 -14.84
N ALA A 549 25.04 -15.44 -15.78
CA ALA A 549 23.65 -15.53 -16.25
C ALA A 549 23.35 -16.91 -16.81
N LEU A 550 24.15 -17.36 -17.79
CA LEU A 550 23.98 -18.70 -18.33
C LEU A 550 24.13 -19.77 -17.26
N MET A 551 24.86 -19.47 -16.18
CA MET A 551 24.99 -20.44 -15.10
C MET A 551 23.71 -20.53 -14.28
N CYS A 552 22.94 -19.46 -14.22
CA CYS A 552 21.72 -19.43 -13.42
C CYS A 552 20.46 -19.78 -14.20
N GLY A 553 20.61 -20.25 -15.44
CA GLY A 553 19.49 -20.72 -16.23
C GLY A 553 19.00 -19.76 -17.29
N LEU A 554 19.35 -18.48 -17.18
CA LEU A 554 18.88 -17.49 -18.16
C LEU A 554 19.52 -17.78 -19.53
N LEU A 555 18.74 -17.55 -20.58
CA LEU A 555 19.20 -17.77 -21.94
C LEU A 555 19.21 -16.47 -22.72
N PRO A 556 20.10 -16.33 -23.71
CA PRO A 556 20.12 -15.11 -24.52
C PRO A 556 18.89 -15.04 -25.40
N ALA A 557 18.06 -14.01 -25.19
CA ALA A 557 16.91 -13.80 -26.06
C ALA A 557 17.35 -13.28 -27.42
N VAL A 558 18.20 -12.24 -27.43
CA VAL A 558 18.73 -11.70 -28.67
C VAL A 558 20.18 -11.27 -28.49
N GLU A 559 20.84 -11.04 -29.61
CA GLU A 559 22.22 -10.57 -29.65
C GLU A 559 22.27 -9.24 -30.41
N GLU A 560 23.12 -8.33 -29.95
CA GLU A 560 23.29 -7.05 -30.63
C GLU A 560 24.08 -7.24 -31.92
N TYR A 561 23.66 -6.53 -32.97
CA TYR A 561 24.27 -6.61 -34.29
C TYR A 561 24.99 -5.29 -34.56
N HIS A 562 26.32 -5.35 -34.69
CA HIS A 562 27.14 -4.15 -34.81
C HIS A 562 27.77 -4.00 -36.19
N ASN A 563 27.37 -4.82 -37.17
CA ASN A 563 27.90 -4.69 -38.52
C ASN A 563 27.39 -3.40 -39.14
N LYS A 564 28.27 -2.41 -39.24
CA LYS A 564 27.92 -1.09 -39.76
C LYS A 564 27.85 -1.05 -41.28
N ASP A 565 28.16 -2.16 -41.96
CA ASP A 565 28.22 -2.17 -43.42
C ASP A 565 27.11 -3.00 -44.06
N ASP A 566 26.49 -3.92 -43.34
CA ASP A 566 25.47 -4.81 -43.90
C ASP A 566 24.24 -4.79 -43.01
N PHE A 567 23.16 -4.18 -43.51
CA PHE A 567 21.88 -4.15 -42.81
C PHE A 567 20.95 -5.27 -43.28
N GLY A 568 21.49 -6.30 -43.91
CA GLY A 568 20.71 -7.40 -44.43
C GLY A 568 19.86 -8.08 -43.37
N PRO A 569 20.51 -8.65 -42.34
CA PRO A 569 19.74 -9.28 -41.25
C PRO A 569 18.85 -8.31 -40.49
N CYS A 570 19.09 -7.00 -40.58
CA CYS A 570 18.28 -6.05 -39.84
C CYS A 570 16.95 -5.76 -40.55
N LYS A 571 17.00 -5.54 -41.87
CA LYS A 571 15.78 -5.20 -42.61
C LYS A 571 14.82 -6.38 -42.64
N THR A 572 15.31 -7.56 -42.99
CA THR A 572 14.51 -8.79 -43.03
C THR A 572 15.16 -9.79 -42.10
N PRO A 573 14.49 -10.22 -41.04
CA PRO A 573 15.16 -11.07 -40.03
C PRO A 573 15.70 -12.38 -40.58
N GLY A 574 15.18 -12.86 -41.71
CA GLY A 574 15.64 -14.13 -42.24
C GLY A 574 16.99 -14.07 -42.91
N SER A 575 17.48 -12.88 -43.23
CA SER A 575 18.74 -12.75 -43.93
C SER A 575 19.89 -13.27 -43.06
N PRO A 576 20.76 -14.11 -43.60
CA PRO A 576 21.87 -14.64 -42.80
C PRO A 576 22.84 -13.54 -42.41
N ALA A 577 23.46 -13.74 -41.23
CA ALA A 577 24.44 -12.78 -40.69
C ALA A 577 25.81 -13.15 -41.23
N THR A 578 26.32 -12.32 -42.16
CA THR A 578 27.68 -12.52 -42.65
C THR A 578 28.70 -12.32 -41.55
N ASP A 579 28.60 -11.21 -40.83
CA ASP A 579 29.44 -10.96 -39.67
C ASP A 579 28.67 -10.06 -38.71
N PHE A 580 28.69 -10.40 -37.43
CA PHE A 580 27.96 -9.66 -36.41
C PHE A 580 28.66 -8.37 -35.99
N GLY A 581 29.74 -7.99 -36.67
CA GLY A 581 30.50 -6.84 -36.23
C GLY A 581 31.18 -7.03 -34.89
N THR A 582 31.49 -8.27 -34.55
CA THR A 582 32.08 -8.57 -33.25
C THR A 582 33.52 -8.08 -33.20
N LEU A 583 33.92 -7.63 -32.01
CA LEU A 583 35.30 -7.21 -31.80
C LEU A 583 36.22 -8.42 -31.71
N ARG A 584 37.39 -8.31 -32.33
CA ARG A 584 38.39 -9.37 -32.33
C ARG A 584 39.59 -8.89 -31.54
N ALA A 585 39.86 -9.54 -30.40
CA ALA A 585 41.04 -9.20 -29.60
C ALA A 585 42.30 -9.57 -30.36
N VAL A 586 43.24 -8.62 -30.45
CA VAL A 586 44.49 -8.83 -31.16
C VAL A 586 45.63 -8.20 -30.37
N ALA A 587 46.84 -8.62 -30.72
CA ALA A 587 48.09 -8.11 -30.14
C ALA A 587 48.80 -7.32 -31.24
N LEU A 588 48.63 -6.00 -31.20
CA LEU A 588 49.22 -5.12 -32.20
C LEU A 588 50.67 -4.82 -31.85
N VAL A 589 51.53 -4.85 -32.89
CA VAL A 589 52.95 -4.59 -32.75
C VAL A 589 53.38 -3.66 -33.88
N LYS A 590 54.58 -3.08 -33.72
CA LYS A 590 55.13 -2.18 -34.71
C LYS A 590 55.86 -2.95 -35.80
N LYS A 591 55.78 -2.44 -37.03
CA LYS A 591 56.57 -3.00 -38.12
C LYS A 591 58.05 -2.81 -37.91
N SER A 592 58.45 -1.88 -37.04
CA SER A 592 59.87 -1.68 -36.73
C SER A 592 60.42 -2.84 -35.93
N ASN A 593 59.67 -3.30 -34.92
CA ASN A 593 60.09 -4.41 -34.07
C ASN A 593 59.72 -5.71 -34.76
N LYS A 594 60.72 -6.41 -35.30
CA LYS A 594 60.48 -7.63 -36.07
C LYS A 594 60.89 -8.89 -35.32
N ASP A 595 61.09 -8.81 -34.00
CA ASP A 595 61.38 -9.98 -33.19
C ASP A 595 60.24 -10.38 -32.27
N ILE A 596 59.26 -9.51 -32.08
CA ILE A 596 58.12 -9.80 -31.20
C ILE A 596 57.27 -10.88 -31.87
N ASN A 597 57.34 -12.10 -31.33
CA ASN A 597 56.50 -13.20 -31.77
C ASN A 597 55.66 -13.69 -30.58
N TRP A 598 54.62 -14.46 -30.89
CA TRP A 598 53.73 -14.94 -29.83
C TRP A 598 54.46 -15.90 -28.90
N ASN A 599 55.36 -16.72 -29.44
CA ASN A 599 56.21 -17.57 -28.61
C ASN A 599 57.33 -16.79 -27.94
N ASN A 600 57.35 -15.47 -28.08
CA ASN A 600 58.35 -14.60 -27.47
C ASN A 600 57.66 -13.39 -26.86
N ILE A 601 56.70 -13.66 -25.97
CA ILE A 601 55.97 -12.62 -25.25
C ILE A 601 56.26 -12.62 -23.77
N LYS A 602 57.19 -13.46 -23.31
CA LYS A 602 57.58 -13.49 -21.90
C LYS A 602 58.66 -12.44 -21.69
N GLY A 603 58.34 -11.39 -20.95
CA GLY A 603 59.23 -10.26 -20.77
C GLY A 603 58.77 -9.07 -21.60
N LYS A 604 59.71 -8.44 -22.29
CA LYS A 604 59.43 -7.31 -23.20
C LYS A 604 58.74 -6.20 -22.40
N LYS A 605 57.83 -5.48 -23.04
CA LYS A 605 57.00 -4.47 -22.37
C LYS A 605 55.64 -4.48 -23.05
N SER A 606 54.66 -5.07 -22.38
CA SER A 606 53.33 -5.20 -22.97
C SER A 606 52.43 -4.03 -22.57
N CYS A 607 51.29 -3.94 -23.25
CA CYS A 607 50.36 -2.83 -23.08
C CYS A 607 48.95 -3.37 -22.94
N HIS A 608 48.21 -2.87 -21.96
CA HIS A 608 46.85 -3.30 -21.69
C HIS A 608 45.94 -2.09 -21.61
N THR A 609 44.73 -2.22 -22.16
CA THR A 609 43.76 -1.13 -22.09
C THR A 609 43.23 -0.92 -20.68
N GLY A 610 43.40 -1.89 -19.80
CA GLY A 610 42.92 -1.79 -18.43
C GLY A 610 42.63 -3.17 -17.87
N VAL A 611 42.64 -3.24 -16.53
CA VAL A 611 42.36 -4.48 -15.83
C VAL A 611 40.87 -4.74 -15.86
N GLY A 612 40.48 -5.92 -16.37
CA GLY A 612 39.10 -6.33 -16.45
C GLY A 612 38.53 -6.35 -17.85
N ASP A 613 39.05 -5.50 -18.73
CA ASP A 613 38.56 -5.45 -20.11
C ASP A 613 38.88 -6.76 -20.82
N ILE A 614 37.98 -7.15 -21.73
CA ILE A 614 38.06 -8.46 -22.37
C ILE A 614 39.28 -8.54 -23.28
N ALA A 615 39.29 -7.72 -24.34
CA ALA A 615 40.34 -7.82 -25.35
C ALA A 615 41.71 -7.43 -24.79
N GLY A 616 41.75 -6.41 -23.95
CA GLY A 616 43.01 -5.90 -23.45
C GLY A 616 43.50 -6.49 -22.15
N TRP A 617 42.88 -7.56 -21.66
CA TRP A 617 43.32 -8.16 -20.42
C TRP A 617 42.93 -9.63 -20.33
N VAL A 618 41.63 -9.93 -20.45
CA VAL A 618 41.13 -11.27 -20.15
C VAL A 618 41.70 -12.29 -21.13
N ILE A 619 41.56 -12.03 -22.43
CA ILE A 619 42.03 -12.99 -23.44
C ILE A 619 43.53 -13.24 -23.33
N PRO A 620 44.41 -12.22 -23.30
CA PRO A 620 45.84 -12.52 -23.20
C PRO A 620 46.23 -13.18 -21.89
N VAL A 621 45.69 -12.71 -20.76
CA VAL A 621 46.05 -13.32 -19.47
C VAL A 621 45.62 -14.78 -19.44
N SER A 622 44.48 -15.10 -20.06
CA SER A 622 44.00 -16.48 -20.08
C SER A 622 44.87 -17.35 -20.96
N LEU A 623 45.16 -16.88 -22.18
CA LEU A 623 46.03 -17.64 -23.08
C LEU A 623 47.39 -17.90 -22.46
N ILE A 624 47.93 -16.89 -21.75
CA ILE A 624 49.25 -17.04 -21.15
C ILE A 624 49.19 -18.01 -19.97
N ARG A 625 48.22 -17.82 -19.07
CA ARG A 625 48.09 -18.73 -17.94
C ARG A 625 47.84 -20.17 -18.37
N ARG A 626 47.32 -20.38 -19.59
CA ARG A 626 47.18 -21.75 -20.07
C ARG A 626 48.47 -22.28 -20.69
N GLN A 627 49.09 -21.50 -21.59
CA GLN A 627 50.26 -22.02 -22.30
C GLN A 627 51.48 -22.09 -21.40
N ASN A 628 51.67 -21.12 -20.50
CA ASN A 628 52.73 -21.15 -19.51
C ASN A 628 52.14 -21.66 -18.20
N ASP A 629 52.50 -22.88 -17.81
CA ASP A 629 51.95 -23.48 -16.62
C ASP A 629 52.44 -22.82 -15.34
N ASN A 630 53.53 -22.05 -15.40
CA ASN A 630 53.90 -21.22 -14.26
C ASN A 630 52.82 -20.18 -13.97
N SER A 631 52.39 -19.46 -15.01
CA SER A 631 51.16 -18.69 -14.99
C SER A 631 51.20 -17.54 -13.98
N ASP A 632 52.29 -16.78 -13.97
CA ASP A 632 52.42 -15.62 -13.09
C ASP A 632 52.62 -14.40 -13.98
N ILE A 633 51.53 -13.68 -14.24
CA ILE A 633 51.57 -12.52 -15.13
C ILE A 633 52.33 -11.36 -14.50
N ASP A 634 52.27 -11.23 -13.17
CA ASP A 634 52.99 -10.16 -12.49
C ASP A 634 54.49 -10.25 -12.76
N SER A 635 55.00 -11.45 -13.04
CA SER A 635 56.39 -11.66 -13.39
C SER A 635 56.58 -12.08 -14.84
N PHE A 636 55.50 -12.26 -15.59
CA PHE A 636 55.61 -12.74 -16.97
C PHE A 636 56.16 -11.64 -17.88
N PHE A 637 55.57 -10.45 -17.82
CA PHE A 637 56.01 -9.34 -18.65
C PHE A 637 57.12 -8.56 -17.97
N GLY A 638 57.68 -7.60 -18.70
CA GLY A 638 58.64 -6.68 -18.13
C GLY A 638 57.94 -5.51 -17.48
N GLU A 639 58.19 -4.30 -17.98
CA GLU A 639 57.52 -3.10 -17.46
C GLU A 639 56.22 -2.84 -18.21
N SER A 640 55.31 -3.80 -18.09
CA SER A 640 54.00 -3.68 -18.72
C SER A 640 53.21 -2.54 -18.09
N CYS A 641 52.27 -2.00 -18.86
CA CYS A 641 51.38 -0.94 -18.39
C CYS A 641 49.95 -1.45 -18.47
N ALA A 642 49.41 -1.92 -17.34
CA ALA A 642 48.03 -2.38 -17.25
C ALA A 642 47.31 -1.55 -16.20
N PRO A 643 46.58 -0.51 -16.59
CA PRO A 643 45.87 0.33 -15.61
C PRO A 643 44.90 -0.50 -14.78
N GLY A 644 45.07 -0.42 -13.47
CA GLY A 644 44.27 -1.20 -12.53
C GLY A 644 45.06 -2.21 -11.72
N SER A 645 46.36 -2.34 -11.93
CA SER A 645 47.18 -3.30 -11.20
C SER A 645 47.73 -2.62 -9.93
N ASP A 646 48.78 -3.20 -9.34
CA ASP A 646 49.39 -2.64 -8.15
C ASP A 646 50.43 -1.60 -8.54
N THR A 647 50.34 -0.41 -7.95
CA THR A 647 51.21 0.70 -8.32
C THR A 647 52.69 0.38 -8.14
N LYS A 648 53.02 -0.67 -7.38
CA LYS A 648 54.40 -1.06 -7.16
C LYS A 648 54.83 -2.25 -7.99
N SER A 649 53.90 -2.89 -8.72
CA SER A 649 54.23 -4.07 -9.51
C SER A 649 54.80 -3.67 -10.87
N ASN A 650 55.26 -4.68 -11.60
CA ASN A 650 55.78 -4.46 -12.95
C ASN A 650 54.69 -4.05 -13.92
N LEU A 651 53.43 -4.42 -13.65
CA LEU A 651 52.30 -4.08 -14.51
C LEU A 651 51.85 -2.64 -14.36
N CYS A 652 52.70 -1.76 -13.79
CA CYS A 652 52.34 -0.37 -13.66
C CYS A 652 53.49 0.57 -14.02
N LYS A 653 54.58 0.07 -14.56
CA LYS A 653 55.68 0.95 -14.99
C LYS A 653 55.39 1.52 -16.38
N LEU A 654 56.20 2.50 -16.76
CA LEU A 654 56.07 3.31 -17.98
C LEU A 654 54.63 3.74 -18.25
N CYS A 655 53.82 3.91 -17.21
CA CYS A 655 52.49 4.50 -17.36
C CYS A 655 52.61 5.95 -16.92
N ILE A 656 52.83 6.84 -17.88
CA ILE A 656 52.88 8.27 -17.60
C ILE A 656 51.47 8.72 -17.22
N GLY A 657 51.27 9.04 -15.93
CA GLY A 657 49.95 9.38 -15.44
C GLY A 657 49.63 10.86 -15.50
N ASP A 658 48.91 11.27 -16.56
CA ASP A 658 48.45 12.63 -16.79
C ASP A 658 49.64 13.57 -16.96
N PRO A 659 49.88 14.05 -18.19
CA PRO A 659 51.14 14.79 -18.44
C PRO A 659 51.25 16.10 -17.66
N LYS A 660 50.17 16.86 -17.53
CA LYS A 660 50.27 18.18 -16.91
C LYS A 660 49.42 18.29 -15.65
N ASN A 661 49.66 17.40 -14.68
CA ASN A 661 48.99 17.45 -13.38
C ASN A 661 49.97 16.93 -12.34
N SER A 662 50.96 17.76 -12.01
CA SER A 662 51.96 17.41 -11.00
C SER A 662 51.42 17.52 -9.57
N ALA A 663 50.18 17.97 -9.40
CA ALA A 663 49.57 18.08 -8.08
C ALA A 663 48.97 16.77 -7.59
N ALA A 664 49.08 15.69 -8.37
CA ALA A 664 48.53 14.40 -7.97
C ALA A 664 49.21 13.31 -8.78
N ASN A 665 49.25 12.11 -8.22
CA ASN A 665 49.82 10.93 -8.87
C ASN A 665 48.67 10.01 -9.26
N THR A 666 48.43 9.89 -10.56
CA THR A 666 47.32 9.10 -11.09
C THR A 666 47.81 7.97 -11.99
N LYS A 667 49.01 7.46 -11.74
CA LYS A 667 49.53 6.36 -12.54
C LYS A 667 48.83 5.05 -12.20
N CYS A 668 48.58 4.24 -13.23
CA CYS A 668 47.87 2.96 -13.11
C CYS A 668 46.44 3.15 -12.58
N SER A 669 45.76 4.15 -13.09
CA SER A 669 44.39 4.41 -12.67
C SER A 669 43.42 3.85 -13.70
N LEU A 670 42.34 3.23 -13.23
CA LEU A 670 41.29 2.72 -14.09
C LEU A 670 40.32 3.84 -14.47
N SER A 671 40.88 4.90 -15.04
CA SER A 671 40.10 6.07 -15.43
C SER A 671 40.89 6.85 -16.47
N ASP A 672 40.24 7.87 -17.04
CA ASP A 672 40.88 8.71 -18.04
C ASP A 672 42.01 9.55 -17.46
N LYS A 673 42.14 9.62 -16.13
CA LYS A 673 43.26 10.32 -15.52
C LYS A 673 44.60 9.67 -15.85
N GLU A 674 44.59 8.45 -16.37
CA GLU A 674 45.80 7.80 -16.87
C GLU A 674 45.85 7.97 -18.38
N ALA A 675 46.95 8.55 -18.89
CA ALA A 675 47.12 8.70 -20.32
C ALA A 675 47.34 7.38 -21.03
N TYR A 676 47.42 6.27 -20.30
CA TYR A 676 47.58 4.95 -20.88
C TYR A 676 46.33 4.09 -20.78
N TYR A 677 45.25 4.62 -20.21
CA TYR A 677 44.00 3.88 -20.06
C TYR A 677 43.17 4.00 -21.33
N GLY A 678 42.38 2.96 -21.61
CA GLY A 678 41.54 2.92 -22.78
C GLY A 678 42.27 2.36 -23.99
N ASN A 679 41.51 2.19 -25.08
CA ASN A 679 42.10 1.71 -26.32
C ASN A 679 43.11 2.70 -26.87
N GLN A 680 42.78 4.00 -26.82
CA GLN A 680 43.69 5.02 -27.29
C GLN A 680 44.97 5.04 -26.47
N GLY A 681 44.86 4.86 -25.16
CA GLY A 681 46.06 4.81 -24.33
C GLY A 681 46.89 3.57 -24.57
N ALA A 682 46.23 2.42 -24.75
CA ALA A 682 46.95 1.19 -25.04
C ALA A 682 47.66 1.26 -26.39
N PHE A 683 47.10 1.99 -27.35
CA PHE A 683 47.79 2.19 -28.62
C PHE A 683 48.94 3.18 -28.48
N ARG A 684 48.72 4.27 -27.73
CA ARG A 684 49.80 5.20 -27.41
C ARG A 684 50.94 4.49 -26.69
N CYS A 685 50.63 3.40 -25.98
CA CYS A 685 51.68 2.61 -25.34
C CYS A 685 52.62 1.99 -26.37
N LEU A 686 52.05 1.27 -27.35
CA LEU A 686 52.87 0.71 -28.42
C LEU A 686 53.58 1.81 -29.21
N VAL A 687 52.96 2.98 -29.32
CA VAL A 687 53.58 4.08 -30.06
C VAL A 687 54.81 4.60 -29.31
N GLU A 688 54.69 4.81 -28.00
CA GLU A 688 55.70 5.52 -27.24
C GLU A 688 56.75 4.59 -26.62
N LYS A 689 56.34 3.72 -25.71
CA LYS A 689 57.29 2.95 -24.92
C LYS A 689 57.06 1.44 -24.96
N GLY A 690 56.03 0.95 -25.64
CA GLY A 690 55.69 -0.45 -25.61
C GLY A 690 56.24 -1.25 -26.79
N ASP A 691 56.08 -2.57 -26.69
CA ASP A 691 56.44 -3.49 -27.75
C ASP A 691 55.25 -4.23 -28.35
N VAL A 692 54.22 -4.50 -27.55
CA VAL A 692 53.01 -5.17 -27.99
C VAL A 692 51.84 -4.62 -27.17
N ALA A 693 50.70 -4.42 -27.82
CA ALA A 693 49.53 -3.85 -27.17
C ALA A 693 48.33 -4.75 -27.43
N PHE A 694 47.68 -5.20 -26.36
CA PHE A 694 46.50 -6.06 -26.48
C PHE A 694 45.26 -5.17 -26.58
N VAL A 695 44.70 -5.07 -27.78
CA VAL A 695 43.56 -4.18 -28.03
C VAL A 695 42.59 -4.85 -28.98
N PRO A 696 41.36 -4.35 -29.05
CA PRO A 696 40.50 -4.68 -30.19
C PRO A 696 41.13 -4.21 -31.50
N HIS A 697 40.68 -4.82 -32.59
CA HIS A 697 41.27 -4.54 -33.90
C HIS A 697 40.97 -3.14 -34.40
N THR A 698 39.97 -2.46 -33.83
CA THR A 698 39.55 -1.17 -34.36
C THR A 698 40.59 -0.08 -34.11
N VAL A 699 41.25 -0.12 -32.95
CA VAL A 699 42.10 1.00 -32.53
C VAL A 699 43.17 1.30 -33.57
N VAL A 700 43.68 0.28 -34.25
CA VAL A 700 44.73 0.49 -35.25
C VAL A 700 44.24 1.42 -36.35
N PHE A 701 43.02 1.18 -36.85
CA PHE A 701 42.44 2.06 -37.84
C PHE A 701 41.89 3.34 -37.24
N GLU A 702 41.69 3.38 -35.92
CA GLU A 702 41.07 4.53 -35.27
C GLU A 702 42.07 5.62 -34.94
N ASN A 703 43.35 5.27 -34.76
CA ASN A 703 44.39 6.23 -34.45
C ASN A 703 45.46 6.26 -35.54
N THR A 704 45.05 6.28 -36.81
CA THR A 704 45.99 6.23 -37.91
C THR A 704 45.31 6.66 -39.20
N ASP A 705 46.15 6.96 -40.21
CA ASP A 705 45.70 7.22 -41.58
C ASP A 705 44.79 8.44 -41.66
N GLY A 706 45.31 9.59 -41.21
CA GLY A 706 44.51 10.82 -41.20
C GLY A 706 43.38 10.87 -40.17
N LYS A 707 42.53 9.85 -40.13
CA LYS A 707 41.53 9.71 -39.09
C LYS A 707 42.20 9.41 -37.75
N ASN A 708 42.89 10.40 -37.19
CA ASN A 708 43.66 10.22 -35.97
C ASN A 708 43.76 11.56 -35.26
N PRO A 709 43.98 11.56 -33.95
CA PRO A 709 44.01 12.83 -33.20
C PRO A 709 45.12 13.75 -33.66
N ALA A 710 45.04 15.00 -33.22
CA ALA A 710 45.99 16.03 -33.61
C ALA A 710 47.10 16.18 -32.58
N VAL A 711 47.79 15.08 -32.26
CA VAL A 711 48.86 15.12 -31.27
C VAL A 711 49.89 14.03 -31.62
N TRP A 712 49.98 12.97 -30.81
CA TRP A 712 51.02 11.97 -31.02
C TRP A 712 50.75 11.14 -32.27
N ALA A 713 49.49 10.84 -32.55
CA ALA A 713 49.13 10.10 -33.76
C ALA A 713 48.70 11.08 -34.85
N LYS A 714 49.69 11.80 -35.37
CA LYS A 714 49.47 12.76 -36.44
C LYS A 714 49.98 12.30 -37.79
N ASN A 715 51.09 11.56 -37.81
CA ASN A 715 51.69 11.06 -39.05
C ASN A 715 51.86 9.55 -39.01
N LEU A 716 51.03 8.86 -38.24
CA LEU A 716 51.11 7.41 -38.11
C LEU A 716 50.26 6.74 -39.17
N LYS A 717 50.78 5.66 -39.74
CA LYS A 717 50.09 4.91 -40.78
C LYS A 717 49.84 3.48 -40.32
N SER A 718 48.72 2.92 -40.77
CA SER A 718 48.38 1.54 -40.44
C SER A 718 49.35 0.54 -41.07
N GLU A 719 50.01 0.92 -42.16
CA GLU A 719 50.97 0.03 -42.81
C GLU A 719 52.25 -0.14 -42.00
N ASP A 720 52.44 0.66 -40.95
CA ASP A 720 53.60 0.54 -40.07
C ASP A 720 53.33 -0.37 -38.88
N PHE A 721 52.21 -1.11 -38.90
CA PHE A 721 51.82 -1.95 -37.78
C PHE A 721 51.44 -3.34 -38.28
N GLU A 722 51.47 -4.30 -37.38
CA GLU A 722 51.13 -5.68 -37.69
C GLU A 722 50.47 -6.33 -36.48
N LEU A 723 49.99 -7.55 -36.68
CA LEU A 723 49.32 -8.31 -35.64
C LEU A 723 50.10 -9.58 -35.33
N LEU A 724 50.01 -10.03 -34.09
CA LEU A 724 50.67 -11.26 -33.65
C LEU A 724 49.66 -12.39 -33.68
N CYS A 725 49.89 -13.35 -34.58
CA CYS A 725 49.00 -14.50 -34.68
C CYS A 725 49.42 -15.58 -33.68
N LEU A 726 48.54 -16.55 -33.48
CA LEU A 726 48.76 -17.55 -32.45
C LEU A 726 49.84 -18.56 -32.81
N ASP A 727 50.09 -18.77 -34.11
CA ASP A 727 51.11 -19.72 -34.53
C ASP A 727 52.52 -19.15 -34.42
N GLY A 728 52.67 -17.88 -34.08
CA GLY A 728 53.97 -17.27 -33.93
C GLY A 728 54.40 -16.38 -35.08
N SER A 729 53.55 -16.16 -36.07
CA SER A 729 53.87 -15.35 -37.23
C SER A 729 53.24 -13.97 -37.09
N ARG A 730 53.32 -13.17 -38.15
CA ARG A 730 52.72 -11.84 -38.21
C ARG A 730 51.93 -11.70 -39.49
N ALA A 731 51.13 -10.64 -39.56
CA ALA A 731 50.25 -10.40 -40.70
C ALA A 731 49.86 -8.93 -40.68
N PRO A 732 49.43 -8.39 -41.82
CA PRO A 732 48.93 -7.00 -41.83
C PRO A 732 47.75 -6.82 -40.90
N VAL A 733 47.41 -5.56 -40.64
CA VAL A 733 46.39 -5.23 -39.66
C VAL A 733 45.02 -5.69 -40.12
N SER A 734 44.74 -5.60 -41.42
CA SER A 734 43.43 -5.94 -41.94
C SER A 734 43.13 -7.43 -41.89
N ASN A 735 44.00 -8.25 -41.31
CA ASN A 735 43.80 -9.68 -41.19
C ASN A 735 43.27 -10.07 -39.81
N TYR A 736 42.44 -9.22 -39.20
CA TYR A 736 42.01 -9.45 -37.82
C TYR A 736 41.03 -10.61 -37.71
N LYS A 737 40.42 -11.06 -38.80
CA LYS A 737 39.50 -12.18 -38.74
C LYS A 737 40.22 -13.53 -38.69
N SER A 738 41.47 -13.59 -39.15
CA SER A 738 42.27 -14.81 -39.12
C SER A 738 43.44 -14.73 -38.15
N CYS A 739 44.15 -13.60 -38.11
CA CYS A 739 45.26 -13.41 -37.18
C CYS A 739 44.74 -12.67 -35.95
N LYS A 740 44.02 -13.41 -35.11
CA LYS A 740 43.41 -12.87 -33.92
C LYS A 740 43.73 -13.75 -32.71
N LEU A 741 43.73 -13.15 -31.54
CA LEU A 741 43.86 -13.92 -30.30
C LEU A 741 42.61 -14.75 -30.05
N SER A 742 41.44 -14.12 -30.14
CA SER A 742 40.15 -14.80 -29.99
C SER A 742 39.07 -13.83 -30.46
N GLY A 743 37.83 -14.32 -30.48
CA GLY A 743 36.68 -13.52 -30.85
C GLY A 743 35.84 -13.21 -29.62
N ILE A 744 35.27 -12.02 -29.58
CA ILE A 744 34.46 -11.55 -28.45
C ILE A 744 33.00 -11.73 -28.80
N PRO A 745 32.21 -12.42 -27.97
CA PRO A 745 30.79 -12.54 -28.25
C PRO A 745 30.09 -11.21 -28.11
N PRO A 746 29.01 -10.97 -28.84
CA PRO A 746 28.32 -9.69 -28.77
C PRO A 746 27.49 -9.59 -27.50
N PRO A 747 27.10 -8.38 -27.10
CA PRO A 747 26.22 -8.23 -25.93
C PRO A 747 24.89 -8.93 -26.18
N ALA A 748 24.37 -9.56 -25.13
CA ALA A 748 23.19 -10.41 -25.24
C ALA A 748 22.08 -9.89 -24.34
N ILE A 749 20.90 -9.67 -24.93
CA ILE A 749 19.70 -9.46 -24.13
C ILE A 749 19.17 -10.82 -23.72
N VAL A 750 19.10 -11.05 -22.42
CA VAL A 750 18.78 -12.35 -21.84
C VAL A 750 17.48 -12.23 -21.04
N THR A 751 16.88 -13.40 -20.79
CA THR A 751 15.62 -13.53 -20.07
C THR A 751 15.53 -14.97 -19.58
N ARG A 752 14.47 -15.25 -18.82
CA ARG A 752 14.20 -16.63 -18.42
C ARG A 752 13.77 -17.44 -19.64
N GLU A 753 13.91 -18.76 -19.53
CA GLU A 753 13.59 -19.62 -20.67
C GLU A 753 12.11 -19.52 -21.04
N GLU A 754 11.23 -19.65 -20.05
CA GLU A 754 9.79 -19.61 -20.31
C GLU A 754 9.38 -18.33 -21.04
N SER A 755 10.17 -17.27 -20.95
CA SER A 755 9.82 -15.98 -21.53
C SER A 755 10.41 -15.76 -22.91
N ILE A 756 11.32 -16.64 -23.38
CA ILE A 756 12.07 -16.34 -24.61
C ILE A 756 11.11 -16.06 -25.77
N SER A 757 10.21 -17.00 -26.05
CA SER A 757 9.27 -16.85 -27.15
C SER A 757 8.49 -15.56 -27.04
N ASP A 758 8.18 -15.13 -25.81
CA ASP A 758 7.51 -13.84 -25.63
C ASP A 758 8.47 -12.70 -25.92
N VAL A 759 9.63 -12.69 -25.23
CA VAL A 759 10.53 -11.53 -25.26
C VAL A 759 10.86 -11.16 -26.70
N VAL A 760 11.53 -12.08 -27.40
CA VAL A 760 11.84 -11.96 -28.83
C VAL A 760 10.68 -11.30 -29.55
N ARG A 761 9.49 -11.91 -29.44
CA ARG A 761 8.30 -11.40 -30.09
C ARG A 761 8.18 -9.89 -29.90
N ILE A 762 7.98 -9.45 -28.65
CA ILE A 762 7.82 -8.04 -28.37
C ILE A 762 8.96 -7.25 -28.98
N VAL A 763 10.20 -7.69 -28.72
CA VAL A 763 11.37 -7.01 -29.24
C VAL A 763 11.23 -6.79 -30.74
N ALA A 764 10.94 -7.88 -31.47
CA ALA A 764 10.77 -7.78 -32.91
C ALA A 764 9.80 -6.67 -33.27
N ASN A 765 8.61 -6.71 -32.69
CA ASN A 765 7.61 -5.69 -32.97
C ASN A 765 8.18 -4.31 -32.65
N GLN A 766 8.76 -4.15 -31.46
CA GLN A 766 9.25 -2.85 -31.04
C GLN A 766 10.40 -2.36 -31.90
N GLN A 767 11.03 -3.26 -32.67
CA GLN A 767 12.04 -2.80 -33.62
C GLN A 767 11.38 -2.22 -34.86
N SER A 768 10.36 -2.91 -35.40
CA SER A 768 9.70 -2.46 -36.62
C SER A 768 9.11 -1.06 -36.48
N LEU A 769 8.88 -0.62 -35.24
CA LEU A 769 8.40 0.73 -34.98
C LEU A 769 9.52 1.70 -34.62
N TYR A 770 10.59 1.22 -33.95
CA TYR A 770 11.58 2.13 -33.38
C TYR A 770 13.01 1.68 -33.65
N GLY A 771 13.21 0.85 -34.66
CA GLY A 771 14.57 0.50 -35.07
C GLY A 771 15.20 1.63 -35.85
N ARG A 772 16.27 1.33 -36.58
CA ARG A 772 16.89 2.37 -37.41
C ARG A 772 16.02 2.72 -38.61
N LYS A 773 15.30 1.74 -39.17
CA LYS A 773 14.37 1.95 -40.26
C LYS A 773 12.94 1.68 -39.82
N GLY A 774 12.62 2.03 -38.58
CA GLY A 774 11.29 1.77 -38.07
C GLY A 774 10.25 2.69 -38.67
N PHE A 775 8.99 2.26 -38.56
CA PHE A 775 7.88 3.05 -39.09
C PHE A 775 7.71 4.33 -38.29
N GLU A 776 7.87 4.25 -36.97
CA GLU A 776 7.70 5.39 -36.08
C GLU A 776 9.04 5.87 -35.52
N LYS A 777 10.11 5.77 -36.32
CA LYS A 777 11.42 6.18 -35.86
C LYS A 777 11.49 7.68 -35.57
N ASP A 778 10.54 8.45 -36.07
CA ASP A 778 10.46 9.87 -35.73
C ASP A 778 9.95 10.11 -34.32
N MET A 779 9.39 9.10 -33.67
CA MET A 779 8.85 9.25 -32.32
C MET A 779 9.77 8.69 -31.24
N PHE A 780 10.56 7.66 -31.54
CA PHE A 780 11.49 7.10 -30.58
C PHE A 780 12.49 6.22 -31.29
N GLN A 781 13.75 6.29 -30.86
CA GLN A 781 14.82 5.45 -31.37
C GLN A 781 15.31 4.52 -30.26
N LEU A 782 15.43 3.23 -30.58
CA LEU A 782 15.95 2.28 -29.61
C LEU A 782 17.44 2.47 -29.37
N PHE A 783 18.18 2.88 -30.41
CA PHE A 783 19.64 2.93 -30.37
C PHE A 783 20.15 4.37 -30.34
N SER A 784 19.40 5.26 -29.69
CA SER A 784 19.78 6.65 -29.50
C SER A 784 18.84 7.25 -28.45
N SER A 785 19.26 8.35 -27.85
CA SER A 785 18.45 9.00 -26.84
C SER A 785 19.00 10.39 -26.57
N ASN A 786 18.09 11.33 -26.28
CA ASN A 786 18.49 12.64 -25.78
C ASN A 786 18.83 12.61 -24.30
N LYS A 787 18.51 11.52 -23.61
CA LYS A 787 18.82 11.37 -22.19
C LYS A 787 20.26 10.94 -21.93
N GLY A 788 20.99 10.55 -22.97
CA GLY A 788 22.36 10.11 -22.80
C GLY A 788 22.80 9.29 -23.99
N ASN A 789 23.91 8.57 -23.80
CA ASN A 789 24.48 7.72 -24.83
C ASN A 789 24.71 6.32 -24.27
N ASN A 790 24.54 5.32 -25.13
CA ASN A 790 24.72 3.91 -24.79
C ASN A 790 23.83 3.52 -23.60
N LEU A 791 22.56 3.93 -23.68
CA LEU A 791 21.57 3.60 -22.67
C LEU A 791 20.74 2.41 -23.15
N LEU A 792 20.49 1.47 -22.24
CA LEU A 792 19.77 0.22 -22.53
C LEU A 792 20.51 -0.63 -23.56
N PHE A 793 20.85 -0.04 -24.70
CA PHE A 793 21.69 -0.68 -25.70
C PHE A 793 22.81 0.28 -26.09
N ASN A 794 23.89 -0.30 -26.62
CA ASN A 794 24.96 0.53 -27.17
C ASN A 794 24.45 1.30 -28.37
N ASP A 795 24.74 2.61 -28.42
CA ASP A 795 24.25 3.43 -29.51
C ASP A 795 24.80 2.99 -30.87
N ASN A 796 25.90 2.23 -30.88
CA ASN A 796 26.45 1.69 -32.12
C ASN A 796 25.70 0.46 -32.62
N THR A 797 24.72 -0.03 -31.85
CA THR A 797 23.99 -1.23 -32.25
C THR A 797 23.13 -0.94 -33.48
N GLN A 798 23.25 -1.78 -34.51
CA GLN A 798 22.44 -1.62 -35.70
C GLN A 798 21.04 -2.19 -35.49
N CYS A 799 20.94 -3.40 -34.95
CA CYS A 799 19.65 -4.00 -34.63
C CYS A 799 19.87 -5.14 -33.64
N LEU A 800 18.79 -5.85 -33.33
CA LEU A 800 18.81 -6.98 -32.40
C LEU A 800 18.37 -8.22 -33.16
N ILE A 801 19.22 -9.24 -33.16
CA ILE A 801 19.00 -10.46 -33.92
C ILE A 801 18.62 -11.58 -32.96
N THR A 802 17.59 -12.35 -33.32
CA THR A 802 17.12 -13.43 -32.48
C THR A 802 18.20 -14.50 -32.33
N PHE A 803 18.36 -14.99 -31.11
CA PHE A 803 19.34 -16.05 -30.84
C PHE A 803 18.90 -17.34 -31.50
N ASP A 804 19.80 -17.96 -32.25
CA ASP A 804 19.56 -19.25 -32.88
C ASP A 804 20.05 -20.34 -31.93
N ARG A 805 19.12 -20.96 -31.20
CA ARG A 805 19.46 -22.00 -30.24
C ARG A 805 19.95 -23.23 -30.99
N GLN A 806 21.27 -23.47 -30.96
CA GLN A 806 21.88 -24.60 -31.63
C GLN A 806 22.00 -25.77 -30.67
N PRO A 807 21.95 -27.01 -31.19
CA PRO A 807 21.99 -28.20 -30.31
C PRO A 807 23.38 -28.49 -29.75
N LYS A 808 23.80 -27.65 -28.80
CA LYS A 808 25.07 -27.83 -28.11
C LYS A 808 24.99 -27.15 -26.75
N ASP A 809 26.10 -27.16 -26.02
CA ASP A 809 26.13 -26.53 -24.71
C ASP A 809 25.82 -25.04 -24.84
N ILE A 810 24.94 -24.56 -23.96
CA ILE A 810 24.47 -23.18 -24.08
C ILE A 810 25.62 -22.19 -23.95
N MET A 811 26.60 -22.49 -23.11
CA MET A 811 27.79 -21.65 -23.03
C MET A 811 28.70 -21.85 -24.22
N GLU A 812 28.79 -23.09 -24.73
CA GLU A 812 29.47 -23.34 -25.99
C GLU A 812 28.74 -22.69 -27.16
N ASP A 813 27.45 -22.38 -27.00
CA ASP A 813 26.67 -21.78 -28.07
C ASP A 813 26.61 -20.26 -27.99
N TYR A 814 26.83 -19.67 -26.81
CA TYR A 814 26.94 -18.22 -26.73
C TYR A 814 28.38 -17.75 -26.83
N PHE A 815 29.23 -18.21 -25.90
CA PHE A 815 30.63 -17.81 -25.93
C PHE A 815 31.32 -18.31 -27.18
N GLY A 816 30.93 -19.50 -27.66
CA GLY A 816 31.65 -20.16 -28.73
C GLY A 816 32.82 -20.94 -28.16
N LYS A 817 33.16 -22.06 -28.79
CA LYS A 817 34.27 -22.89 -28.32
C LYS A 817 35.55 -22.12 -28.06
N PRO A 818 36.05 -21.24 -28.95
CA PRO A 818 37.29 -20.51 -28.64
C PRO A 818 37.21 -19.72 -27.35
N TYR A 819 36.21 -18.83 -27.23
CA TYR A 819 36.12 -18.00 -26.03
C TYR A 819 35.82 -18.84 -24.80
N TYR A 820 34.94 -19.82 -24.92
CA TYR A 820 34.61 -20.67 -23.77
C TYR A 820 35.86 -21.35 -23.22
N THR A 821 36.60 -22.05 -24.08
CA THR A 821 37.78 -22.76 -23.62
C THR A 821 38.91 -21.81 -23.22
N THR A 822 38.94 -20.62 -23.82
CA THR A 822 40.02 -19.68 -23.51
C THR A 822 39.82 -19.01 -22.16
N VAL A 823 38.60 -18.59 -21.85
CA VAL A 823 38.37 -17.86 -20.60
C VAL A 823 37.99 -18.80 -19.47
N TYR A 824 37.02 -19.69 -19.69
CA TYR A 824 36.51 -20.54 -18.61
C TYR A 824 36.95 -21.98 -18.75
N GLY A 825 37.88 -22.28 -19.66
CA GLY A 825 38.39 -23.63 -19.80
C GLY A 825 37.34 -24.67 -20.11
N ALA A 826 36.22 -24.27 -20.72
CA ALA A 826 35.09 -25.15 -20.99
C ALA A 826 34.64 -25.84 -19.71
N SER A 827 34.50 -25.06 -18.65
CA SER A 827 34.20 -25.57 -17.31
C SER A 827 33.08 -24.77 -16.67
N ARG A 828 32.19 -25.47 -15.97
CA ARG A 828 31.17 -24.84 -15.15
C ARG A 828 31.68 -24.46 -13.77
N SER A 829 32.99 -24.58 -13.52
CA SER A 829 33.58 -24.29 -12.22
C SER A 829 34.67 -23.24 -12.30
N ALA A 830 34.79 -22.53 -13.42
CA ALA A 830 35.85 -21.54 -13.56
C ALA A 830 35.64 -20.30 -12.69
N MET A 831 34.40 -20.05 -12.26
CA MET A 831 34.10 -18.87 -11.45
C MET A 831 33.18 -19.27 -10.31
N SER A 832 33.29 -18.53 -9.20
CA SER A 832 32.44 -18.73 -8.04
C SER A 832 31.99 -17.39 -7.51
N SER A 833 30.71 -17.30 -7.13
CA SER A 833 30.15 -16.10 -6.54
C SER A 833 28.91 -16.48 -5.75
N GLU A 834 28.38 -15.49 -5.02
CA GLU A 834 27.17 -15.74 -4.24
C GLU A 834 25.98 -16.05 -5.12
N LEU A 835 25.92 -15.46 -6.31
CA LEU A 835 24.79 -15.69 -7.20
C LEU A 835 24.81 -17.12 -7.76
N ILE A 836 25.99 -17.61 -8.12
CA ILE A 836 26.10 -19.00 -8.59
C ILE A 836 25.75 -19.96 -7.46
N SER A 837 26.15 -19.63 -6.23
CA SER A 837 25.78 -20.44 -5.08
C SER A 837 24.28 -20.43 -4.88
N ALA A 838 23.62 -19.30 -5.13
CA ALA A 838 22.17 -19.23 -5.01
C ALA A 838 21.45 -20.01 -6.09
N CYS A 839 22.11 -20.25 -7.23
CA CYS A 839 21.53 -21.03 -8.32
C CYS A 839 22.00 -22.47 -8.32
N THR A 840 22.67 -22.91 -7.25
CA THR A 840 23.20 -24.26 -7.16
C THR A 840 22.31 -25.14 -6.31
N ILE A 841 22.04 -26.34 -6.78
CA ILE A 841 21.27 -27.32 -6.01
C ILE A 841 22.20 -27.97 -4.99
N LYS A 842 21.79 -27.98 -3.73
CA LYS A 842 22.59 -28.51 -2.64
C LYS A 842 22.19 -29.97 -2.42
N HIS A 843 23.02 -30.88 -2.91
CA HIS A 843 22.75 -32.32 -2.81
C HIS A 843 23.22 -32.81 -1.44
N CYS A 844 22.25 -33.13 -0.58
CA CYS A 844 22.59 -33.60 0.77
C CYS A 844 23.20 -35.00 0.72
N SER A 845 24.04 -35.27 1.71
CA SER A 845 24.71 -36.57 1.82
C SER A 845 25.25 -36.73 3.23
N ASN A 846 25.48 -37.99 3.60
CA ASN A 846 26.02 -38.28 4.93
C ASN A 846 27.45 -37.76 5.08
N SER A 847 28.26 -37.91 4.03
CA SER A 847 29.64 -37.47 4.06
C SER A 847 30.15 -37.35 2.64
N LEU A 848 31.37 -36.83 2.52
CA LEU A 848 32.06 -36.74 1.24
C LEU A 848 32.87 -37.99 0.91
N GLU A 849 32.82 -39.01 1.77
CA GLU A 849 33.58 -40.24 1.55
C GLU A 849 33.20 -40.92 0.24
N VAL A 850 32.01 -40.62 -0.30
CA VAL A 850 31.63 -41.07 -1.62
C VAL A 850 32.63 -40.66 -2.69
N LEU A 851 33.54 -39.73 -2.38
CA LEU A 851 34.58 -39.27 -3.31
C LEU A 851 33.99 -38.78 -4.63
N LYS B 24 -33.02 -1.20 -22.27
CA LYS B 24 -32.05 -1.04 -21.17
C LYS B 24 -32.12 -2.22 -20.22
N GLN B 25 -31.04 -2.45 -19.47
CA GLN B 25 -30.95 -3.54 -18.53
C GLN B 25 -30.44 -3.04 -17.18
N VAL B 26 -30.92 -3.67 -16.12
CA VAL B 26 -30.44 -3.43 -14.76
C VAL B 26 -30.17 -4.79 -14.13
N ARG B 27 -28.91 -5.10 -13.89
CA ARG B 27 -28.50 -6.42 -13.40
C ARG B 27 -28.36 -6.34 -11.87
N TRP B 28 -29.44 -6.71 -11.18
CA TRP B 28 -29.39 -6.80 -9.73
C TRP B 28 -28.58 -8.03 -9.32
N CYS B 29 -28.01 -7.97 -8.11
CA CYS B 29 -27.16 -9.03 -7.60
C CYS B 29 -27.83 -9.70 -6.41
N ALA B 30 -28.12 -10.99 -6.54
CA ALA B 30 -28.68 -11.79 -5.47
C ALA B 30 -27.57 -12.55 -4.76
N ILE B 31 -27.65 -12.56 -3.42
CA ILE B 31 -26.63 -13.24 -2.64
C ILE B 31 -27.00 -14.69 -2.30
N SER B 32 -28.23 -15.10 -2.58
CA SER B 32 -28.70 -16.42 -2.17
C SER B 32 -29.74 -16.92 -3.17
N ASP B 33 -30.15 -18.17 -2.97
CA ASP B 33 -31.18 -18.76 -3.82
C ASP B 33 -32.52 -18.07 -3.60
N LEU B 34 -32.85 -17.75 -2.35
CA LEU B 34 -34.11 -17.08 -2.07
C LEU B 34 -34.15 -15.69 -2.68
N GLU B 35 -33.04 -14.96 -2.62
CA GLU B 35 -32.97 -13.65 -3.26
C GLU B 35 -33.13 -13.78 -4.77
N GLN B 36 -32.54 -14.81 -5.37
CA GLN B 36 -32.70 -15.01 -6.81
C GLN B 36 -34.14 -15.38 -7.17
N LYS B 37 -34.81 -16.14 -6.30
CA LYS B 37 -36.21 -16.47 -6.56
C LYS B 37 -37.09 -15.24 -6.47
N LYS B 38 -36.86 -14.38 -5.46
CA LYS B 38 -37.59 -13.12 -5.39
C LYS B 38 -37.28 -12.25 -6.59
N CYS B 39 -36.03 -12.27 -7.06
CA CYS B 39 -35.64 -11.47 -8.22
C CYS B 39 -36.36 -11.93 -9.48
N ASN B 40 -36.46 -13.24 -9.68
CA ASN B 40 -37.17 -13.75 -10.85
C ASN B 40 -38.67 -13.50 -10.72
N ASP B 41 -39.22 -13.59 -9.51
CA ASP B 41 -40.61 -13.24 -9.30
C ASP B 41 -40.86 -11.78 -9.65
N LEU B 42 -39.90 -10.91 -9.36
CA LEU B 42 -40.07 -9.50 -9.73
C LEU B 42 -39.88 -9.29 -11.23
N VAL B 43 -38.97 -10.04 -11.85
CA VAL B 43 -38.81 -9.97 -13.30
C VAL B 43 -40.11 -10.34 -14.00
N GLY B 44 -40.79 -11.37 -13.49
CA GLY B 44 -42.06 -11.79 -14.04
C GLY B 44 -43.22 -10.84 -13.75
N SER B 45 -43.39 -10.47 -12.48
CA SER B 45 -44.58 -9.72 -12.07
C SER B 45 -44.45 -8.24 -12.38
N CYS B 46 -43.28 -7.65 -12.15
CA CYS B 46 -43.09 -6.21 -12.33
C CYS B 46 -42.72 -5.94 -13.79
N ASN B 47 -43.56 -5.15 -14.46
CA ASN B 47 -43.39 -4.83 -15.87
C ASN B 47 -43.18 -3.32 -16.00
N VAL B 48 -41.92 -2.91 -16.06
CA VAL B 48 -41.54 -1.53 -16.29
C VAL B 48 -41.13 -1.39 -17.76
N PRO B 49 -41.64 -0.40 -18.48
CA PRO B 49 -41.31 -0.28 -19.91
C PRO B 49 -39.86 0.17 -20.11
N ASP B 50 -39.22 -0.44 -21.11
CA ASP B 50 -37.90 -0.06 -21.61
C ASP B 50 -36.77 -0.45 -20.66
N ILE B 51 -37.09 -0.94 -19.47
CA ILE B 51 -36.09 -1.38 -18.50
C ILE B 51 -36.33 -2.85 -18.19
N THR B 52 -35.29 -3.66 -18.32
CA THR B 52 -35.39 -5.11 -18.13
C THR B 52 -34.52 -5.53 -16.96
N LEU B 53 -35.13 -6.16 -15.95
CA LEU B 53 -34.40 -6.65 -14.80
C LEU B 53 -33.68 -7.94 -15.15
N VAL B 54 -32.41 -8.03 -14.79
CA VAL B 54 -31.61 -9.24 -14.92
C VAL B 54 -31.08 -9.61 -13.53
N CYS B 55 -31.10 -10.90 -13.21
CA CYS B 55 -30.69 -11.39 -11.90
C CYS B 55 -29.32 -12.05 -12.02
N VAL B 56 -28.37 -11.58 -11.22
CA VAL B 56 -27.03 -12.15 -11.15
C VAL B 56 -26.84 -12.73 -9.76
N LEU B 57 -26.48 -14.00 -9.69
CA LEU B 57 -26.36 -14.72 -8.43
C LEU B 57 -24.90 -14.79 -8.00
N ARG B 58 -24.65 -14.52 -6.72
CA ARG B 58 -23.34 -14.69 -6.11
C ARG B 58 -23.51 -15.39 -4.77
N SER B 59 -22.39 -15.82 -4.20
CA SER B 59 -22.40 -16.66 -3.00
C SER B 59 -22.50 -15.87 -1.71
N SER B 60 -22.24 -14.57 -1.73
CA SER B 60 -22.24 -13.78 -0.51
C SER B 60 -22.43 -12.31 -0.86
N THR B 61 -22.45 -11.46 0.18
CA THR B 61 -22.58 -10.02 -0.02
C THR B 61 -21.31 -9.45 -0.66
N GLU B 62 -20.14 -9.86 -0.18
CA GLU B 62 -18.88 -9.35 -0.73
C GLU B 62 -18.68 -9.82 -2.16
N ASP B 63 -19.12 -11.03 -2.50
CA ASP B 63 -19.04 -11.48 -3.89
C ASP B 63 -19.93 -10.64 -4.79
N CYS B 64 -21.10 -10.23 -4.30
CA CYS B 64 -21.95 -9.34 -5.08
C CYS B 64 -21.31 -7.96 -5.23
N MET B 65 -20.69 -7.45 -4.16
CA MET B 65 -19.99 -6.18 -4.26
C MET B 65 -18.86 -6.25 -5.27
N THR B 66 -18.14 -7.38 -5.30
CA THR B 66 -17.09 -7.55 -6.29
C THR B 66 -17.65 -7.65 -7.71
N ALA B 67 -18.78 -8.35 -7.87
CA ALA B 67 -19.42 -8.42 -9.18
C ALA B 67 -19.86 -7.06 -9.66
N ILE B 68 -20.32 -6.20 -8.75
CA ILE B 68 -20.66 -4.83 -9.13
C ILE B 68 -19.40 -4.05 -9.48
N LYS B 69 -18.33 -4.26 -8.72
CA LYS B 69 -17.07 -3.57 -9.00
C LYS B 69 -16.51 -3.93 -10.36
N ASP B 70 -16.78 -5.15 -10.84
CA ASP B 70 -16.24 -5.62 -12.11
C ASP B 70 -17.19 -5.37 -13.28
N GLY B 71 -18.40 -4.86 -13.03
CA GLY B 71 -19.37 -4.69 -14.07
C GLY B 71 -20.20 -5.90 -14.39
N GLN B 72 -20.10 -6.96 -13.60
CA GLN B 72 -20.94 -8.15 -13.78
C GLN B 72 -22.34 -7.95 -13.20
N ALA B 73 -22.51 -6.97 -12.32
CA ALA B 73 -23.82 -6.58 -11.81
C ALA B 73 -23.87 -5.06 -11.80
N ASP B 74 -25.01 -4.52 -11.36
CA ASP B 74 -25.20 -3.07 -11.39
C ASP B 74 -25.54 -2.47 -10.05
N ALA B 75 -26.41 -3.10 -9.26
CA ALA B 75 -26.84 -2.52 -8.00
C ALA B 75 -27.09 -3.62 -6.99
N MET B 76 -27.00 -3.26 -5.71
CA MET B 76 -27.42 -4.16 -4.64
C MET B 76 -27.83 -3.33 -3.44
N PHE B 77 -28.30 -3.99 -2.39
CA PHE B 77 -28.72 -3.32 -1.16
C PHE B 77 -27.77 -3.70 -0.04
N LEU B 78 -27.18 -2.70 0.60
CA LEU B 78 -26.19 -2.91 1.64
C LEU B 78 -26.65 -2.33 2.97
N ASP B 79 -26.22 -2.96 4.05
CA ASP B 79 -26.39 -2.42 5.39
C ASP B 79 -25.58 -1.14 5.54
N SER B 80 -25.99 -0.30 6.49
CA SER B 80 -25.28 0.94 6.74
C SER B 80 -23.84 0.67 7.17
N GLY B 81 -23.64 -0.26 8.11
CA GLY B 81 -22.32 -0.68 8.53
C GLY B 81 -21.44 -1.27 7.44
N GLU B 82 -21.97 -1.45 6.23
CA GLU B 82 -21.17 -1.91 5.09
C GLU B 82 -20.89 -0.81 4.09
N VAL B 83 -21.42 0.40 4.29
CA VAL B 83 -21.25 1.46 3.30
C VAL B 83 -19.81 1.90 3.23
N TYR B 84 -19.22 2.26 4.37
CA TYR B 84 -17.85 2.77 4.39
C TYR B 84 -16.89 1.76 3.76
N GLU B 85 -16.94 0.50 4.21
CA GLU B 85 -16.07 -0.53 3.64
C GLU B 85 -16.34 -0.72 2.15
N ALA B 86 -17.57 -0.44 1.71
CA ALA B 86 -17.87 -0.56 0.29
C ALA B 86 -17.33 0.61 -0.52
N SER B 87 -17.04 1.73 0.11
CA SER B 87 -16.53 2.90 -0.60
C SER B 87 -15.04 2.80 -0.88
N LYS B 88 -14.30 2.04 -0.08
CA LYS B 88 -12.87 1.91 -0.26
C LYS B 88 -12.56 0.72 -1.18
N ASP B 89 -11.27 0.44 -1.34
CA ASP B 89 -10.85 -0.75 -2.05
C ASP B 89 -11.26 -1.99 -1.26
N PRO B 90 -11.50 -3.13 -1.92
CA PRO B 90 -11.45 -3.32 -3.38
C PRO B 90 -12.84 -3.28 -4.02
N TYR B 91 -13.74 -2.47 -3.50
CA TYR B 91 -15.12 -2.42 -3.96
C TYR B 91 -15.47 -1.09 -4.61
N ASN B 92 -15.26 0.02 -3.90
CA ASN B 92 -15.45 1.38 -4.43
C ASN B 92 -16.88 1.55 -4.96
N LEU B 93 -17.83 1.52 -4.03
CA LEU B 93 -19.24 1.65 -4.34
C LEU B 93 -19.83 2.81 -3.54
N LYS B 94 -20.76 3.53 -4.16
CA LYS B 94 -21.40 4.69 -3.55
C LYS B 94 -22.90 4.48 -3.43
N PRO B 95 -23.51 5.04 -2.38
CA PRO B 95 -24.98 5.02 -2.31
C PRO B 95 -25.59 5.91 -3.37
N ILE B 96 -26.76 5.50 -3.86
CA ILE B 96 -27.47 6.26 -4.90
C ILE B 96 -28.94 6.37 -4.55
N ILE B 97 -29.51 5.32 -3.95
CA ILE B 97 -30.93 5.26 -3.63
C ILE B 97 -31.06 4.76 -2.20
N ALA B 98 -31.98 5.37 -1.44
CA ALA B 98 -32.17 4.96 -0.05
C ALA B 98 -33.51 5.47 0.43
N GLU B 99 -34.04 4.79 1.43
CA GLU B 99 -35.28 5.24 2.06
C GLU B 99 -34.99 6.49 2.88
N PRO B 100 -35.60 7.63 2.56
CA PRO B 100 -35.32 8.84 3.33
C PRO B 100 -36.03 8.80 4.68
N TYR B 101 -35.35 9.31 5.70
CA TYR B 101 -36.04 9.61 6.95
C TYR B 101 -37.03 10.73 6.68
N SER B 102 -38.32 10.43 6.77
CA SER B 102 -39.37 11.39 6.46
C SER B 102 -39.95 11.97 7.75
N SER B 103 -39.09 12.63 8.50
CA SER B 103 -39.41 13.09 9.85
C SER B 103 -38.96 14.54 10.06
N ASN B 104 -39.76 15.28 10.82
CA ASN B 104 -39.47 16.65 11.25
C ASN B 104 -39.47 17.65 10.11
N ARG B 105 -39.50 17.16 8.88
CA ARG B 105 -39.60 18.01 7.69
C ARG B 105 -40.72 17.58 6.78
N ASP B 106 -40.99 16.27 6.66
CA ASP B 106 -42.04 15.77 5.78
C ASP B 106 -43.32 15.61 6.60
N LEU B 107 -44.05 16.73 6.73
CA LEU B 107 -45.41 16.66 7.27
C LEU B 107 -46.34 15.87 6.36
N GLN B 108 -45.88 15.52 5.16
CA GLN B 108 -46.65 14.71 4.22
C GLN B 108 -46.60 13.22 4.54
N LYS B 109 -46.03 12.84 5.70
CA LYS B 109 -45.96 11.43 6.05
C LYS B 109 -47.33 10.81 6.15
N CYS B 110 -48.36 11.61 6.45
CA CYS B 110 -49.72 11.11 6.47
C CYS B 110 -50.14 10.60 5.10
N LEU B 111 -49.85 11.37 4.05
CA LEU B 111 -50.23 10.97 2.70
C LEU B 111 -49.53 9.68 2.29
N LYS B 112 -48.21 9.62 2.49
CA LYS B 112 -47.46 8.43 2.10
C LYS B 112 -47.89 7.20 2.91
N GLU B 113 -48.15 7.39 4.20
CA GLU B 113 -48.58 6.28 5.04
C GLU B 113 -49.97 5.79 4.63
N ARG B 114 -50.86 6.72 4.26
CA ARG B 114 -52.17 6.31 3.76
C ARG B 114 -52.05 5.55 2.45
N GLN B 115 -51.16 6.00 1.56
CA GLN B 115 -50.95 5.27 0.31
C GLN B 115 -50.40 3.88 0.56
N GLN B 116 -49.49 3.74 1.54
CA GLN B 116 -48.96 2.42 1.88
C GLN B 116 -50.06 1.52 2.45
N ALA B 117 -50.87 2.06 3.36
CA ALA B 117 -51.95 1.26 3.94
C ALA B 117 -52.98 0.86 2.89
N LEU B 118 -53.20 1.71 1.89
CA LEU B 118 -54.10 1.34 0.80
C LEU B 118 -53.50 0.26 -0.09
N ALA B 119 -52.21 0.40 -0.43
CA ALA B 119 -51.53 -0.62 -1.22
C ALA B 119 -51.41 -1.94 -0.50
N LYS B 120 -51.48 -1.92 0.84
CA LYS B 120 -51.48 -3.19 1.59
C LYS B 120 -52.68 -4.05 1.25
N LYS B 121 -53.82 -3.40 0.90
CA LYS B 121 -55.02 -4.10 0.44
C LYS B 121 -55.50 -5.12 1.48
N MET B 122 -55.71 -4.64 2.70
CA MET B 122 -56.15 -5.46 3.82
C MET B 122 -57.53 -4.99 4.27
N ILE B 123 -58.48 -5.93 4.35
CA ILE B 123 -59.84 -5.60 4.74
C ILE B 123 -59.83 -5.22 6.23
N GLY B 124 -60.08 -3.96 6.52
CA GLY B 124 -60.07 -3.48 7.89
C GLY B 124 -58.67 -3.06 8.34
N HIS B 125 -58.18 -1.95 7.79
CA HIS B 125 -56.83 -1.48 8.09
C HIS B 125 -56.89 0.02 8.33
N TYR B 126 -56.08 0.49 9.28
CA TYR B 126 -56.03 1.91 9.60
C TYR B 126 -55.39 2.68 8.46
N ILE B 127 -56.19 3.51 7.79
CA ILE B 127 -55.70 4.39 6.73
C ILE B 127 -55.58 5.79 7.31
N PRO B 128 -54.37 6.35 7.41
CA PRO B 128 -54.20 7.68 8.02
C PRO B 128 -55.03 8.74 7.32
N GLN B 129 -55.88 9.41 8.08
CA GLN B 129 -56.70 10.51 7.58
C GLN B 129 -55.91 11.81 7.63
N CYS B 130 -55.85 12.52 6.52
CA CYS B 130 -55.05 13.72 6.39
C CYS B 130 -55.94 14.89 5.97
N ASP B 131 -55.39 16.09 6.07
CA ASP B 131 -56.10 17.30 5.69
C ASP B 131 -55.71 17.70 4.27
N GLU B 132 -56.10 18.92 3.88
CA GLU B 132 -55.82 19.39 2.53
C GLU B 132 -54.31 19.53 2.29
N LYS B 133 -53.60 20.10 3.26
CA LYS B 133 -52.17 20.33 3.09
C LYS B 133 -51.39 19.03 3.09
N GLY B 134 -51.78 18.07 3.93
CA GLY B 134 -51.07 16.81 4.03
C GLY B 134 -50.70 16.46 5.46
N ASN B 135 -50.86 17.44 6.35
CA ASN B 135 -50.55 17.21 7.76
C ASN B 135 -51.56 16.24 8.37
N TYR B 136 -51.08 15.45 9.35
CA TYR B 136 -51.93 14.50 10.04
C TYR B 136 -53.13 15.20 10.67
N GLN B 137 -54.31 14.61 10.50
CA GLN B 137 -55.47 15.08 11.22
C GLN B 137 -55.31 14.82 12.71
N PRO B 138 -55.69 15.76 13.57
CA PRO B 138 -55.54 15.53 15.02
C PRO B 138 -56.25 14.29 15.52
N GLN B 139 -57.40 13.96 14.96
CA GLN B 139 -58.16 12.76 15.32
C GLN B 139 -57.97 11.71 14.24
N GLN B 140 -57.58 10.50 14.65
CA GLN B 140 -57.39 9.39 13.73
C GLN B 140 -58.23 8.21 14.21
N CYS B 141 -59.04 7.65 13.31
CA CYS B 141 -59.94 6.57 13.66
C CYS B 141 -59.66 5.33 12.81
N HIS B 142 -60.08 4.18 13.34
CA HIS B 142 -60.04 2.91 12.61
C HIS B 142 -61.49 2.50 12.35
N GLY B 143 -61.88 2.46 11.08
CA GLY B 143 -63.28 2.26 10.75
C GLY B 143 -63.81 0.91 11.17
N SER B 144 -62.97 -0.13 11.10
CA SER B 144 -63.43 -1.47 11.45
C SER B 144 -63.79 -1.58 12.93
N THR B 145 -62.93 -1.04 13.80
CA THR B 145 -63.13 -1.17 15.24
C THR B 145 -63.92 -0.01 15.83
N GLY B 146 -64.04 1.10 15.12
CA GLY B 146 -64.66 2.28 15.68
C GLY B 146 -63.83 3.02 16.71
N HIS B 147 -62.59 2.61 16.93
CA HIS B 147 -61.73 3.26 17.90
C HIS B 147 -61.09 4.49 17.29
N CYS B 148 -61.16 5.61 18.01
CA CYS B 148 -60.51 6.86 17.61
C CYS B 148 -59.50 7.26 18.68
N TRP B 149 -58.43 7.92 18.23
CA TRP B 149 -57.37 8.37 19.12
C TRP B 149 -56.83 9.71 18.61
N CYS B 150 -55.98 10.32 19.43
CA CYS B 150 -55.35 11.59 19.10
C CYS B 150 -53.90 11.36 18.70
N VAL B 151 -53.39 12.24 17.84
CA VAL B 151 -52.00 12.19 17.39
C VAL B 151 -51.44 13.60 17.38
N ASN B 152 -50.12 13.68 17.30
CA ASN B 152 -49.44 14.96 17.14
C ASN B 152 -49.22 15.22 15.66
N ALA B 153 -48.25 16.06 15.31
CA ALA B 153 -47.97 16.32 13.91
C ALA B 153 -47.28 15.16 13.22
N MET B 154 -46.65 14.27 13.98
CA MET B 154 -45.92 13.14 13.43
C MET B 154 -46.74 11.86 13.37
N GLY B 155 -48.01 11.90 13.78
CA GLY B 155 -48.82 10.71 13.78
C GLY B 155 -48.57 9.76 14.93
N GLU B 156 -47.99 10.25 16.02
CA GLU B 156 -47.72 9.42 17.18
C GLU B 156 -48.93 9.45 18.12
N LYS B 157 -49.48 8.27 18.41
CA LYS B 157 -50.69 8.17 19.22
C LYS B 157 -50.45 8.75 20.61
N ILE B 158 -51.19 9.80 20.94
CA ILE B 158 -51.12 10.38 22.28
C ILE B 158 -51.67 9.35 23.27
N SER B 159 -50.87 9.00 24.27
CA SER B 159 -51.24 7.93 25.19
C SER B 159 -52.51 8.27 25.96
N GLY B 160 -53.41 7.31 26.07
CA GLY B 160 -54.66 7.47 26.78
C GLY B 160 -55.79 8.06 25.97
N THR B 161 -55.56 8.39 24.70
CA THR B 161 -56.59 9.00 23.86
C THR B 161 -57.37 7.98 23.04
N ASN B 162 -57.01 6.70 23.10
CA ASN B 162 -57.72 5.66 22.36
C ASN B 162 -59.06 5.42 23.04
N THR B 163 -60.13 5.92 22.43
CA THR B 163 -61.45 5.78 23.02
C THR B 163 -62.28 4.73 22.30
N PRO B 164 -63.02 3.91 23.03
CA PRO B 164 -63.86 2.90 22.39
C PRO B 164 -65.09 3.53 21.76
N PRO B 165 -65.69 2.87 20.77
CA PRO B 165 -66.91 3.41 20.15
C PRO B 165 -68.05 3.43 21.16
N GLY B 166 -68.74 4.57 21.23
CA GLY B 166 -69.79 4.78 22.22
C GLY B 166 -69.36 5.56 23.44
N GLN B 167 -68.08 5.90 23.55
CA GLN B 167 -67.55 6.68 24.66
C GLN B 167 -67.15 8.05 24.17
N THR B 168 -67.20 9.03 25.08
CA THR B 168 -66.84 10.41 24.74
C THR B 168 -65.43 10.48 24.20
N ARG B 169 -65.29 10.94 22.97
CA ARG B 169 -63.98 11.02 22.33
C ARG B 169 -63.09 12.04 23.04
N ALA B 170 -61.78 11.80 22.95
CA ALA B 170 -60.81 12.74 23.49
C ALA B 170 -60.66 13.92 22.52
N THR B 171 -60.94 15.12 23.01
CA THR B 171 -60.84 16.32 22.18
C THR B 171 -59.38 16.53 21.81
N CYS B 172 -59.01 16.11 20.60
CA CYS B 172 -57.64 16.23 20.15
C CYS B 172 -57.33 17.67 19.79
N GLU B 173 -56.37 18.27 20.49
CA GLU B 173 -55.95 19.62 20.15
C GLU B 173 -55.25 19.61 18.79
N ARG B 174 -55.38 20.75 18.08
CA ARG B 174 -54.88 20.82 16.71
C ARG B 174 -53.38 20.56 16.65
N HIS B 175 -52.62 21.13 17.58
CA HIS B 175 -51.16 21.01 17.61
C HIS B 175 -50.54 21.44 16.29
N GLU B 176 -51.22 22.33 15.56
CA GLU B 176 -50.65 22.90 14.36
C GLU B 176 -49.47 23.82 14.66
N LEU B 177 -49.30 24.23 15.91
CA LEU B 177 -48.14 24.99 16.34
C LEU B 177 -47.03 24.04 16.78
N PRO B 178 -45.80 24.25 16.35
CA PRO B 178 -44.69 23.40 16.79
C PRO B 178 -44.45 23.53 18.29
N LYS B 179 -43.58 22.64 18.79
CA LYS B 179 -43.32 22.59 20.22
C LYS B 179 -42.66 23.88 20.71
N CYS B 180 -41.63 24.35 20.00
CA CYS B 180 -40.94 25.57 20.39
C CYS B 180 -41.89 26.76 20.42
N LEU B 181 -42.76 26.88 19.40
CA LEU B 181 -43.77 27.94 19.43
C LEU B 181 -44.81 27.69 20.51
N LYS B 182 -45.12 26.43 20.82
CA LYS B 182 -46.07 26.13 21.87
C LYS B 182 -45.57 26.58 23.23
N GLU B 183 -44.25 26.53 23.45
CA GLU B 183 -43.69 27.11 24.66
C GLU B 183 -43.46 28.61 24.54
N ARG B 184 -43.32 29.12 23.31
CA ARG B 184 -43.33 30.56 23.10
C ARG B 184 -44.66 31.16 23.51
N GLN B 185 -45.75 30.38 23.42
CA GLN B 185 -47.02 30.79 23.98
C GLN B 185 -46.90 31.06 25.47
N VAL B 186 -46.14 30.23 26.18
CA VAL B 186 -45.91 30.42 27.61
C VAL B 186 -45.08 31.69 27.78
N ALA B 187 -45.69 32.72 28.36
CA ALA B 187 -45.05 34.02 28.55
C ALA B 187 -44.54 34.59 27.23
N PHE B 198 -38.21 30.56 30.75
CA PHE B 198 -37.26 31.33 29.96
C PHE B 198 -37.85 31.69 28.61
N VAL B 199 -36.99 32.05 27.66
CA VAL B 199 -37.40 32.36 26.30
C VAL B 199 -36.71 31.40 25.34
N PRO B 200 -37.44 30.52 24.66
CA PRO B 200 -36.79 29.65 23.68
C PRO B 200 -36.85 30.21 22.27
N GLN B 201 -35.72 30.73 21.78
CA GLN B 201 -35.70 31.27 20.42
C GLN B 201 -35.84 30.15 19.41
N CYS B 202 -36.79 30.31 18.49
CA CYS B 202 -37.06 29.33 17.45
C CYS B 202 -36.75 29.93 16.08
N ASP B 203 -36.61 29.06 15.08
CA ASP B 203 -36.36 29.49 13.72
C ASP B 203 -37.68 29.93 13.08
N GLU B 204 -37.68 30.15 11.77
CA GLU B 204 -38.90 30.55 11.09
C GLU B 204 -39.92 29.43 11.07
N LYS B 205 -39.48 28.17 11.05
CA LYS B 205 -40.39 27.04 10.99
C LYS B 205 -40.90 26.62 12.37
N GLY B 206 -40.51 27.33 13.43
CA GLY B 206 -41.01 27.02 14.75
C GLY B 206 -40.26 25.92 15.48
N ASN B 207 -39.08 25.55 15.00
CA ASN B 207 -38.28 24.51 15.64
C ASN B 207 -37.20 25.14 16.51
N TYR B 208 -36.71 24.36 17.47
CA TYR B 208 -35.73 24.85 18.43
C TYR B 208 -34.42 25.22 17.75
N GLU B 209 -33.87 26.36 18.15
CA GLU B 209 -32.52 26.73 17.72
C GLU B 209 -31.49 25.89 18.48
N PRO B 210 -30.43 25.45 17.81
CA PRO B 210 -29.39 24.69 18.53
C PRO B 210 -28.78 25.45 19.70
N GLN B 211 -28.40 26.70 19.48
CA GLN B 211 -27.86 27.54 20.54
C GLN B 211 -29.00 28.23 21.26
N GLN B 212 -29.08 28.03 22.57
CA GLN B 212 -30.12 28.61 23.41
C GLN B 212 -29.46 29.51 24.45
N PHE B 213 -29.72 30.81 24.36
CA PHE B 213 -29.11 31.79 25.24
C PHE B 213 -30.17 32.37 26.18
N HIS B 214 -29.88 32.35 27.47
CA HIS B 214 -30.79 32.91 28.46
C HIS B 214 -30.60 34.42 28.56
N GLY B 215 -31.71 35.15 28.65
CA GLY B 215 -31.68 36.60 28.62
C GLY B 215 -31.26 37.25 29.92
N SER B 216 -31.89 36.86 31.02
CA SER B 216 -31.60 37.48 32.32
C SER B 216 -30.15 37.25 32.72
N THR B 217 -29.75 35.99 32.80
CA THR B 217 -28.35 35.67 33.06
C THR B 217 -27.59 35.66 31.74
N GLY B 218 -26.35 35.18 31.76
CA GLY B 218 -25.57 34.98 30.56
C GLY B 218 -25.35 33.54 30.18
N TYR B 219 -25.98 32.60 30.88
CA TYR B 219 -25.78 31.19 30.58
C TYR B 219 -26.35 30.83 29.22
N SER B 220 -25.59 30.04 28.46
CA SER B 220 -26.01 29.56 27.15
C SER B 220 -25.73 28.06 27.06
N TRP B 221 -26.58 27.35 26.33
CA TRP B 221 -26.48 25.91 26.24
C TRP B 221 -26.91 25.46 24.85
N CYS B 222 -26.89 24.13 24.64
CA CYS B 222 -27.35 23.51 23.42
C CYS B 222 -28.50 22.58 23.73
N VAL B 223 -29.41 22.42 22.76
CA VAL B 223 -30.58 21.58 22.93
C VAL B 223 -30.71 20.66 21.73
N ASN B 224 -31.55 19.63 21.90
CA ASN B 224 -31.88 18.74 20.79
C ASN B 224 -32.96 19.40 19.93
N ALA B 225 -33.58 18.62 19.05
CA ALA B 225 -34.74 19.14 18.33
C ALA B 225 -35.94 19.27 19.25
N ILE B 226 -36.05 18.39 20.25
CA ILE B 226 -37.16 18.44 21.19
C ILE B 226 -36.99 19.59 22.16
N GLY B 227 -35.76 19.98 22.48
CA GLY B 227 -35.52 21.14 23.32
C GLY B 227 -34.95 20.82 24.68
N GLU B 228 -34.21 19.71 24.79
CA GLU B 228 -33.60 19.30 26.04
C GLU B 228 -32.11 19.61 26.00
N GLU B 229 -31.60 20.17 27.09
CA GLU B 229 -30.20 20.57 27.13
C GLU B 229 -29.28 19.36 27.06
N ILE B 230 -28.20 19.50 26.29
CA ILE B 230 -27.17 18.48 26.18
C ILE B 230 -26.18 18.67 27.32
N ALA B 231 -25.73 17.57 27.90
CA ALA B 231 -24.84 17.63 29.05
C ALA B 231 -23.46 18.15 28.63
N GLY B 232 -22.99 19.18 29.33
CA GLY B 232 -21.68 19.75 29.08
C GLY B 232 -21.67 21.00 28.24
N THR B 233 -22.83 21.51 27.84
CA THR B 233 -22.91 22.71 27.00
C THR B 233 -23.20 23.98 27.79
N LYS B 234 -23.51 23.86 29.09
CA LYS B 234 -23.76 25.04 29.92
C LYS B 234 -22.47 25.83 30.09
N THR B 235 -22.42 27.00 29.48
CA THR B 235 -21.24 27.86 29.54
C THR B 235 -21.58 29.15 30.26
N PRO B 236 -20.86 29.50 31.33
CA PRO B 236 -21.15 30.76 32.04
C PRO B 236 -20.89 31.96 31.15
N PRO B 237 -21.51 33.10 31.44
CA PRO B 237 -21.24 34.31 30.66
C PRO B 237 -19.77 34.71 30.75
N GLY B 238 -19.26 35.27 29.66
CA GLY B 238 -17.86 35.61 29.57
C GLY B 238 -16.95 34.48 29.13
N LYS B 239 -17.45 33.25 29.07
CA LYS B 239 -16.68 32.11 28.60
C LYS B 239 -17.16 31.66 27.24
N ILE B 240 -16.25 31.06 26.48
CA ILE B 240 -16.51 30.64 25.10
C ILE B 240 -17.64 29.62 25.08
N PRO B 241 -18.76 29.92 24.46
CA PRO B 241 -19.88 28.96 24.46
C PRO B 241 -19.57 27.75 23.59
N ALA B 242 -20.16 26.62 23.97
CA ALA B 242 -20.01 25.41 23.19
C ALA B 242 -20.75 25.54 21.87
N THR B 243 -20.05 25.31 20.76
CA THR B 243 -20.65 25.38 19.44
C THR B 243 -21.68 24.26 19.29
N CYS B 244 -22.95 24.63 19.14
CA CYS B 244 -24.01 23.65 19.11
C CYS B 244 -24.15 23.03 17.71
N GLN B 245 -24.49 21.75 17.68
CA GLN B 245 -24.72 21.02 16.45
C GLN B 245 -26.21 21.00 16.12
N LYS B 246 -26.51 21.01 14.83
CA LYS B 246 -27.90 20.97 14.40
C LYS B 246 -28.48 19.58 14.64
N HIS B 247 -29.69 19.53 15.20
CA HIS B 247 -30.34 18.28 15.55
C HIS B 247 -31.65 18.14 14.79
N ASP B 248 -31.96 16.91 14.40
CA ASP B 248 -33.20 16.59 13.71
C ASP B 248 -33.83 15.37 14.37
N LEU B 249 -35.16 15.35 14.42
CA LEU B 249 -35.89 14.31 15.13
C LEU B 249 -36.47 13.31 14.14
N VAL B 250 -36.17 12.03 14.34
CA VAL B 250 -36.70 10.94 13.54
C VAL B 250 -37.71 10.17 14.39
N THR B 251 -38.82 9.76 13.76
CA THR B 251 -39.89 9.10 14.49
C THR B 251 -39.67 7.59 14.61
N THR B 252 -39.56 6.90 13.48
CA THR B 252 -39.40 5.45 13.46
C THR B 252 -37.92 5.11 13.42
N CYS B 253 -37.41 4.54 14.51
CA CYS B 253 -36.00 4.21 14.65
C CYS B 253 -35.83 2.71 14.85
N HIS B 254 -34.82 2.14 14.18
CA HIS B 254 -34.48 0.73 14.31
C HIS B 254 -33.22 0.60 15.15
N TYR B 255 -33.25 -0.30 16.13
CA TYR B 255 -32.17 -0.44 17.11
C TYR B 255 -31.50 -1.79 16.98
N ALA B 256 -30.23 -1.85 17.39
CA ALA B 256 -29.51 -3.09 17.53
C ALA B 256 -29.64 -3.58 18.96
N VAL B 257 -30.11 -4.82 19.12
CA VAL B 257 -30.44 -5.36 20.43
C VAL B 257 -29.82 -6.73 20.60
N ALA B 258 -29.58 -7.09 21.86
CA ALA B 258 -29.13 -8.42 22.24
C ALA B 258 -30.32 -9.14 22.88
N MET B 259 -30.77 -10.22 22.24
CA MET B 259 -31.88 -11.01 22.74
C MET B 259 -31.35 -12.29 23.39
N VAL B 260 -31.88 -12.61 24.55
CA VAL B 260 -31.50 -13.81 25.30
C VAL B 260 -32.76 -14.58 25.63
N LYS B 261 -32.57 -15.82 26.10
CA LYS B 261 -33.68 -16.59 26.65
C LYS B 261 -33.83 -16.28 28.13
N LYS B 262 -35.09 -16.31 28.60
CA LYS B 262 -35.33 -16.17 30.03
C LYS B 262 -34.75 -17.33 30.82
N SER B 263 -34.51 -18.47 30.18
CA SER B 263 -33.87 -19.61 30.84
C SER B 263 -32.47 -19.27 31.30
N SER B 264 -31.76 -18.42 30.55
CA SER B 264 -30.40 -18.03 30.91
C SER B 264 -30.42 -17.07 32.09
N ALA B 265 -29.24 -16.82 32.64
CA ALA B 265 -29.11 -15.94 33.79
C ALA B 265 -27.93 -14.97 33.71
N PHE B 266 -27.09 -15.04 32.68
CA PHE B 266 -25.95 -14.15 32.58
C PHE B 266 -26.38 -12.73 32.27
N GLN B 267 -25.49 -11.79 32.54
CA GLN B 267 -25.70 -10.38 32.24
C GLN B 267 -24.73 -9.95 31.14
N PHE B 268 -24.75 -8.65 30.83
CA PHE B 268 -23.96 -8.15 29.71
C PHE B 268 -22.47 -8.21 30.01
N ASN B 269 -22.07 -8.02 31.25
CA ASN B 269 -20.66 -8.08 31.62
C ASN B 269 -20.12 -9.49 31.66
N GLN B 270 -20.96 -10.50 31.43
CA GLN B 270 -20.58 -11.90 31.49
C GLN B 270 -20.72 -12.56 30.13
N LEU B 271 -20.41 -11.82 29.07
CA LEU B 271 -20.53 -12.35 27.71
C LEU B 271 -19.30 -13.13 27.27
N LYS B 272 -18.16 -12.93 27.91
CA LYS B 272 -16.95 -13.62 27.49
C LYS B 272 -17.09 -15.13 27.69
N GLY B 273 -16.72 -15.89 26.67
CA GLY B 273 -16.86 -17.33 26.70
C GLY B 273 -18.23 -17.86 26.34
N LYS B 274 -19.20 -16.97 26.09
CA LYS B 274 -20.53 -17.40 25.72
C LYS B 274 -20.63 -17.67 24.22
N ARG B 275 -21.69 -18.37 23.83
CA ARG B 275 -21.98 -18.64 22.44
C ARG B 275 -22.97 -17.60 21.93
N SER B 276 -22.71 -17.07 20.73
CA SER B 276 -23.51 -15.98 20.19
C SER B 276 -23.93 -16.27 18.76
N CYS B 277 -25.06 -15.68 18.37
CA CYS B 277 -25.55 -15.69 17.01
C CYS B 277 -25.59 -14.25 16.53
N HIS B 278 -25.10 -14.01 15.31
CA HIS B 278 -25.02 -12.67 14.76
C HIS B 278 -25.69 -12.65 13.40
N SER B 279 -26.33 -11.52 13.08
CA SER B 279 -26.94 -11.38 11.77
C SER B 279 -25.89 -11.34 10.66
N GLY B 280 -24.74 -10.74 10.94
CA GLY B 280 -23.66 -10.64 9.98
C GLY B 280 -22.41 -10.00 10.56
N VAL B 281 -21.25 -10.36 10.02
CA VAL B 281 -19.99 -9.82 10.56
C VAL B 281 -19.81 -8.37 10.17
N SER B 282 -20.43 -7.94 9.06
CA SER B 282 -20.25 -6.59 8.55
C SER B 282 -21.47 -5.71 8.78
N LYS B 283 -22.52 -6.21 9.43
CA LYS B 283 -23.71 -5.44 9.68
C LYS B 283 -23.60 -4.66 10.99
N THR B 284 -24.37 -3.58 11.07
CA THR B 284 -24.38 -2.78 12.30
C THR B 284 -25.16 -3.48 13.41
N ASP B 285 -26.31 -4.06 13.07
CA ASP B 285 -27.19 -4.66 14.06
C ASP B 285 -26.63 -5.95 14.66
N GLY B 286 -25.48 -6.44 14.18
CA GLY B 286 -24.95 -7.68 14.69
C GLY B 286 -23.49 -7.63 15.12
N TRP B 287 -22.75 -6.62 14.67
CA TRP B 287 -21.32 -6.59 14.94
C TRP B 287 -20.83 -5.20 15.35
N LYS B 288 -21.03 -4.20 14.48
CA LYS B 288 -20.42 -2.89 14.67
C LYS B 288 -20.85 -2.27 15.99
N ALA B 289 -22.17 -2.18 16.22
CA ALA B 289 -22.66 -1.60 17.46
C ALA B 289 -22.25 -2.44 18.66
N LEU B 290 -22.28 -3.77 18.51
CA LEU B 290 -21.87 -4.65 19.60
C LEU B 290 -20.41 -4.44 19.94
N VAL B 291 -19.55 -4.37 18.92
CA VAL B 291 -18.13 -4.13 19.17
C VAL B 291 -17.92 -2.78 19.83
N THR B 292 -18.66 -1.77 19.40
CA THR B 292 -18.56 -0.44 20.00
C THR B 292 -18.90 -0.49 21.48
N VAL B 293 -20.00 -1.18 21.82
CA VAL B 293 -20.41 -1.28 23.23
C VAL B 293 -19.37 -2.05 24.03
N LEU B 294 -18.87 -3.16 23.48
CA LEU B 294 -17.90 -3.98 24.21
C LEU B 294 -16.62 -3.21 24.47
N VAL B 295 -16.16 -2.41 23.50
CA VAL B 295 -14.96 -1.61 23.71
C VAL B 295 -15.24 -0.48 24.69
N GLU B 296 -16.44 0.10 24.64
CA GLU B 296 -16.78 1.19 25.54
C GLU B 296 -16.83 0.72 26.99
N LYS B 297 -17.47 -0.42 27.24
CA LYS B 297 -17.55 -0.96 28.59
C LYS B 297 -16.25 -1.64 29.02
N LYS B 298 -15.23 -1.62 28.17
CA LYS B 298 -13.91 -2.19 28.49
C LYS B 298 -13.99 -3.67 28.84
N LEU B 299 -14.89 -4.39 28.16
CA LEU B 299 -15.00 -5.83 28.32
C LEU B 299 -14.26 -6.60 27.24
N LEU B 300 -13.76 -5.92 26.21
CA LEU B 300 -13.11 -6.56 25.08
C LEU B 300 -11.64 -6.16 25.08
N SER B 301 -10.77 -7.12 25.38
CA SER B 301 -9.32 -6.91 25.34
C SER B 301 -8.90 -6.73 23.88
N TRP B 302 -8.67 -5.48 23.48
CA TRP B 302 -8.31 -5.17 22.11
C TRP B 302 -7.41 -3.94 22.12
N ASP B 303 -6.24 -4.05 21.49
CA ASP B 303 -5.24 -3.00 21.52
C ASP B 303 -5.32 -2.06 20.32
N GLY B 304 -6.42 -2.08 19.59
CA GLY B 304 -6.58 -1.18 18.45
C GLY B 304 -6.40 -1.90 17.13
N PRO B 305 -6.94 -1.31 16.05
CA PRO B 305 -6.83 -1.95 14.73
C PRO B 305 -5.42 -1.99 14.18
N ALA B 306 -4.47 -1.27 14.78
CA ALA B 306 -3.10 -1.27 14.28
C ALA B 306 -2.33 -2.50 14.73
N LYS B 307 -2.65 -3.05 15.90
CA LYS B 307 -1.94 -4.22 16.42
C LYS B 307 -2.73 -5.51 16.25
N GLU B 308 -4.05 -5.44 16.06
CA GLU B 308 -4.87 -6.64 16.03
C GLU B 308 -6.18 -6.33 15.33
N SER B 309 -6.62 -7.24 14.47
CA SER B 309 -7.91 -7.09 13.84
C SER B 309 -9.03 -7.33 14.85
N ILE B 310 -10.18 -6.71 14.60
CA ILE B 310 -11.28 -6.82 15.54
C ILE B 310 -11.85 -8.23 15.56
N GLN B 311 -11.79 -8.94 14.43
CA GLN B 311 -12.31 -10.30 14.39
C GLN B 311 -11.50 -11.22 15.30
N ARG B 312 -10.19 -11.04 15.35
CA ARG B 312 -9.36 -11.87 16.23
C ARG B 312 -9.70 -11.64 17.70
N ALA B 313 -9.86 -10.38 18.10
CA ALA B 313 -10.22 -10.09 19.49
C ALA B 313 -11.60 -10.64 19.82
N MET B 314 -12.55 -10.49 18.90
CA MET B 314 -13.89 -11.01 19.14
C MET B 314 -13.91 -12.54 19.20
N SER B 315 -13.05 -13.20 18.42
CA SER B 315 -12.95 -14.65 18.47
C SER B 315 -12.28 -15.12 19.76
N LYS B 316 -11.33 -14.34 20.27
CA LYS B 316 -10.80 -14.63 21.61
C LYS B 316 -11.81 -14.32 22.70
N PHE B 317 -12.82 -13.49 22.39
CA PHE B 317 -13.84 -13.15 23.37
C PHE B 317 -14.90 -14.25 23.46
N PHE B 318 -15.52 -14.59 22.34
CA PHE B 318 -16.54 -15.63 22.33
C PHE B 318 -15.90 -17.02 22.21
N SER B 319 -16.69 -18.04 22.53
CA SER B 319 -16.21 -19.42 22.49
C SER B 319 -16.52 -20.06 21.13
N VAL B 320 -17.81 -20.28 20.87
CA VAL B 320 -18.26 -20.84 19.60
C VAL B 320 -19.50 -20.06 19.16
N SER B 321 -19.44 -19.46 17.97
CA SER B 321 -20.50 -18.60 17.50
C SER B 321 -20.78 -18.88 16.04
N CYS B 322 -21.84 -18.25 15.52
CA CYS B 322 -22.16 -18.25 14.09
C CYS B 322 -22.27 -16.78 13.66
N ILE B 323 -21.18 -16.26 13.10
CA ILE B 323 -21.15 -14.90 12.59
C ILE B 323 -20.89 -14.97 11.09
N PRO B 324 -21.94 -14.97 10.27
CA PRO B 324 -21.74 -15.17 8.82
C PRO B 324 -20.81 -14.13 8.23
N GLY B 325 -19.87 -14.60 7.41
CA GLY B 325 -18.85 -13.76 6.83
C GLY B 325 -17.54 -13.72 7.60
N ALA B 326 -17.51 -14.25 8.82
CA ALA B 326 -16.30 -14.18 9.63
C ALA B 326 -15.22 -15.10 9.08
N THR B 327 -13.98 -14.63 9.16
CA THR B 327 -12.82 -15.42 8.74
C THR B 327 -12.18 -16.18 9.90
N GLN B 328 -12.76 -16.10 11.10
CA GLN B 328 -12.33 -16.90 12.24
C GLN B 328 -13.19 -18.15 12.33
N THR B 329 -12.54 -19.32 12.39
CA THR B 329 -13.27 -20.58 12.30
C THR B 329 -14.19 -20.79 13.51
N ASN B 330 -13.74 -20.41 14.70
CA ASN B 330 -14.58 -20.60 15.88
C ASN B 330 -15.81 -19.71 15.84
N LEU B 331 -15.72 -18.56 15.17
CA LEU B 331 -16.89 -17.71 14.97
C LEU B 331 -17.81 -18.23 13.89
N CYS B 332 -17.44 -19.31 13.20
CA CYS B 332 -18.28 -19.95 12.19
C CYS B 332 -18.70 -21.35 12.59
N LYS B 333 -18.48 -21.74 13.85
CA LYS B 333 -18.75 -23.12 14.26
C LYS B 333 -20.24 -23.40 14.34
N GLN B 334 -21.02 -22.47 14.92
CA GLN B 334 -22.42 -22.72 15.20
C GLN B 334 -23.33 -22.53 13.99
N CYS B 335 -22.79 -22.26 12.81
CA CYS B 335 -23.62 -22.10 11.63
C CYS B 335 -24.05 -23.46 11.10
N LYS B 336 -25.25 -23.49 10.50
CA LYS B 336 -25.86 -24.72 10.03
C LYS B 336 -25.86 -24.86 8.52
N GLY B 337 -25.09 -24.05 7.81
CA GLY B 337 -25.01 -24.20 6.37
C GLY B 337 -24.20 -25.43 5.97
N GLU B 338 -24.55 -25.99 4.82
CA GLU B 338 -23.86 -27.17 4.32
C GLU B 338 -22.51 -26.75 3.74
N GLU B 339 -21.83 -27.70 3.08
CA GLU B 339 -20.52 -27.40 2.53
C GLU B 339 -20.61 -26.34 1.44
N GLY B 340 -19.71 -25.37 1.51
CA GLY B 340 -19.71 -24.29 0.53
C GLY B 340 -20.61 -23.15 0.95
N LYS B 341 -21.74 -23.48 1.58
CA LYS B 341 -22.70 -22.48 2.03
C LYS B 341 -22.52 -22.11 3.50
N ASN B 342 -21.63 -22.78 4.23
CA ASN B 342 -21.52 -22.57 5.66
C ASN B 342 -20.92 -21.20 5.96
N CYS B 343 -21.57 -20.46 6.85
CA CYS B 343 -21.09 -19.18 7.37
C CYS B 343 -20.97 -18.11 6.29
N LYS B 344 -21.64 -18.28 5.16
CA LYS B 344 -21.61 -17.29 4.10
C LYS B 344 -22.52 -16.11 4.44
N ASN B 345 -22.11 -14.92 3.98
CA ASN B 345 -22.98 -13.75 4.05
C ASN B 345 -24.11 -13.90 3.04
N SER B 346 -25.01 -14.84 3.29
CA SER B 346 -26.01 -15.22 2.30
C SER B 346 -27.11 -16.01 2.98
N HIS B 347 -28.34 -15.87 2.48
CA HIS B 347 -29.45 -16.63 3.01
C HIS B 347 -29.32 -18.12 2.77
N ASP B 348 -28.34 -18.55 1.96
CA ASP B 348 -28.00 -19.97 1.88
C ASP B 348 -27.58 -20.50 3.25
N GLU B 349 -27.04 -19.64 4.10
CA GLU B 349 -26.81 -19.99 5.49
C GLU B 349 -28.12 -19.81 6.27
N PRO B 350 -28.63 -20.86 6.92
CA PRO B 350 -29.90 -20.71 7.64
C PRO B 350 -29.85 -19.73 8.79
N TYR B 351 -28.67 -19.44 9.33
CA TYR B 351 -28.53 -18.53 10.46
C TYR B 351 -28.12 -17.12 10.04
N TYR B 352 -28.13 -16.83 8.75
CA TYR B 352 -27.79 -15.50 8.27
C TYR B 352 -28.97 -14.54 8.43
N GLY B 353 -28.64 -13.28 8.70
CA GLY B 353 -29.66 -12.27 8.87
C GLY B 353 -30.19 -12.19 10.28
N ASN B 354 -31.11 -11.23 10.49
CA ASN B 354 -31.72 -11.06 11.81
C ASN B 354 -32.54 -12.28 12.19
N TYR B 355 -33.42 -12.73 11.29
CA TYR B 355 -34.24 -13.90 11.59
C TYR B 355 -33.40 -15.17 11.61
N GLY B 356 -32.29 -15.20 10.86
CA GLY B 356 -31.38 -16.33 10.96
C GLY B 356 -30.72 -16.42 12.34
N ALA B 357 -30.24 -15.28 12.84
CA ALA B 357 -29.69 -15.26 14.20
C ALA B 357 -30.75 -15.59 15.24
N PHE B 358 -32.00 -15.16 15.00
CA PHE B 358 -33.07 -15.52 15.92
C PHE B 358 -33.32 -17.03 15.91
N ARG B 359 -33.29 -17.65 14.73
CA ARG B 359 -33.42 -19.10 14.65
C ARG B 359 -32.26 -19.80 15.33
N CYS B 360 -31.06 -19.22 15.21
CA CYS B 360 -29.88 -19.77 15.89
C CYS B 360 -30.05 -19.71 17.40
N LEU B 361 -30.59 -18.61 17.93
CA LEU B 361 -30.84 -18.52 19.36
C LEU B 361 -31.95 -19.46 19.79
N LYS B 362 -32.98 -19.62 18.94
CA LYS B 362 -34.12 -20.48 19.27
C LYS B 362 -33.69 -21.92 19.42
N GLU B 363 -32.90 -22.43 18.47
CA GLU B 363 -32.44 -23.81 18.46
C GLU B 363 -31.27 -24.05 19.41
N ASP B 364 -31.01 -23.11 20.33
CA ASP B 364 -30.01 -23.25 21.38
C ASP B 364 -28.59 -23.43 20.83
N MET B 365 -28.35 -23.01 19.58
CA MET B 365 -26.98 -23.01 19.07
C MET B 365 -26.17 -21.86 19.64
N GLY B 366 -26.82 -20.86 20.21
CA GLY B 366 -26.12 -19.74 20.83
C GLY B 366 -26.86 -19.30 22.07
N ASP B 367 -26.10 -18.70 23.00
CA ASP B 367 -26.67 -18.21 24.25
C ASP B 367 -27.30 -16.84 24.10
N VAL B 368 -27.02 -16.11 23.02
CA VAL B 368 -27.51 -14.76 22.82
C VAL B 368 -27.55 -14.52 21.31
N ALA B 369 -28.40 -13.59 20.88
CA ALA B 369 -28.53 -13.25 19.47
C ALA B 369 -28.51 -11.73 19.32
N PHE B 370 -27.56 -11.24 18.53
CA PHE B 370 -27.43 -9.80 18.29
C PHE B 370 -28.06 -9.48 16.94
N LEU B 371 -29.12 -8.66 16.95
CA LEU B 371 -29.90 -8.47 15.74
C LEU B 371 -30.68 -7.16 15.83
N ARG B 372 -31.33 -6.81 14.72
CA ARG B 372 -32.09 -5.57 14.65
C ARG B 372 -33.44 -5.74 15.33
N SER B 373 -33.97 -4.63 15.84
CA SER B 373 -35.23 -4.64 16.57
C SER B 373 -36.43 -4.94 15.69
N THR B 374 -36.27 -4.95 14.36
CA THR B 374 -37.38 -5.26 13.48
C THR B 374 -37.81 -6.72 13.57
N ALA B 375 -36.96 -7.59 14.08
CA ALA B 375 -37.29 -9.00 14.27
C ALA B 375 -37.94 -9.28 15.61
N LEU B 376 -38.33 -8.24 16.34
CA LEU B 376 -38.93 -8.39 17.67
C LEU B 376 -40.45 -8.37 17.56
N SER B 377 -41.09 -9.41 18.08
CA SER B 377 -42.54 -9.51 18.06
C SER B 377 -43.03 -9.94 19.44
N ASP B 378 -44.35 -9.83 19.64
CA ASP B 378 -44.95 -10.18 20.92
C ASP B 378 -44.97 -11.69 21.14
N GLU B 379 -44.86 -12.48 20.08
CA GLU B 379 -44.82 -13.94 20.17
C GLU B 379 -43.51 -14.47 20.71
N HIS B 380 -42.60 -13.58 21.12
CA HIS B 380 -41.30 -13.96 21.64
C HIS B 380 -41.06 -13.45 23.06
N SER B 381 -42.01 -12.71 23.64
CA SER B 381 -41.81 -12.11 24.95
C SER B 381 -42.04 -13.08 26.10
N GLU B 382 -42.54 -14.28 25.83
CA GLU B 382 -42.80 -15.22 26.92
C GLU B 382 -41.57 -16.06 27.25
N VAL B 383 -40.73 -16.34 26.25
CA VAL B 383 -39.52 -17.13 26.45
C VAL B 383 -38.26 -16.28 26.38
N TYR B 384 -38.23 -15.23 25.55
CA TYR B 384 -37.05 -14.41 25.40
C TYR B 384 -37.19 -13.09 26.17
N GLU B 385 -36.06 -12.41 26.32
CA GLU B 385 -36.00 -11.08 26.88
C GLU B 385 -34.79 -10.38 26.27
N LEU B 386 -34.55 -9.14 26.70
CA LEU B 386 -33.48 -8.33 26.12
C LEU B 386 -32.39 -8.10 27.15
N LEU B 387 -31.16 -8.45 26.78
CA LEU B 387 -30.00 -8.18 27.62
C LEU B 387 -29.53 -6.75 27.35
N CYS B 388 -29.35 -5.98 28.41
CA CYS B 388 -29.05 -4.56 28.25
C CYS B 388 -27.61 -4.26 28.67
N PRO B 389 -26.99 -3.23 28.07
CA PRO B 389 -25.59 -2.92 28.42
C PRO B 389 -25.39 -2.47 29.85
N ASP B 390 -26.45 -2.25 30.62
CA ASP B 390 -26.32 -1.90 32.04
C ASP B 390 -26.34 -3.13 32.94
N ASN B 391 -26.01 -4.31 32.39
CA ASN B 391 -25.95 -5.56 33.15
C ASN B 391 -27.30 -5.93 33.76
N THR B 392 -28.38 -5.61 33.05
CA THR B 392 -29.73 -5.96 33.49
C THR B 392 -30.44 -6.68 32.35
N ARG B 393 -31.70 -7.06 32.61
CA ARG B 393 -32.53 -7.73 31.62
C ARG B 393 -33.93 -7.13 31.67
N LYS B 394 -34.45 -6.72 30.52
CA LYS B 394 -35.74 -6.07 30.41
C LYS B 394 -36.58 -6.77 29.37
N PRO B 395 -37.91 -6.62 29.42
CA PRO B 395 -38.77 -7.21 28.40
C PRO B 395 -38.46 -6.67 27.01
N LEU B 396 -39.03 -7.34 26.00
CA LEU B 396 -38.78 -6.96 24.62
C LEU B 396 -39.29 -5.55 24.34
N ASN B 397 -40.51 -5.25 24.78
CA ASN B 397 -41.13 -3.96 24.55
C ASN B 397 -40.30 -2.79 25.08
N LYS B 398 -39.29 -3.06 25.91
CA LYS B 398 -38.38 -2.02 26.40
C LYS B 398 -37.15 -1.86 25.53
N TYR B 399 -37.24 -2.17 24.23
CA TYR B 399 -36.06 -2.13 23.37
C TYR B 399 -35.54 -0.71 23.20
N LYS B 400 -36.41 0.29 23.29
CA LYS B 400 -35.94 1.68 23.26
C LYS B 400 -35.06 1.99 24.46
N GLU B 401 -35.28 1.31 25.57
CA GLU B 401 -34.51 1.51 26.80
C GLU B 401 -33.48 0.42 27.03
N CYS B 402 -33.33 -0.51 26.08
CA CYS B 402 -32.47 -1.68 26.24
C CYS B 402 -31.98 -2.09 24.83
N ASN B 403 -30.98 -1.36 24.34
CA ASN B 403 -30.45 -1.60 23.00
C ASN B 403 -28.96 -1.28 23.00
N LEU B 404 -28.34 -1.45 21.83
CA LEU B 404 -26.92 -1.20 21.64
C LEU B 404 -26.67 -0.03 20.69
N GLY B 405 -27.71 0.76 20.40
CA GLY B 405 -27.58 1.90 19.52
C GLY B 405 -28.54 1.85 18.36
N THR B 406 -28.72 2.99 17.68
CA THR B 406 -29.61 3.07 16.55
C THR B 406 -28.95 2.51 15.29
N VAL B 407 -29.77 2.08 14.35
CA VAL B 407 -29.29 1.50 13.11
C VAL B 407 -29.84 2.30 11.93
N PRO B 408 -29.00 3.00 11.18
CA PRO B 408 -29.49 3.71 9.99
C PRO B 408 -29.93 2.73 8.92
N ALA B 409 -30.69 3.26 7.96
CA ALA B 409 -31.20 2.43 6.88
C ALA B 409 -30.10 2.08 5.90
N GLY B 410 -30.21 0.89 5.30
CA GLY B 410 -29.33 0.50 4.24
C GLY B 410 -29.58 1.31 2.98
N THR B 411 -28.83 0.99 1.93
CA THR B 411 -28.95 1.76 0.70
C THR B 411 -28.58 0.90 -0.49
N VAL B 412 -29.17 1.25 -1.64
CA VAL B 412 -28.79 0.66 -2.91
C VAL B 412 -27.47 1.28 -3.36
N VAL B 413 -26.52 0.43 -3.73
CA VAL B 413 -25.20 0.87 -4.15
C VAL B 413 -24.94 0.37 -5.57
N THR B 414 -24.20 1.19 -6.31
CA THR B 414 -23.65 0.86 -7.61
C THR B 414 -22.19 1.26 -7.64
N ARG B 415 -21.58 1.30 -8.82
CA ARG B 415 -20.18 1.70 -8.93
C ARG B 415 -20.01 3.18 -8.60
N LYS B 416 -18.80 3.53 -8.14
CA LYS B 416 -18.50 4.92 -7.82
C LYS B 416 -18.62 5.81 -9.06
N ILE B 417 -18.29 5.26 -10.24
CA ILE B 417 -18.44 6.01 -11.48
C ILE B 417 -19.91 6.26 -11.81
N SER B 418 -20.81 5.45 -11.24
CA SER B 418 -22.26 5.65 -11.35
C SER B 418 -22.72 5.74 -12.80
N ASP B 419 -22.45 4.66 -13.54
CA ASP B 419 -22.83 4.62 -14.96
C ASP B 419 -24.28 4.20 -15.13
N LYS B 420 -24.75 3.26 -14.31
CA LYS B 420 -26.10 2.72 -14.42
C LYS B 420 -27.06 3.33 -13.40
N THR B 421 -26.65 4.39 -12.70
CA THR B 421 -27.49 4.98 -11.68
C THR B 421 -28.83 5.45 -12.25
N GLU B 422 -28.81 6.01 -13.45
CA GLU B 422 -30.05 6.49 -14.07
C GLU B 422 -31.01 5.34 -14.33
N ASP B 423 -30.50 4.24 -14.89
CA ASP B 423 -31.36 3.09 -15.19
C ASP B 423 -31.89 2.45 -13.92
N ILE B 424 -31.03 2.29 -12.91
CA ILE B 424 -31.47 1.71 -11.64
C ILE B 424 -32.55 2.56 -11.01
N ASN B 425 -32.36 3.88 -11.00
CA ASN B 425 -33.34 4.77 -10.41
C ASN B 425 -34.66 4.75 -11.18
N ASN B 426 -34.59 4.76 -12.52
CA ASN B 426 -35.81 4.69 -13.31
C ASN B 426 -36.56 3.39 -13.02
N PHE B 427 -35.85 2.27 -13.02
CA PHE B 427 -36.48 0.99 -12.72
C PHE B 427 -37.16 1.02 -11.36
N LEU B 428 -36.45 1.48 -10.32
CA LEU B 428 -37.00 1.42 -8.97
C LEU B 428 -38.18 2.37 -8.81
N MET B 429 -38.08 3.59 -9.36
CA MET B 429 -39.19 4.53 -9.23
C MET B 429 -40.42 4.05 -9.99
N GLU B 430 -40.23 3.50 -11.19
CA GLU B 430 -41.36 2.98 -11.94
C GLU B 430 -41.98 1.77 -11.25
N ALA B 431 -41.15 0.93 -10.63
CA ALA B 431 -41.66 -0.22 -9.89
C ALA B 431 -42.43 0.21 -8.66
N GLN B 432 -42.00 1.29 -8.00
CA GLN B 432 -42.73 1.79 -6.84
C GLN B 432 -44.04 2.45 -7.27
N LYS B 433 -44.06 3.12 -8.42
CA LYS B 433 -45.29 3.69 -8.92
C LYS B 433 -46.29 2.60 -9.30
N ARG B 434 -45.82 1.58 -10.01
CA ARG B 434 -46.66 0.46 -10.42
C ARG B 434 -46.92 -0.54 -9.30
N GLN B 435 -46.77 -0.10 -8.05
CA GLN B 435 -46.97 -0.91 -6.84
C GLN B 435 -46.48 -2.35 -7.01
N CYS B 436 -45.22 -2.47 -7.44
CA CYS B 436 -44.57 -3.77 -7.50
C CYS B 436 -44.14 -4.21 -6.12
N LYS B 437 -44.20 -5.53 -5.88
CA LYS B 437 -43.95 -6.09 -4.55
C LYS B 437 -42.44 -6.23 -4.36
N LEU B 438 -41.79 -5.10 -4.10
CA LEU B 438 -40.35 -5.10 -3.90
C LEU B 438 -39.95 -5.33 -2.44
N PHE B 439 -40.74 -4.81 -1.51
CA PHE B 439 -40.38 -4.82 -0.09
C PHE B 439 -41.08 -5.94 0.67
N SER B 440 -41.39 -7.05 0.00
CA SER B 440 -42.03 -8.20 0.62
C SER B 440 -41.93 -9.38 -0.33
N SER B 441 -41.92 -10.58 0.24
CA SER B 441 -41.84 -11.80 -0.55
C SER B 441 -42.30 -12.98 0.29
N ALA B 442 -43.03 -13.91 -0.35
CA ALA B 442 -43.39 -15.15 0.32
C ALA B 442 -42.21 -16.10 0.47
N HIS B 443 -41.08 -15.81 -0.18
CA HIS B 443 -39.89 -16.64 -0.06
C HIS B 443 -39.10 -16.37 1.21
N GLY B 444 -39.36 -15.27 1.89
CA GLY B 444 -38.65 -14.95 3.11
C GLY B 444 -38.73 -13.47 3.42
N LYS B 445 -38.27 -13.13 4.61
CA LYS B 445 -38.27 -11.76 5.08
C LYS B 445 -36.90 -11.12 4.87
N ASP B 446 -36.90 -9.81 4.61
CA ASP B 446 -35.69 -9.03 4.38
C ASP B 446 -34.88 -9.55 3.20
N LEU B 447 -35.56 -10.09 2.19
CA LEU B 447 -34.89 -10.49 0.95
C LEU B 447 -34.67 -9.28 0.06
N MET B 448 -33.51 -9.23 -0.59
CA MET B 448 -33.09 -8.08 -1.39
C MET B 448 -33.07 -6.80 -0.56
N PHE B 449 -34.25 -6.28 -0.23
CA PHE B 449 -34.38 -5.10 0.61
C PHE B 449 -34.92 -5.49 1.98
N ASP B 450 -34.83 -4.55 2.92
CA ASP B 450 -35.51 -4.72 4.20
C ASP B 450 -37.01 -4.59 4.00
N ASP B 451 -37.77 -5.52 4.59
CA ASP B 451 -39.22 -5.45 4.49
C ASP B 451 -39.81 -4.23 5.18
N SER B 452 -39.01 -3.51 5.98
CA SER B 452 -39.51 -2.35 6.71
C SER B 452 -39.54 -1.09 5.83
N THR B 453 -38.81 -1.07 4.73
CA THR B 453 -38.73 0.13 3.91
C THR B 453 -40.08 0.44 3.26
N LEU B 454 -40.40 1.72 3.18
CA LEU B 454 -41.65 2.19 2.57
C LEU B 454 -41.44 2.68 1.14
N GLN B 455 -40.51 3.59 0.94
CA GLN B 455 -40.28 4.20 -0.36
C GLN B 455 -38.79 4.47 -0.55
N LEU B 456 -38.25 4.07 -1.70
CA LEU B 456 -36.86 4.33 -2.04
C LEU B 456 -36.80 5.57 -2.93
N ALA B 457 -35.98 6.54 -2.51
CA ALA B 457 -35.81 7.79 -3.24
C ALA B 457 -34.37 7.93 -3.71
N LEU B 458 -34.21 8.63 -4.83
CA LEU B 458 -32.87 8.86 -5.37
C LEU B 458 -32.10 9.84 -4.52
N LEU B 459 -30.83 9.56 -4.30
CA LEU B 459 -29.93 10.45 -3.58
C LEU B 459 -29.17 11.32 -4.57
N SER B 460 -28.72 12.48 -4.09
CA SER B 460 -27.96 13.39 -4.93
C SER B 460 -26.65 12.74 -5.36
N SER B 461 -26.22 13.07 -6.58
CA SER B 461 -24.93 12.57 -7.08
C SER B 461 -23.77 13.03 -6.22
N GLU B 462 -23.94 14.12 -5.47
CA GLU B 462 -22.91 14.57 -4.55
C GLU B 462 -22.72 13.59 -3.38
N VAL B 463 -23.78 12.86 -3.01
CA VAL B 463 -23.72 12.01 -1.84
C VAL B 463 -22.76 10.86 -2.06
N ASP B 464 -21.85 10.66 -1.12
CA ASP B 464 -20.98 9.50 -1.09
C ASP B 464 -21.13 8.84 0.28
N ALA B 465 -20.15 8.02 0.66
CA ALA B 465 -20.25 7.32 1.94
C ALA B 465 -20.23 8.30 3.11
N PHE B 466 -19.37 9.31 3.06
CA PHE B 466 -19.27 10.27 4.15
C PHE B 466 -20.57 11.04 4.32
N LEU B 467 -21.14 11.51 3.22
CA LEU B 467 -22.38 12.29 3.31
C LEU B 467 -23.57 11.41 3.66
N TYR B 468 -23.57 10.14 3.23
CA TYR B 468 -24.68 9.25 3.56
C TYR B 468 -24.66 8.86 5.03
N LEU B 469 -23.46 8.63 5.58
CA LEU B 469 -23.34 8.18 6.96
C LEU B 469 -23.33 9.33 7.97
N GLY B 470 -22.98 10.53 7.55
CA GLY B 470 -22.81 11.63 8.48
C GLY B 470 -21.42 11.64 9.09
N VAL B 471 -21.05 12.80 9.65
CA VAL B 471 -19.69 13.00 10.13
C VAL B 471 -19.36 12.02 11.25
N LYS B 472 -20.22 11.95 12.27
CA LYS B 472 -19.95 11.10 13.43
C LYS B 472 -19.87 9.63 13.04
N LEU B 473 -20.88 9.14 12.32
CA LEU B 473 -20.90 7.72 11.97
C LEU B 473 -19.79 7.37 10.99
N PHE B 474 -19.47 8.29 10.07
CA PHE B 474 -18.35 8.03 9.16
C PHE B 474 -17.04 7.92 9.91
N HIS B 475 -16.78 8.83 10.86
CA HIS B 475 -15.55 8.74 11.62
C HIS B 475 -15.53 7.50 12.51
N ALA B 476 -16.69 7.07 13.01
CA ALA B 476 -16.76 5.85 13.79
C ALA B 476 -16.40 4.63 12.95
N MET B 477 -16.96 4.55 11.74
CA MET B 477 -16.62 3.44 10.85
C MET B 477 -15.15 3.49 10.44
N LYS B 478 -14.63 4.71 10.22
CA LYS B 478 -13.22 4.86 9.86
C LYS B 478 -12.30 4.38 10.99
N ALA B 479 -12.65 4.72 12.24
CA ALA B 479 -11.86 4.27 13.38
C ALA B 479 -11.99 2.76 13.59
N LEU B 480 -13.16 2.20 13.30
CA LEU B 480 -13.32 0.76 13.46
C LEU B 480 -12.54 -0.01 12.40
N THR B 481 -12.49 0.52 11.17
CA THR B 481 -11.68 -0.10 10.14
C THR B 481 -10.19 0.09 10.42
N GLY B 482 -9.81 1.18 11.07
CA GLY B 482 -8.43 1.45 11.39
C GLY B 482 -7.76 2.47 10.48
N ASP B 483 -8.51 3.19 9.66
CA ASP B 483 -7.94 4.19 8.76
C ASP B 483 -7.84 5.55 9.40
N ALA B 484 -8.05 5.65 10.72
CA ALA B 484 -8.05 6.94 11.39
C ALA B 484 -6.68 7.61 11.30
N HIS B 485 -6.67 8.85 10.83
CA HIS B 485 -5.43 9.62 10.76
C HIS B 485 -5.03 10.07 12.16
N LEU B 486 -3.83 9.68 12.58
CA LEU B 486 -3.30 10.14 13.85
C LEU B 486 -2.83 11.59 13.66
N PRO B 487 -3.46 12.55 14.34
CA PRO B 487 -3.20 13.96 14.03
C PRO B 487 -1.76 14.35 14.29
N SER B 488 -1.29 15.34 13.54
CA SER B 488 0.06 15.87 13.65
C SER B 488 -0.03 17.31 14.15
N LYS B 489 0.48 17.55 15.37
CA LYS B 489 0.47 18.88 15.95
C LYS B 489 1.52 19.80 15.35
N ASN B 490 2.33 19.32 14.41
CA ASN B 490 3.42 20.11 13.83
C ASN B 490 3.38 20.13 12.31
N LYS B 491 2.26 19.74 11.70
CA LYS B 491 2.11 19.76 10.25
C LYS B 491 0.68 20.13 9.90
N VAL B 492 0.53 20.98 8.89
CA VAL B 492 -0.77 21.46 8.44
C VAL B 492 -1.00 20.95 7.02
N ARG B 493 -2.10 20.22 6.82
CA ARG B 493 -2.49 19.75 5.50
C ARG B 493 -3.44 20.77 4.89
N TRP B 494 -2.93 21.58 3.97
CA TRP B 494 -3.70 22.61 3.32
C TRP B 494 -4.40 22.05 2.09
N CYS B 495 -5.67 22.40 1.92
CA CYS B 495 -6.48 21.88 0.84
C CYS B 495 -6.57 22.88 -0.30
N THR B 496 -6.28 22.41 -1.51
CA THR B 496 -6.35 23.24 -2.72
C THR B 496 -7.61 22.90 -3.52
N ILE B 497 -8.02 23.84 -4.35
CA ILE B 497 -9.26 23.73 -5.11
C ILE B 497 -9.04 23.69 -6.61
N ASN B 498 -7.80 23.80 -7.09
CA ASN B 498 -7.50 23.62 -8.51
C ASN B 498 -6.03 23.25 -8.64
N LYS B 499 -5.57 23.15 -9.88
CA LYS B 499 -4.19 22.72 -10.13
C LYS B 499 -3.18 23.81 -9.83
N LEU B 500 -3.50 25.07 -10.15
CA LEU B 500 -2.58 26.16 -9.88
C LEU B 500 -2.37 26.34 -8.38
N GLU B 501 -3.46 26.25 -7.60
CA GLU B 501 -3.33 26.26 -6.16
C GLU B 501 -2.49 25.08 -5.68
N LYS B 502 -2.61 23.93 -6.35
CA LYS B 502 -1.81 22.77 -5.98
C LYS B 502 -0.33 23.04 -6.22
N MET B 503 0.01 23.71 -7.32
CA MET B 503 1.41 24.02 -7.61
C MET B 503 1.97 25.02 -6.60
N LYS B 504 1.19 26.07 -6.30
CA LYS B 504 1.65 27.04 -5.31
C LYS B 504 1.81 26.40 -3.94
N CYS B 505 0.88 25.52 -3.56
CA CYS B 505 1.01 24.82 -2.29
C CYS B 505 2.20 23.87 -2.29
N ASP B 506 2.51 23.26 -3.44
CA ASP B 506 3.68 22.40 -3.52
C ASP B 506 4.96 23.20 -3.31
N ASP B 507 5.02 24.40 -3.90
CA ASP B 507 6.16 25.28 -3.63
C ASP B 507 6.26 25.62 -2.15
N TRP B 508 5.13 26.04 -1.56
CA TRP B 508 5.11 26.38 -0.14
C TRP B 508 5.56 25.21 0.73
N SER B 509 5.06 24.00 0.42
CA SER B 509 5.42 22.82 1.19
C SER B 509 6.90 22.48 1.02
N ALA B 510 7.43 22.65 -0.19
CA ALA B 510 8.84 22.39 -0.42
C ALA B 510 9.72 23.35 0.37
N VAL B 511 9.26 24.59 0.57
CA VAL B 511 10.01 25.55 1.38
C VAL B 511 9.58 25.54 2.85
N SER B 512 8.64 24.67 3.23
CA SER B 512 8.06 24.77 4.57
C SER B 512 8.92 24.11 5.63
N GLY B 513 9.69 23.10 5.28
CA GLY B 513 10.43 22.35 6.29
C GLY B 513 9.58 21.39 7.08
N GLY B 514 8.65 20.70 6.43
CA GLY B 514 7.79 19.75 7.10
C GLY B 514 6.55 20.32 7.76
N ALA B 515 6.38 21.64 7.75
CA ALA B 515 5.25 22.25 8.42
C ALA B 515 3.99 22.29 7.56
N ILE B 516 4.13 22.23 6.23
CA ILE B 516 2.99 22.35 5.32
C ILE B 516 3.00 21.17 4.36
N ALA B 517 1.85 20.52 4.19
CA ALA B 517 1.61 19.53 3.17
C ALA B 517 0.35 19.92 2.42
N CYS B 518 0.08 19.25 1.30
CA CYS B 518 -1.01 19.67 0.42
C CYS B 518 -1.91 18.51 0.03
N THR B 519 -3.20 18.70 0.24
CA THR B 519 -4.25 17.84 -0.30
C THR B 519 -4.99 18.59 -1.38
N GLU B 520 -5.64 17.84 -2.27
CA GLU B 520 -6.31 18.43 -3.43
C GLU B 520 -7.80 18.09 -3.42
N ALA B 521 -8.61 19.08 -3.79
CA ALA B 521 -10.06 18.91 -3.92
C ALA B 521 -10.51 19.63 -5.19
N SER B 522 -11.82 19.68 -5.40
CA SER B 522 -12.38 20.30 -6.60
C SER B 522 -12.98 21.67 -6.35
N CYS B 523 -13.48 21.92 -5.14
CA CYS B 523 -14.11 23.20 -4.80
C CYS B 523 -13.93 23.42 -3.31
N PRO B 524 -14.15 24.64 -2.83
CA PRO B 524 -14.06 24.89 -1.38
C PRO B 524 -14.94 23.98 -0.54
N LYS B 525 -16.12 23.62 -1.04
CA LYS B 525 -16.98 22.69 -0.30
C LYS B 525 -16.31 21.33 -0.16
N GLY B 526 -15.60 20.89 -1.21
CA GLY B 526 -14.82 19.67 -1.10
C GLY B 526 -13.72 19.77 -0.06
N CYS B 527 -13.12 20.96 0.08
CA CYS B 527 -12.11 21.15 1.11
C CYS B 527 -12.73 21.08 2.51
N VAL B 528 -13.92 21.67 2.67
CA VAL B 528 -14.63 21.54 3.94
C VAL B 528 -14.90 20.06 4.23
N LYS B 529 -15.33 19.31 3.22
CA LYS B 529 -15.56 17.88 3.39
C LYS B 529 -14.29 17.16 3.82
N GLN B 530 -13.16 17.47 3.18
CA GLN B 530 -11.90 16.82 3.53
C GLN B 530 -11.49 17.14 4.96
N ILE B 531 -11.69 18.40 5.39
CA ILE B 531 -11.36 18.75 6.77
C ILE B 531 -12.25 18.00 7.74
N LEU B 532 -13.55 17.87 7.42
CA LEU B 532 -14.45 17.12 8.29
C LEU B 532 -14.05 15.65 8.36
N LYS B 533 -13.66 15.06 7.23
CA LYS B 533 -13.29 13.66 7.17
C LYS B 533 -11.93 13.36 7.79
N GLY B 534 -11.20 14.38 8.23
CA GLY B 534 -9.86 14.18 8.77
C GLY B 534 -8.78 13.97 7.73
N GLU B 535 -9.07 14.28 6.47
CA GLU B 535 -8.10 14.10 5.38
C GLU B 535 -7.38 15.39 5.03
N ALA B 536 -7.85 16.53 5.51
CA ALA B 536 -7.16 17.81 5.37
C ALA B 536 -7.23 18.52 6.71
N ASP B 537 -6.57 19.67 6.81
CA ASP B 537 -6.44 20.36 8.09
C ASP B 537 -7.00 21.78 8.09
N ALA B 538 -6.76 22.56 7.04
CA ALA B 538 -7.23 23.94 7.03
C ALA B 538 -7.48 24.38 5.59
N VAL B 539 -8.33 25.40 5.43
CA VAL B 539 -8.60 25.93 4.09
C VAL B 539 -9.09 27.36 4.22
N LYS B 540 -8.79 28.17 3.20
CA LYS B 540 -9.36 29.50 3.09
C LYS B 540 -10.74 29.44 2.48
N LEU B 541 -11.71 30.09 3.10
CA LEU B 541 -13.07 30.16 2.59
C LEU B 541 -13.51 31.61 2.54
N GLU B 542 -14.19 31.97 1.46
CA GLU B 542 -14.88 33.24 1.39
C GLU B 542 -16.14 33.18 2.27
N VAL B 543 -16.85 34.30 2.34
CA VAL B 543 -18.01 34.39 3.23
C VAL B 543 -19.08 33.40 2.81
N GLN B 544 -19.27 33.21 1.51
CA GLN B 544 -20.35 32.35 0.99
C GLN B 544 -20.31 30.97 1.64
N TYR B 545 -19.13 30.37 1.71
CA TYR B 545 -18.99 29.01 2.20
C TYR B 545 -18.88 28.92 3.72
N MET B 546 -18.95 30.04 4.43
CA MET B 546 -18.64 29.97 5.85
C MET B 546 -19.79 29.39 6.66
N TYR B 547 -21.03 29.77 6.33
CA TYR B 547 -22.21 29.29 7.05
C TYR B 547 -22.16 27.78 7.25
N GLU B 548 -22.21 27.05 6.13
CA GLU B 548 -22.09 25.58 6.18
C GLU B 548 -20.87 25.17 7.01
N ALA B 549 -19.73 25.80 6.75
CA ALA B 549 -18.50 25.43 7.46
C ALA B 549 -18.65 25.64 8.96
N LEU B 550 -19.35 26.70 9.36
CA LEU B 550 -19.58 26.92 10.79
C LEU B 550 -20.74 26.07 11.31
N MET B 551 -21.59 25.57 10.42
CA MET B 551 -22.68 24.68 10.83
C MET B 551 -22.16 23.30 11.20
N CYS B 552 -20.97 22.94 10.75
CA CYS B 552 -20.42 21.60 10.92
C CYS B 552 -19.40 21.51 12.04
N GLY B 553 -19.17 22.59 12.78
CA GLY B 553 -18.25 22.60 13.88
C GLY B 553 -16.88 23.15 13.57
N LEU B 554 -16.60 23.46 12.31
CA LEU B 554 -15.32 24.09 11.98
C LEU B 554 -15.30 25.52 12.50
N LEU B 555 -14.12 25.95 12.94
CA LEU B 555 -13.95 27.30 13.46
C LEU B 555 -12.87 28.03 12.67
N PRO B 556 -12.98 29.34 12.53
CA PRO B 556 -11.94 30.09 11.81
C PRO B 556 -10.62 30.10 12.58
N ALA B 557 -9.59 29.45 12.02
CA ALA B 557 -8.27 29.51 12.63
C ALA B 557 -7.71 30.93 12.56
N VAL B 558 -7.64 31.49 11.37
CA VAL B 558 -7.15 32.86 11.18
C VAL B 558 -8.01 33.54 10.11
N GLU B 559 -7.69 34.79 9.80
CA GLU B 559 -8.48 35.58 8.86
C GLU B 559 -7.57 36.46 8.03
N GLU B 560 -8.05 36.80 6.82
CA GLU B 560 -7.31 37.66 5.91
C GLU B 560 -7.48 39.12 6.32
N TYR B 561 -6.36 39.79 6.59
CA TYR B 561 -6.31 41.22 6.87
C TYR B 561 -5.87 41.93 5.60
N HIS B 562 -6.70 42.85 5.12
CA HIS B 562 -6.54 43.49 3.82
C HIS B 562 -6.26 44.99 3.90
N ASN B 563 -6.23 45.58 5.09
CA ASN B 563 -6.02 47.03 5.22
C ASN B 563 -4.61 47.36 4.79
N LYS B 564 -4.46 47.85 3.55
CA LYS B 564 -3.15 48.15 3.01
C LYS B 564 -2.58 49.47 3.50
N ASP B 565 -3.34 50.22 4.31
CA ASP B 565 -2.84 51.47 4.88
C ASP B 565 -2.21 51.29 6.25
N ASP B 566 -2.47 50.17 6.92
CA ASP B 566 -1.97 49.93 8.27
C ASP B 566 -1.41 48.51 8.34
N PHE B 567 -0.08 48.41 8.40
CA PHE B 567 0.59 47.12 8.60
C PHE B 567 0.80 46.81 10.08
N GLY B 568 0.28 47.66 10.97
CA GLY B 568 0.45 47.50 12.40
C GLY B 568 0.07 46.13 12.92
N PRO B 569 -1.18 45.71 12.72
CA PRO B 569 -1.58 44.37 13.15
C PRO B 569 -0.78 43.24 12.52
N CYS B 570 -0.11 43.49 11.40
CA CYS B 570 0.71 42.47 10.76
C CYS B 570 2.15 42.48 11.28
N LYS B 571 2.75 43.66 11.41
CA LYS B 571 4.13 43.77 11.88
C LYS B 571 4.26 43.26 13.30
N THR B 572 3.35 43.68 14.19
CA THR B 572 3.33 43.26 15.58
C THR B 572 2.08 42.43 15.81
N PRO B 573 2.16 41.10 15.71
CA PRO B 573 0.96 40.26 15.88
C PRO B 573 0.35 40.41 17.26
N GLY B 574 -0.89 40.88 17.29
CA GLY B 574 -1.62 41.14 18.51
C GLY B 574 -1.95 42.59 18.74
N SER B 575 -1.29 43.50 18.03
CA SER B 575 -1.60 44.92 18.16
C SER B 575 -3.02 45.19 17.66
N PRO B 576 -3.71 46.18 18.25
CA PRO B 576 -5.12 46.39 17.90
C PRO B 576 -5.31 46.71 16.42
N ALA B 577 -6.42 46.21 15.87
CA ALA B 577 -6.79 46.45 14.48
C ALA B 577 -8.02 47.34 14.43
N THR B 578 -7.92 48.44 13.68
CA THR B 578 -9.02 49.38 13.55
C THR B 578 -9.94 49.04 12.38
N ASP B 579 -9.37 48.77 11.22
CA ASP B 579 -10.12 48.35 10.05
C ASP B 579 -9.42 47.17 9.40
N PHE B 580 -10.18 46.09 9.19
CA PHE B 580 -9.63 44.87 8.61
C PHE B 580 -9.54 44.91 7.09
N GLY B 581 -9.86 46.04 6.47
CA GLY B 581 -10.00 46.08 5.03
C GLY B 581 -11.26 45.42 4.52
N THR B 582 -12.23 45.17 5.39
CA THR B 582 -13.48 44.56 4.98
C THR B 582 -14.24 45.48 4.03
N LEU B 583 -14.84 44.89 2.99
CA LEU B 583 -15.63 45.66 2.05
C LEU B 583 -17.02 45.93 2.62
N ARG B 584 -17.55 47.11 2.32
CA ARG B 584 -18.86 47.53 2.77
C ARG B 584 -19.83 47.52 1.59
N ALA B 585 -20.98 46.88 1.77
CA ALA B 585 -22.02 46.88 0.74
C ALA B 585 -22.80 48.19 0.82
N VAL B 586 -22.77 48.97 -0.26
CA VAL B 586 -23.43 50.27 -0.31
C VAL B 586 -24.38 50.30 -1.50
N ALA B 587 -25.30 51.26 -1.46
CA ALA B 587 -26.27 51.49 -2.52
C ALA B 587 -25.96 52.85 -3.14
N LEU B 588 -25.15 52.83 -4.19
CA LEU B 588 -24.67 54.06 -4.83
C LEU B 588 -25.75 54.64 -5.75
N VAL B 589 -25.94 55.95 -5.67
CA VAL B 589 -26.87 56.67 -6.53
C VAL B 589 -26.19 57.91 -7.06
N LYS B 590 -26.76 58.45 -8.15
CA LYS B 590 -26.35 59.75 -8.65
C LYS B 590 -26.96 60.84 -7.78
N LYS B 591 -26.12 61.79 -7.36
CA LYS B 591 -26.62 62.87 -6.52
C LYS B 591 -27.56 63.80 -7.29
N SER B 592 -27.39 63.89 -8.61
CA SER B 592 -28.32 64.67 -9.42
C SER B 592 -29.73 64.09 -9.31
N ASN B 593 -29.85 62.76 -9.35
CA ASN B 593 -31.12 62.10 -9.09
C ASN B 593 -31.43 62.21 -7.60
N LYS B 594 -32.16 63.26 -7.22
CA LYS B 594 -32.33 63.62 -5.81
C LYS B 594 -33.61 63.08 -5.20
N ASP B 595 -34.29 62.13 -5.84
CA ASP B 595 -35.52 61.59 -5.31
C ASP B 595 -35.41 60.12 -4.91
N ILE B 596 -34.21 59.57 -4.89
CA ILE B 596 -34.00 58.17 -4.53
C ILE B 596 -33.69 58.10 -3.04
N ASN B 597 -34.59 57.49 -2.28
CA ASN B 597 -34.35 57.18 -0.88
C ASN B 597 -34.48 55.68 -0.68
N TRP B 598 -33.95 55.18 0.44
CA TRP B 598 -34.02 53.76 0.74
C TRP B 598 -35.45 53.29 0.95
N ASN B 599 -36.38 54.21 1.23
CA ASN B 599 -37.76 53.82 1.46
C ASN B 599 -38.55 53.67 0.16
N ASN B 600 -38.26 54.50 -0.84
CA ASN B 600 -38.94 54.42 -2.13
C ASN B 600 -38.07 53.74 -3.20
N ILE B 601 -37.17 52.85 -2.78
CA ILE B 601 -36.39 52.06 -3.73
C ILE B 601 -37.30 51.19 -4.58
N LYS B 602 -38.43 50.75 -4.02
CA LYS B 602 -39.35 49.89 -4.74
C LYS B 602 -39.87 50.57 -6.00
N GLY B 603 -39.70 49.89 -7.14
CA GLY B 603 -40.11 50.39 -8.43
C GLY B 603 -38.99 51.03 -9.23
N LYS B 604 -37.87 51.37 -8.58
CA LYS B 604 -36.76 52.01 -9.26
C LYS B 604 -35.98 51.01 -10.11
N LYS B 605 -35.17 51.55 -11.03
CA LYS B 605 -34.28 50.73 -11.83
C LYS B 605 -32.99 50.49 -11.06
N SER B 606 -32.54 49.24 -11.04
CA SER B 606 -31.43 48.83 -10.19
C SER B 606 -30.33 48.16 -10.98
N CYS B 607 -29.12 48.21 -10.41
CA CYS B 607 -27.93 47.61 -10.99
C CYS B 607 -27.29 46.71 -9.95
N HIS B 608 -26.89 45.52 -10.37
CA HIS B 608 -26.26 44.55 -9.49
C HIS B 608 -25.03 43.97 -10.18
N THR B 609 -23.97 43.75 -9.41
CA THR B 609 -22.76 43.16 -9.97
C THR B 609 -23.03 41.77 -10.54
N GLY B 610 -23.97 41.04 -9.94
CA GLY B 610 -24.32 39.71 -10.40
C GLY B 610 -25.06 38.93 -9.34
N VAL B 611 -25.90 37.98 -9.75
CA VAL B 611 -26.64 37.18 -8.78
C VAL B 611 -25.67 36.28 -8.04
N GLY B 612 -25.80 36.25 -6.72
CA GLY B 612 -24.90 35.50 -5.86
C GLY B 612 -23.81 36.34 -5.21
N ASP B 613 -23.46 37.47 -5.80
CA ASP B 613 -22.47 38.35 -5.19
C ASP B 613 -22.98 38.88 -3.87
N ILE B 614 -22.06 39.02 -2.90
CA ILE B 614 -22.45 39.36 -1.54
C ILE B 614 -22.96 40.79 -1.46
N ALA B 615 -22.12 41.75 -1.82
CA ALA B 615 -22.53 43.15 -1.77
C ALA B 615 -23.51 43.47 -2.89
N GLY B 616 -23.43 42.78 -4.02
CA GLY B 616 -24.26 43.11 -5.16
C GLY B 616 -25.62 42.44 -5.17
N TRP B 617 -25.79 41.39 -4.36
CA TRP B 617 -27.03 40.63 -4.42
C TRP B 617 -27.52 40.18 -3.04
N VAL B 618 -26.67 39.49 -2.29
CA VAL B 618 -27.12 38.80 -1.07
C VAL B 618 -27.70 39.80 -0.08
N ILE B 619 -26.89 40.79 0.32
CA ILE B 619 -27.34 41.75 1.34
C ILE B 619 -28.53 42.60 0.88
N PRO B 620 -28.54 43.13 -0.36
CA PRO B 620 -29.72 43.93 -0.77
C PRO B 620 -31.01 43.13 -0.77
N VAL B 621 -31.02 41.95 -1.41
CA VAL B 621 -32.25 41.18 -1.48
C VAL B 621 -32.63 40.66 -0.09
N SER B 622 -31.64 40.41 0.77
CA SER B 622 -31.96 39.97 2.13
C SER B 622 -32.66 41.09 2.91
N LEU B 623 -32.10 42.30 2.86
CA LEU B 623 -32.75 43.43 3.52
C LEU B 623 -34.15 43.68 2.96
N ILE B 624 -34.29 43.58 1.63
CA ILE B 624 -35.59 43.84 1.01
C ILE B 624 -36.61 42.79 1.43
N ARG B 625 -36.21 41.51 1.47
CA ARG B 625 -37.14 40.47 1.88
C ARG B 625 -37.51 40.60 3.35
N ARG B 626 -36.55 40.98 4.19
CA ARG B 626 -36.85 41.11 5.62
C ARG B 626 -37.62 42.39 5.94
N GLN B 627 -37.61 43.39 5.05
CA GLN B 627 -38.38 44.60 5.27
C GLN B 627 -39.80 44.48 4.73
N ASN B 628 -39.95 44.04 3.48
CA ASN B 628 -41.26 43.86 2.87
C ASN B 628 -41.58 42.38 2.76
N ASP B 629 -42.22 41.98 1.66
CA ASP B 629 -42.50 40.57 1.41
C ASP B 629 -41.32 39.93 0.69
N ASN B 630 -41.44 38.64 0.41
CA ASN B 630 -40.38 37.87 -0.24
C ASN B 630 -40.71 37.78 -1.73
N SER B 631 -40.27 38.79 -2.48
CA SER B 631 -40.52 38.84 -3.91
C SER B 631 -39.62 39.86 -4.60
N ASP B 632 -38.36 39.49 -4.81
CA ASP B 632 -37.42 40.36 -5.50
C ASP B 632 -37.48 40.20 -7.02
N ILE B 633 -38.16 39.18 -7.51
CA ILE B 633 -38.25 38.91 -8.95
C ILE B 633 -39.41 39.73 -9.50
N ASP B 634 -39.08 40.88 -10.11
CA ASP B 634 -40.03 41.70 -10.85
C ASP B 634 -41.15 42.27 -9.99
N SER B 635 -41.13 41.98 -8.68
CA SER B 635 -42.18 42.42 -7.78
C SER B 635 -41.74 43.54 -6.86
N PHE B 636 -40.52 44.05 -7.03
CA PHE B 636 -40.03 45.15 -6.21
C PHE B 636 -39.44 46.25 -7.09
N PHE B 637 -38.37 45.92 -7.82
CA PHE B 637 -37.77 46.85 -8.75
C PHE B 637 -38.60 46.94 -10.03
N GLY B 638 -38.28 47.93 -10.85
CA GLY B 638 -38.79 47.99 -12.20
C GLY B 638 -37.92 47.18 -13.13
N GLU B 639 -37.41 47.81 -14.19
CA GLU B 639 -36.41 47.19 -15.02
C GLU B 639 -35.04 47.32 -14.36
N SER B 640 -34.31 46.22 -14.25
CA SER B 640 -33.02 46.21 -13.58
C SER B 640 -32.02 45.45 -14.44
N CYS B 641 -30.78 45.40 -13.96
CA CYS B 641 -29.76 44.55 -14.57
C CYS B 641 -29.02 43.81 -13.45
N ALA B 642 -29.32 42.52 -13.32
CA ALA B 642 -28.61 41.63 -12.40
C ALA B 642 -28.17 40.42 -13.20
N PRO B 643 -26.91 40.39 -13.67
CA PRO B 643 -26.46 39.26 -14.50
C PRO B 643 -26.61 37.93 -13.80
N GLY B 644 -26.88 36.90 -14.60
CA GLY B 644 -27.14 35.58 -14.08
C GLY B 644 -28.59 35.29 -13.75
N SER B 645 -29.46 36.29 -13.82
CA SER B 645 -30.87 36.10 -13.54
C SER B 645 -31.58 35.58 -14.80
N ASP B 646 -32.90 35.49 -14.75
CA ASP B 646 -33.66 35.04 -15.91
C ASP B 646 -33.50 36.03 -17.05
N THR B 647 -33.09 35.52 -18.21
CA THR B 647 -32.95 36.37 -19.40
C THR B 647 -34.27 37.00 -19.81
N LYS B 648 -35.39 36.39 -19.44
CA LYS B 648 -36.71 36.94 -19.75
C LYS B 648 -37.39 37.41 -18.49
N SER B 649 -36.75 38.33 -17.77
CA SER B 649 -37.27 38.85 -16.51
C SER B 649 -37.02 40.35 -16.45
N ASN B 650 -37.69 41.00 -15.50
CA ASN B 650 -37.47 42.43 -15.27
C ASN B 650 -36.05 42.73 -14.82
N LEU B 651 -35.37 41.75 -14.23
CA LEU B 651 -34.00 41.93 -13.74
C LEU B 651 -32.96 41.84 -14.84
N CYS B 652 -33.37 41.64 -16.10
CA CYS B 652 -32.41 41.45 -17.19
C CYS B 652 -32.76 42.30 -18.41
N LYS B 653 -33.40 43.45 -18.21
CA LYS B 653 -33.74 44.29 -19.34
C LYS B 653 -32.76 45.44 -19.55
N LEU B 654 -32.20 45.99 -18.47
CA LEU B 654 -31.24 47.08 -18.62
C LEU B 654 -29.88 46.58 -19.11
N CYS B 655 -29.60 45.29 -18.98
CA CYS B 655 -28.30 44.76 -19.37
C CYS B 655 -28.08 44.90 -20.87
N ILE B 656 -26.81 45.09 -21.24
CA ILE B 656 -26.40 45.23 -22.63
C ILE B 656 -25.22 44.30 -22.89
N GLY B 657 -25.24 43.64 -24.05
CA GLY B 657 -24.13 42.80 -24.45
C GLY B 657 -23.03 43.59 -25.13
N ASP B 658 -21.95 42.87 -25.44
CA ASP B 658 -20.88 43.62 -26.12
C ASP B 658 -21.03 43.51 -27.63
N PRO B 659 -20.82 44.60 -28.36
CA PRO B 659 -20.99 44.56 -29.82
C PRO B 659 -19.91 43.77 -30.54
N LYS B 660 -18.91 43.24 -29.84
CA LYS B 660 -17.89 42.42 -30.50
C LYS B 660 -18.50 41.16 -31.09
N ASN B 661 -19.53 40.62 -30.44
CA ASN B 661 -20.27 39.47 -30.95
C ASN B 661 -21.74 39.63 -30.58
N SER B 662 -22.35 40.72 -31.08
CA SER B 662 -23.74 41.03 -30.77
C SER B 662 -24.72 40.01 -31.33
N ALA B 663 -24.26 39.11 -32.21
CA ALA B 663 -25.12 38.03 -32.69
C ALA B 663 -25.53 37.13 -31.53
N ALA B 664 -24.56 36.72 -30.71
CA ALA B 664 -24.87 36.00 -29.49
C ALA B 664 -25.50 36.93 -28.47
N ASN B 665 -26.35 36.37 -27.60
CA ASN B 665 -27.03 37.18 -26.61
C ASN B 665 -26.05 37.79 -25.63
N THR B 666 -25.34 36.94 -24.87
CA THR B 666 -24.44 37.40 -23.80
C THR B 666 -25.16 38.30 -22.82
N LYS B 667 -26.44 38.04 -22.59
CA LYS B 667 -27.28 38.85 -21.72
C LYS B 667 -27.43 38.15 -20.37
N CYS B 668 -27.14 38.89 -19.29
CA CYS B 668 -27.10 38.33 -17.94
C CYS B 668 -26.20 37.11 -17.87
N SER B 669 -25.14 37.10 -18.67
CA SER B 669 -24.11 36.08 -18.56
C SER B 669 -23.18 36.43 -17.41
N LEU B 670 -23.01 35.49 -16.48
CA LEU B 670 -22.10 35.70 -15.37
C LEU B 670 -20.65 35.68 -15.84
N SER B 671 -20.32 36.56 -16.78
CA SER B 671 -19.00 36.58 -17.40
C SER B 671 -18.75 37.99 -17.93
N ASP B 672 -17.54 38.20 -18.46
CA ASP B 672 -17.18 39.49 -19.04
C ASP B 672 -17.98 39.79 -20.29
N LYS B 673 -18.62 38.78 -20.89
CA LYS B 673 -19.47 39.01 -22.05
C LYS B 673 -20.58 40.00 -21.76
N GLU B 674 -21.07 40.03 -20.52
CA GLU B 674 -22.05 41.01 -20.08
C GLU B 674 -21.33 42.28 -19.66
N ALA B 675 -21.53 43.37 -20.41
CA ALA B 675 -20.87 44.63 -20.10
C ALA B 675 -21.37 45.27 -18.82
N TYR B 676 -22.41 44.72 -18.20
CA TYR B 676 -22.93 45.18 -16.93
C TYR B 676 -22.61 44.23 -15.78
N TYR B 677 -21.77 43.23 -16.01
CA TYR B 677 -21.46 42.25 -14.99
C TYR B 677 -20.27 42.69 -14.15
N GLY B 678 -20.37 42.48 -12.85
CA GLY B 678 -19.28 42.80 -11.94
C GLY B 678 -19.33 44.24 -11.45
N ASN B 679 -18.23 44.62 -10.81
CA ASN B 679 -18.11 45.97 -10.25
C ASN B 679 -18.07 47.02 -11.35
N GLN B 680 -17.09 46.89 -12.26
CA GLN B 680 -17.01 47.79 -13.41
C GLN B 680 -18.24 47.71 -14.30
N GLY B 681 -19.02 46.64 -14.19
CA GLY B 681 -20.24 46.52 -14.95
C GLY B 681 -21.44 47.15 -14.26
N ALA B 682 -21.56 46.94 -12.94
CA ALA B 682 -22.66 47.55 -12.20
C ALA B 682 -22.52 49.07 -12.14
N PHE B 683 -21.27 49.56 -12.00
CA PHE B 683 -21.09 51.00 -12.03
C PHE B 683 -21.42 51.58 -13.40
N ARG B 684 -21.06 50.86 -14.47
CA ARG B 684 -21.43 51.29 -15.82
C ARG B 684 -22.94 51.30 -15.98
N CYS B 685 -23.62 50.31 -15.38
CA CYS B 685 -25.08 50.28 -15.41
C CYS B 685 -25.67 51.51 -14.73
N LEU B 686 -25.15 51.84 -13.54
CA LEU B 686 -25.60 53.06 -12.86
C LEU B 686 -25.29 54.30 -13.69
N VAL B 687 -24.19 54.29 -14.43
CA VAL B 687 -23.83 55.43 -15.25
C VAL B 687 -24.82 55.62 -16.40
N GLU B 688 -25.17 54.53 -17.08
CA GLU B 688 -25.90 54.65 -18.33
C GLU B 688 -27.41 54.73 -18.17
N LYS B 689 -28.00 53.98 -17.23
CA LYS B 689 -29.45 53.93 -17.17
C LYS B 689 -29.98 53.65 -15.77
N GLY B 690 -29.23 52.94 -14.94
CA GLY B 690 -29.71 52.56 -13.63
C GLY B 690 -29.86 53.75 -12.69
N ASP B 691 -30.71 53.55 -11.68
CA ASP B 691 -30.95 54.55 -10.65
C ASP B 691 -30.10 54.33 -9.40
N VAL B 692 -30.04 53.10 -8.92
CA VAL B 692 -29.22 52.73 -7.77
C VAL B 692 -28.45 51.46 -8.10
N ALA B 693 -27.21 51.37 -7.66
CA ALA B 693 -26.36 50.22 -7.88
C ALA B 693 -25.91 49.66 -6.54
N PHE B 694 -26.15 48.37 -6.33
CA PHE B 694 -25.77 47.70 -5.09
C PHE B 694 -24.37 47.12 -5.26
N VAL B 695 -23.38 47.72 -4.60
CA VAL B 695 -21.98 47.56 -4.99
C VAL B 695 -21.11 47.70 -3.74
N PRO B 696 -19.95 47.03 -3.67
CA PRO B 696 -19.01 47.33 -2.58
C PRO B 696 -18.58 48.79 -2.59
N HIS B 697 -18.08 49.26 -1.45
CA HIS B 697 -17.82 50.69 -1.27
C HIS B 697 -16.67 51.19 -2.14
N THR B 698 -15.79 50.31 -2.62
CA THR B 698 -14.59 50.76 -3.31
C THR B 698 -14.86 51.21 -4.74
N VAL B 699 -15.87 50.63 -5.39
CA VAL B 699 -15.97 50.74 -6.84
C VAL B 699 -16.34 52.15 -7.29
N VAL B 700 -17.02 52.93 -6.45
CA VAL B 700 -17.28 54.32 -6.80
C VAL B 700 -15.97 55.10 -6.89
N PHE B 701 -15.06 54.85 -5.96
CA PHE B 701 -13.76 55.51 -6.00
C PHE B 701 -12.83 54.88 -7.03
N GLU B 702 -13.05 53.61 -7.37
CA GLU B 702 -12.20 52.95 -8.35
C GLU B 702 -12.39 53.52 -9.75
N ASN B 703 -13.58 54.04 -10.05
CA ASN B 703 -13.92 54.44 -11.41
C ASN B 703 -13.98 55.94 -11.63
N THR B 704 -14.37 56.72 -10.61
CA THR B 704 -14.47 58.15 -10.76
C THR B 704 -13.09 58.80 -10.66
N ASP B 705 -13.06 60.13 -10.77
CA ASP B 705 -11.83 60.91 -10.66
C ASP B 705 -10.79 60.48 -11.69
N GLY B 706 -11.26 60.10 -12.87
CA GLY B 706 -10.38 59.81 -13.99
C GLY B 706 -9.49 58.60 -13.81
N LYS B 707 -9.78 57.79 -12.78
CA LYS B 707 -8.99 56.60 -12.51
C LYS B 707 -9.30 55.46 -13.47
N ASN B 708 -10.29 55.61 -14.33
CA ASN B 708 -10.61 54.62 -15.36
C ASN B 708 -10.26 55.19 -16.73
N PRO B 709 -9.46 54.50 -17.54
CA PRO B 709 -9.13 55.01 -18.87
C PRO B 709 -10.17 54.71 -19.93
N ALA B 710 -11.31 54.11 -19.56
CA ALA B 710 -12.36 53.82 -20.52
C ALA B 710 -13.01 55.10 -21.01
N VAL B 711 -13.86 54.96 -22.04
CA VAL B 711 -14.56 56.12 -22.58
C VAL B 711 -15.53 56.69 -21.56
N TRP B 712 -16.14 55.84 -20.74
CA TRP B 712 -16.97 56.28 -19.64
C TRP B 712 -16.13 56.41 -18.37
N ALA B 713 -16.69 57.10 -17.38
CA ALA B 713 -16.03 57.38 -16.10
C ALA B 713 -14.72 58.15 -16.28
N LYS B 714 -14.51 58.77 -17.45
CA LYS B 714 -13.31 59.56 -17.67
C LYS B 714 -13.47 60.96 -17.11
N ASN B 715 -14.66 61.53 -17.21
CA ASN B 715 -14.97 62.84 -16.64
C ASN B 715 -15.95 62.75 -15.48
N LEU B 716 -16.01 61.60 -14.82
CA LEU B 716 -16.92 61.37 -13.70
C LEU B 716 -16.19 61.54 -12.39
N LYS B 717 -16.86 62.18 -11.42
CA LYS B 717 -16.26 62.57 -10.17
C LYS B 717 -16.89 61.79 -9.01
N SER B 718 -16.09 61.57 -7.96
CA SER B 718 -16.61 60.90 -6.77
C SER B 718 -17.65 61.74 -6.06
N GLU B 719 -17.50 63.07 -6.10
CA GLU B 719 -18.50 63.96 -5.51
C GLU B 719 -19.82 63.93 -6.28
N ASP B 720 -19.80 63.49 -7.54
CA ASP B 720 -21.03 63.42 -8.33
C ASP B 720 -21.95 62.29 -7.89
N PHE B 721 -21.46 61.36 -7.07
CA PHE B 721 -22.22 60.20 -6.65
C PHE B 721 -22.52 60.28 -5.15
N GLU B 722 -23.18 59.23 -4.65
CA GLU B 722 -23.80 59.28 -3.34
C GLU B 722 -24.35 57.90 -3.03
N LEU B 723 -24.32 57.55 -1.73
CA LEU B 723 -24.77 56.26 -1.26
C LEU B 723 -25.95 56.43 -0.30
N LEU B 724 -26.91 55.52 -0.38
CA LEU B 724 -28.13 55.58 0.42
C LEU B 724 -27.92 54.93 1.78
N CYS B 725 -28.54 55.50 2.80
CA CYS B 725 -28.45 55.00 4.17
C CYS B 725 -29.73 54.27 4.56
N LEU B 726 -29.63 53.51 5.66
CA LEU B 726 -30.75 52.67 6.07
C LEU B 726 -31.89 53.48 6.67
N ASP B 727 -31.58 54.60 7.32
CA ASP B 727 -32.61 55.48 7.89
C ASP B 727 -33.19 56.44 6.85
N GLY B 728 -33.16 56.08 5.56
CA GLY B 728 -33.64 56.98 4.53
C GLY B 728 -32.77 58.18 4.28
N SER B 729 -31.66 58.34 4.99
CA SER B 729 -30.80 59.50 4.86
C SER B 729 -29.91 59.36 3.63
N ARG B 730 -29.07 60.37 3.42
CA ARG B 730 -28.11 60.38 2.33
C ARG B 730 -26.79 60.94 2.83
N ALA B 731 -25.68 60.38 2.35
CA ALA B 731 -24.36 60.71 2.85
C ALA B 731 -23.34 60.64 1.73
N PRO B 732 -22.23 61.36 1.83
CA PRO B 732 -21.21 61.31 0.77
C PRO B 732 -20.64 59.91 0.62
N VAL B 733 -20.00 59.68 -0.53
CA VAL B 733 -19.44 58.38 -0.86
C VAL B 733 -18.36 57.96 0.13
N SER B 734 -17.71 58.92 0.79
CA SER B 734 -16.67 58.61 1.76
C SER B 734 -17.22 58.14 3.10
N ASN B 735 -18.52 58.26 3.33
CA ASN B 735 -19.14 57.89 4.60
C ASN B 735 -19.66 56.44 4.60
N TYR B 736 -18.93 55.52 3.97
CA TYR B 736 -19.40 54.14 3.93
C TYR B 736 -19.16 53.39 5.24
N LYS B 737 -18.39 53.97 6.18
CA LYS B 737 -18.28 53.37 7.50
C LYS B 737 -19.59 53.53 8.27
N SER B 738 -20.22 54.70 8.18
CA SER B 738 -21.46 54.99 8.91
C SER B 738 -22.69 54.66 8.09
N CYS B 739 -22.73 55.13 6.84
CA CYS B 739 -23.90 54.95 5.96
C CYS B 739 -23.61 53.77 5.04
N LYS B 740 -24.01 52.58 5.48
CA LYS B 740 -23.78 51.36 4.71
C LYS B 740 -24.93 50.41 4.94
N LEU B 741 -25.15 49.51 3.97
CA LEU B 741 -26.17 48.50 4.13
C LEU B 741 -25.74 47.45 5.15
N SER B 742 -24.51 46.97 5.04
CA SER B 742 -23.95 46.01 5.98
C SER B 742 -22.47 45.82 5.68
N GLY B 743 -21.71 45.49 6.73
CA GLY B 743 -20.34 45.09 6.53
C GLY B 743 -20.24 43.63 6.11
N ILE B 744 -19.09 43.28 5.55
CA ILE B 744 -18.84 41.94 5.02
C ILE B 744 -17.63 41.38 5.75
N PRO B 745 -17.73 40.19 6.36
CA PRO B 745 -16.59 39.63 7.09
C PRO B 745 -15.45 39.28 6.16
N PRO B 746 -14.22 39.22 6.67
CA PRO B 746 -13.08 38.86 5.82
C PRO B 746 -13.07 37.37 5.53
N PRO B 747 -12.35 36.94 4.50
CA PRO B 747 -12.17 35.50 4.27
C PRO B 747 -11.45 34.87 5.45
N ALA B 748 -11.81 33.62 5.74
CA ALA B 748 -11.34 32.96 6.96
C ALA B 748 -10.64 31.66 6.62
N ILE B 749 -9.46 31.45 7.21
CA ILE B 749 -8.80 30.15 7.22
C ILE B 749 -9.40 29.35 8.36
N VAL B 750 -10.12 28.28 8.01
CA VAL B 750 -10.85 27.47 8.97
C VAL B 750 -10.19 26.10 9.08
N THR B 751 -10.41 25.47 10.24
CA THR B 751 -9.88 24.17 10.59
C THR B 751 -10.79 23.56 11.64
N ARG B 752 -10.46 22.34 12.06
CA ARG B 752 -11.17 21.73 13.17
C ARG B 752 -10.76 22.40 14.48
N GLU B 753 -11.59 22.21 15.51
CA GLU B 753 -11.31 22.85 16.79
C GLU B 753 -10.02 22.34 17.41
N GLU B 754 -9.88 21.02 17.51
CA GLU B 754 -8.69 20.43 18.13
C GLU B 754 -7.40 20.84 17.43
N SER B 755 -7.48 21.40 16.23
CA SER B 755 -6.31 21.82 15.48
C SER B 755 -6.05 23.32 15.54
N ILE B 756 -6.99 24.11 16.06
CA ILE B 756 -6.94 25.57 16.05
C ILE B 756 -5.54 26.06 16.42
N SER B 757 -5.13 25.80 17.66
CA SER B 757 -3.81 26.23 18.12
C SER B 757 -2.72 25.83 17.14
N ASP B 758 -2.68 24.53 16.79
CA ASP B 758 -1.62 24.03 15.93
C ASP B 758 -1.59 24.74 14.59
N VAL B 759 -2.74 25.19 14.10
CA VAL B 759 -2.75 25.99 12.88
C VAL B 759 -2.22 27.38 13.17
N VAL B 760 -2.78 28.04 14.19
CA VAL B 760 -2.41 29.41 14.51
C VAL B 760 -0.90 29.51 14.77
N ARG B 761 -0.34 28.52 15.45
CA ARG B 761 1.10 28.54 15.72
C ARG B 761 1.91 28.39 14.44
N ILE B 762 1.45 27.54 13.51
CA ILE B 762 2.28 27.21 12.36
C ILE B 762 2.23 28.32 11.32
N VAL B 763 1.01 28.71 10.90
CA VAL B 763 0.88 29.73 9.86
C VAL B 763 1.64 30.99 10.25
N ALA B 764 1.54 31.40 11.52
CA ALA B 764 2.28 32.54 12.02
C ALA B 764 3.77 32.40 11.67
N ASN B 765 4.37 31.28 12.08
CA ASN B 765 5.75 30.99 11.72
C ASN B 765 5.95 31.15 10.21
N GLN B 766 5.09 30.50 9.43
CA GLN B 766 5.22 30.59 7.98
C GLN B 766 5.13 32.04 7.52
N GLN B 767 4.21 32.81 8.09
CA GLN B 767 4.15 34.24 7.79
C GLN B 767 5.49 34.89 8.08
N SER B 768 6.02 34.67 9.29
CA SER B 768 7.31 35.24 9.66
C SER B 768 8.41 34.88 8.67
N LEU B 769 8.22 33.81 7.90
CA LEU B 769 9.19 33.43 6.89
C LEU B 769 8.85 33.97 5.51
N TYR B 770 7.56 34.01 5.14
CA TYR B 770 7.20 34.23 3.74
C TYR B 770 6.05 35.22 3.59
N GLY B 771 5.78 36.03 4.60
CA GLY B 771 4.81 37.09 4.49
C GLY B 771 5.34 38.22 3.63
N ARG B 772 4.66 39.37 3.73
CA ARG B 772 5.08 40.57 3.03
C ARG B 772 6.34 41.20 3.62
N LYS B 773 6.66 40.86 4.86
CA LYS B 773 7.90 41.28 5.51
C LYS B 773 8.59 40.09 6.16
N GLY B 774 8.50 38.92 5.52
CA GLY B 774 9.11 37.73 6.06
C GLY B 774 10.62 37.70 5.88
N PHE B 775 11.26 36.86 6.70
CA PHE B 775 12.72 36.78 6.67
C PHE B 775 13.23 36.14 5.38
N GLU B 776 12.43 35.26 4.77
CA GLU B 776 12.86 34.59 3.55
C GLU B 776 11.87 34.84 2.41
N LYS B 777 11.50 36.11 2.23
CA LYS B 777 10.56 36.46 1.17
C LYS B 777 11.14 36.19 -0.21
N ASP B 778 12.46 36.29 -0.36
CA ASP B 778 13.10 36.02 -1.64
C ASP B 778 12.95 34.58 -2.08
N MET B 779 12.75 33.65 -1.15
CA MET B 779 12.58 32.24 -1.50
C MET B 779 11.13 31.93 -1.89
N PHE B 780 10.17 32.38 -1.07
CA PHE B 780 8.77 32.12 -1.36
C PHE B 780 7.92 33.23 -0.75
N GLN B 781 6.78 33.49 -1.38
CA GLN B 781 5.83 34.51 -0.93
C GLN B 781 4.47 33.86 -0.74
N LEU B 782 3.82 34.17 0.37
CA LEU B 782 2.51 33.57 0.66
C LEU B 782 1.41 34.17 -0.20
N PHE B 783 1.47 35.48 -0.47
CA PHE B 783 0.36 36.20 -1.07
C PHE B 783 0.64 36.60 -2.52
N SER B 784 1.46 35.82 -3.22
CA SER B 784 1.70 36.02 -4.63
C SER B 784 2.36 34.76 -5.18
N SER B 785 2.26 34.59 -6.50
CA SER B 785 2.84 33.42 -7.14
C SER B 785 2.92 33.65 -8.64
N ASN B 786 3.91 33.01 -9.27
CA ASN B 786 3.99 32.98 -10.72
C ASN B 786 3.05 31.96 -11.33
N LYS B 787 2.60 30.98 -10.54
CA LYS B 787 1.67 29.98 -11.04
C LYS B 787 0.27 30.56 -11.29
N GLY B 788 -0.04 31.72 -10.72
CA GLY B 788 -1.34 32.31 -10.89
C GLY B 788 -1.60 33.33 -9.81
N ASN B 789 -2.81 33.90 -9.86
CA ASN B 789 -3.22 34.96 -8.95
C ASN B 789 -4.33 34.46 -8.03
N ASN B 790 -4.32 34.98 -6.80
CA ASN B 790 -5.34 34.68 -5.79
C ASN B 790 -5.39 33.18 -5.49
N LEU B 791 -4.24 32.53 -5.50
CA LEU B 791 -4.14 31.11 -5.18
C LEU B 791 -3.93 30.95 -3.68
N LEU B 792 -4.71 30.04 -3.08
CA LEU B 792 -4.67 29.77 -1.64
C LEU B 792 -5.14 30.97 -0.83
N PHE B 793 -4.57 32.14 -1.09
CA PHE B 793 -5.02 33.39 -0.48
C PHE B 793 -5.22 34.43 -1.58
N ASN B 794 -6.05 35.43 -1.28
CA ASN B 794 -6.19 36.57 -2.18
C ASN B 794 -4.87 37.32 -2.27
N ASP B 795 -4.52 37.76 -3.47
CA ASP B 795 -3.23 38.42 -3.67
C ASP B 795 -3.16 39.79 -3.02
N ASN B 796 -4.31 40.40 -2.71
CA ASN B 796 -4.33 41.68 -2.02
C ASN B 796 -4.35 41.54 -0.51
N THR B 797 -4.15 40.33 0.00
CA THR B 797 -4.14 40.11 1.44
C THR B 797 -2.90 40.74 2.06
N GLN B 798 -3.09 41.56 3.09
CA GLN B 798 -1.95 42.15 3.79
C GLN B 798 -1.29 41.12 4.71
N CYS B 799 -2.08 40.39 5.49
CA CYS B 799 -1.51 39.31 6.29
C CYS B 799 -2.64 38.41 6.80
N LEU B 800 -2.30 37.48 7.69
CA LEU B 800 -3.25 36.60 8.34
C LEU B 800 -3.21 36.87 9.84
N ILE B 801 -4.38 37.08 10.43
CA ILE B 801 -4.51 37.48 11.82
C ILE B 801 -5.28 36.41 12.58
N THR B 802 -4.81 36.07 13.77
CA THR B 802 -5.47 35.08 14.62
C THR B 802 -6.87 35.55 15.00
N PHE B 803 -7.85 34.67 14.84
CA PHE B 803 -9.23 34.98 15.18
C PHE B 803 -9.37 35.09 16.70
N ASP B 804 -9.68 36.28 17.18
CA ASP B 804 -9.88 36.51 18.62
C ASP B 804 -11.27 36.00 18.98
N ARG B 805 -11.33 34.79 19.52
CA ARG B 805 -12.60 34.16 19.86
C ARG B 805 -13.24 34.89 21.03
N GLN B 806 -14.38 35.55 20.77
CA GLN B 806 -15.10 36.25 21.82
C GLN B 806 -16.20 35.35 22.39
N PRO B 807 -16.53 35.50 23.68
CA PRO B 807 -17.62 34.71 24.26
C PRO B 807 -18.95 35.02 23.60
N LYS B 808 -19.23 34.34 22.48
CA LYS B 808 -20.43 34.58 21.70
C LYS B 808 -20.71 33.32 20.87
N ASP B 809 -21.89 33.29 20.27
CA ASP B 809 -22.15 32.29 19.24
C ASP B 809 -21.19 32.50 18.08
N ILE B 810 -20.57 31.41 17.63
CA ILE B 810 -19.54 31.53 16.61
C ILE B 810 -20.09 32.16 15.33
N MET B 811 -21.37 31.94 15.05
CA MET B 811 -22.01 32.62 13.92
C MET B 811 -21.95 34.13 14.09
N GLU B 812 -22.37 34.62 15.26
CA GLU B 812 -22.31 36.05 15.53
C GLU B 812 -20.88 36.53 15.70
N ASP B 813 -19.99 35.68 16.20
CA ASP B 813 -18.61 36.10 16.43
C ASP B 813 -17.80 36.15 15.15
N TYR B 814 -18.21 35.47 14.08
CA TYR B 814 -17.53 35.58 12.80
C TYR B 814 -18.24 36.52 11.84
N PHE B 815 -19.57 36.38 11.69
CA PHE B 815 -20.29 37.23 10.76
C PHE B 815 -20.55 38.62 11.30
N GLY B 816 -20.54 38.79 12.62
CA GLY B 816 -21.03 40.01 13.22
C GLY B 816 -22.54 39.96 13.32
N LYS B 817 -23.11 40.54 14.37
CA LYS B 817 -24.55 40.50 14.53
C LYS B 817 -25.31 41.12 13.35
N PRO B 818 -24.90 42.27 12.78
CA PRO B 818 -25.65 42.78 11.61
C PRO B 818 -25.75 41.81 10.46
N TYR B 819 -24.61 41.30 9.97
CA TYR B 819 -24.64 40.39 8.82
C TYR B 819 -25.40 39.12 9.15
N TYR B 820 -25.18 38.55 10.33
CA TYR B 820 -25.88 37.35 10.75
C TYR B 820 -27.39 37.56 10.72
N THR B 821 -27.87 38.56 11.45
CA THR B 821 -29.31 38.79 11.52
C THR B 821 -29.89 39.20 10.17
N THR B 822 -29.09 39.81 9.30
CA THR B 822 -29.59 40.27 8.02
C THR B 822 -29.75 39.13 7.03
N VAL B 823 -28.69 38.36 6.79
CA VAL B 823 -28.77 37.36 5.72
C VAL B 823 -29.16 35.97 6.21
N TYR B 824 -28.99 35.66 7.50
CA TYR B 824 -29.37 34.36 8.04
C TYR B 824 -30.40 34.48 9.15
N GLY B 825 -30.88 35.69 9.43
CA GLY B 825 -31.92 35.88 10.43
C GLY B 825 -31.53 35.46 11.83
N ALA B 826 -30.23 35.48 12.15
CA ALA B 826 -29.72 35.03 13.44
C ALA B 826 -30.19 33.61 13.76
N SER B 827 -30.36 32.80 12.72
CA SER B 827 -30.92 31.46 12.85
C SER B 827 -29.96 30.44 12.27
N ARG B 828 -30.03 29.22 12.80
CA ARG B 828 -29.24 28.09 12.32
C ARG B 828 -30.00 27.24 11.31
N SER B 829 -31.10 27.75 10.75
CA SER B 829 -31.94 26.98 9.84
C SER B 829 -32.23 27.74 8.56
N ALA B 830 -31.42 28.75 8.23
CA ALA B 830 -31.67 29.56 7.04
C ALA B 830 -31.17 28.91 5.76
N MET B 831 -30.40 27.83 5.85
CA MET B 831 -29.81 27.19 4.68
C MET B 831 -29.86 25.68 4.84
N SER B 832 -30.00 24.98 3.71
CA SER B 832 -30.05 23.53 3.69
C SER B 832 -29.19 23.01 2.55
N SER B 833 -28.42 21.96 2.81
CA SER B 833 -27.59 21.33 1.80
C SER B 833 -27.24 19.92 2.26
N GLU B 834 -26.60 19.18 1.35
CA GLU B 834 -26.17 17.83 1.68
C GLU B 834 -25.17 17.83 2.83
N LEU B 835 -24.26 18.81 2.84
CA LEU B 835 -23.28 18.91 3.92
C LEU B 835 -23.95 19.23 5.25
N ILE B 836 -24.91 20.15 5.25
CA ILE B 836 -25.58 20.53 6.48
C ILE B 836 -26.36 19.35 7.06
N SER B 837 -26.96 18.54 6.19
CA SER B 837 -27.63 17.34 6.66
C SER B 837 -26.64 16.30 7.15
N ALA B 838 -25.48 16.19 6.50
CA ALA B 838 -24.45 15.27 6.96
C ALA B 838 -23.90 15.68 8.32
N CYS B 839 -23.96 16.97 8.63
CA CYS B 839 -23.51 17.48 9.92
C CYS B 839 -24.64 17.56 10.94
N THR B 840 -25.87 17.24 10.55
CA THR B 840 -27.01 17.26 11.46
C THR B 840 -27.09 15.92 12.19
N ILE B 841 -27.30 15.97 13.50
CA ILE B 841 -27.38 14.78 14.33
C ILE B 841 -28.83 14.37 14.41
N LYS B 842 -29.17 13.23 13.80
CA LYS B 842 -30.51 12.67 13.87
C LYS B 842 -30.61 11.77 15.09
N HIS B 843 -31.74 11.88 15.81
CA HIS B 843 -31.94 11.11 17.03
C HIS B 843 -33.42 10.80 17.18
N CYS B 844 -33.75 10.07 18.25
CA CYS B 844 -35.11 9.63 18.52
C CYS B 844 -35.26 9.25 19.99
N SER B 845 -34.88 10.16 20.88
CA SER B 845 -34.91 9.90 22.32
C SER B 845 -36.34 10.09 22.82
N ASN B 846 -37.13 9.03 22.71
CA ASN B 846 -38.54 9.06 23.11
C ASN B 846 -38.92 7.72 23.70
N SER B 847 -40.14 7.64 24.20
CA SER B 847 -40.68 6.40 24.78
C SER B 847 -42.20 6.38 24.67
N LEU B 848 -42.88 7.02 25.61
CA LEU B 848 -44.33 7.17 25.57
C LEU B 848 -44.69 8.52 24.96
N GLU B 849 -45.61 8.52 24.00
CA GLU B 849 -45.95 9.71 23.25
C GLU B 849 -47.04 10.53 23.94
N VAL B 850 -46.87 10.81 25.23
CA VAL B 850 -47.82 11.61 25.97
C VAL B 850 -47.67 13.07 25.59
N LEU B 851 -48.79 13.72 25.28
CA LEU B 851 -48.79 15.14 24.94
C LEU B 851 -50.06 15.82 25.43
C10 9SL C . 26.42 -17.77 -32.79
C20 9SL C . 27.50 -17.47 -30.69
O01 9SL C . 29.19 -13.49 -35.02
C02 9SL C . 28.28 -14.17 -35.36
O03 9SL C . 27.27 -14.47 -34.44
C04 9SL C . 26.07 -14.91 -35.00
C05 9SL C . 25.29 -15.61 -33.90
N06 9SL C . 25.67 -14.89 -32.71
C07 9SL C . 26.37 -15.44 -31.67
N08 9SL C . 26.73 -14.59 -30.54
N09 9SL C . 26.73 -16.80 -31.71
N11 9SL C . 25.55 -18.73 -32.28
C12 9SL C . 24.38 -18.79 -33.12
N13 9SL C . 24.47 -17.83 -34.23
C14 9SL C . 25.72 -17.14 -34.05
N15 9SL C . 23.26 -19.67 -32.90
C16 9SL C . 27.76 -18.46 -32.97
O17 9SL C . 27.55 -19.78 -33.36
O18 9SL C . 28.57 -17.78 -33.90
C19 9SL C . 28.35 -18.41 -31.53
N21 9SL C . 28.21 -14.68 -36.71
C10 9SL D . -14.84 40.00 14.50
C20 9SL D . -16.80 39.32 13.32
O01 9SL D . -12.85 44.66 12.09
C02 9SL D . -12.57 43.89 12.95
O03 9SL D . -13.03 42.57 12.87
C04 9SL D . -12.02 41.61 12.69
C05 9SL D . -12.60 40.25 13.07
N06 9SL D . -13.36 39.80 11.93
C07 9SL D . -14.70 39.51 11.98
N08 9SL D . -15.40 39.10 10.78
N09 9SL D . -15.38 39.58 13.18
N11 9SL D . -14.88 38.96 15.42
C12 9SL D . -13.57 38.79 15.98
N13 9SL D . -12.60 39.73 15.42
C14 9SL D . -13.35 40.50 14.45
N15 9SL D . -13.26 37.81 17.00
C16 9SL D . -15.91 41.00 14.91
O17 9SL D . -15.63 42.28 14.43
O18 9SL D . -16.05 41.02 16.31
C19 9SL D . -17.20 40.44 14.28
N21 9SL D . -11.77 44.32 14.08
#